data_4LLR
#
_entry.id   4LLR
#
_cell.length_a   125.555
_cell.length_b   87.018
_cell.length_c   127.144
_cell.angle_alpha   90.00
_cell.angle_beta   102.77
_cell.angle_gamma   90.00
#
_symmetry.space_group_name_H-M   'P 1 21 1'
#
loop_
_entity.id
_entity.type
_entity.pdbx_description
1 polymer 'Tryparedoxin peroxidase'
2 water water
#
_entity_poly.entity_id   1
_entity_poly.type   'polypeptide(L)'
_entity_poly.pdbx_seq_one_letter_code
;MSCGDAKLNHPAPDFNETALMPNGTFKKVALTSYKGKWLVLFFYPMDFTFVCPTEICQFSDRVKEFSDIGCEVLACSMDS
EYSHLAWTSIERKRGGLGQMNIPILADKTKCIMKSYGVLKEEDGVAYRGLFIIDPKQNLRQITVNDLPVGRDVDEALRLV
KAFQFVEKHGEVCPANWKPGDKTMKPDPEKSKEYFGA
;
_entity_poly.pdbx_strand_id   A,B,C,D,E,F,G,H,I,J
#
# COMPACT_ATOMS: atom_id res chain seq x y z
N GLY A 4 23.26 6.10 -12.19
CA GLY A 4 22.74 7.26 -13.02
C GLY A 4 22.05 6.86 -14.32
N ASP A 5 21.79 7.83 -15.20
CA ASP A 5 20.98 7.58 -16.42
C ASP A 5 21.68 7.92 -17.76
N ALA A 6 23.00 7.77 -17.85
CA ALA A 6 23.69 7.90 -19.11
C ALA A 6 23.62 6.57 -19.83
N LYS A 7 22.98 6.51 -20.98
CA LYS A 7 22.85 5.28 -21.78
C LYS A 7 23.35 5.61 -23.19
N LEU A 8 24.02 4.65 -23.83
CA LEU A 8 24.43 4.84 -25.22
C LEU A 8 23.23 4.98 -26.11
N ASN A 9 23.39 5.86 -27.09
CA ASN A 9 22.37 6.24 -28.03
C ASN A 9 21.12 6.84 -27.44
N HIS A 10 21.19 7.33 -26.22
CA HIS A 10 20.15 8.18 -25.67
C HIS A 10 20.74 9.57 -25.49
N PRO A 11 19.88 10.59 -25.42
CA PRO A 11 20.38 11.91 -25.09
C PRO A 11 21.28 11.90 -23.85
N ALA A 12 22.43 12.52 -23.96
CA ALA A 12 23.31 12.68 -22.82
C ALA A 12 22.60 13.45 -21.73
N PRO A 13 22.75 13.06 -20.45
CA PRO A 13 22.12 13.83 -19.37
C PRO A 13 22.52 15.28 -19.41
N ASP A 14 21.48 16.11 -19.39
CA ASP A 14 21.61 17.56 -19.59
C ASP A 14 22.24 18.16 -18.33
N PHE A 15 22.93 19.27 -18.49
CA PHE A 15 23.50 19.97 -17.37
C PHE A 15 23.61 21.45 -17.71
N ASN A 16 23.66 22.27 -16.67
CA ASN A 16 23.86 23.69 -16.81
C ASN A 16 24.46 24.21 -15.51
N GLU A 17 25.75 24.44 -15.50
CA GLU A 17 26.46 24.61 -14.25
C GLU A 17 27.59 25.59 -14.41
N THR A 18 27.93 26.21 -13.30
CA THR A 18 29.02 27.12 -13.25
C THR A 18 30.32 26.44 -13.62
N ALA A 19 31.15 27.12 -14.42
CA ALA A 19 32.44 26.63 -14.87
C ALA A 19 33.48 27.72 -14.78
N LEU A 20 34.75 27.33 -14.64
CA LEU A 20 35.84 28.24 -14.83
C LEU A 20 36.20 28.25 -16.31
N MET A 21 36.12 29.41 -16.93
CA MET A 21 36.40 29.50 -18.36
C MET A 21 37.90 29.74 -18.58
N PRO A 22 38.40 29.50 -19.80
CA PRO A 22 39.83 29.75 -20.10
C PRO A 22 40.34 31.15 -19.75
N ASN A 23 39.51 32.17 -19.98
CA ASN A 23 39.87 33.56 -19.65
C ASN A 23 39.82 33.91 -18.16
N GLY A 24 39.66 32.92 -17.28
CA GLY A 24 39.64 33.17 -15.83
C GLY A 24 38.31 33.59 -15.22
N THR A 25 37.26 33.72 -16.04
CA THR A 25 35.93 34.10 -15.53
C THR A 25 35.08 32.89 -15.16
N PHE A 26 33.96 33.17 -14.49
CA PHE A 26 32.97 32.16 -14.13
C PHE A 26 31.73 32.35 -14.98
N LYS A 27 31.26 31.30 -15.59
CA LYS A 27 30.14 31.38 -16.46
C LYS A 27 29.41 30.00 -16.43
N LYS A 28 28.10 30.03 -16.58
CA LYS A 28 27.31 28.84 -16.77
C LYS A 28 27.61 28.25 -18.11
N VAL A 29 27.84 26.94 -18.12
CA VAL A 29 28.04 26.19 -19.32
C VAL A 29 26.93 25.16 -19.36
N ALA A 30 26.22 25.12 -20.48
CA ALA A 30 25.06 24.25 -20.65
C ALA A 30 25.35 23.26 -21.75
N LEU A 31 24.94 22.02 -21.57
CA LEU A 31 25.16 21.01 -22.59
C LEU A 31 24.59 21.44 -23.94
N THR A 32 23.41 22.06 -23.95
CA THR A 32 22.83 22.49 -25.22
C THR A 32 23.71 23.51 -26.02
N SER A 33 24.66 24.19 -25.39
CA SER A 33 25.60 25.05 -26.10
C SER A 33 26.44 24.31 -27.08
N TYR A 34 26.54 22.98 -26.95
CA TYR A 34 27.44 22.21 -27.79
C TYR A 34 26.71 21.53 -28.89
N LYS A 35 25.40 21.75 -28.96
CA LYS A 35 24.59 21.22 -30.06
C LYS A 35 25.24 21.55 -31.40
N GLY A 36 25.30 20.58 -32.31
CA GLY A 36 26.02 20.76 -33.56
C GLY A 36 27.51 20.40 -33.53
N LYS A 37 28.08 20.23 -32.34
CA LYS A 37 29.48 19.79 -32.20
C LYS A 37 29.58 18.41 -31.55
N TRP A 38 30.74 17.76 -31.74
CA TRP A 38 31.12 16.67 -30.92
C TRP A 38 31.62 17.23 -29.58
N LEU A 39 31.42 16.50 -28.48
CA LEU A 39 31.94 16.89 -27.18
C LEU A 39 32.59 15.73 -26.45
N VAL A 40 33.80 15.97 -25.93
CA VAL A 40 34.42 15.04 -25.03
C VAL A 40 34.27 15.65 -23.66
N LEU A 41 33.44 15.02 -22.85
CA LEU A 41 33.21 15.45 -21.48
C LEU A 41 33.99 14.53 -20.58
N PHE A 42 34.88 15.06 -19.75
CA PHE A 42 35.64 14.18 -18.86
C PHE A 42 35.70 14.65 -17.41
N PHE A 43 35.59 13.68 -16.51
CA PHE A 43 35.52 13.93 -15.08
C PHE A 43 36.82 13.58 -14.43
N TYR A 44 37.16 14.28 -13.36
CA TYR A 44 38.29 13.87 -12.54
C TYR A 44 37.91 14.04 -11.08
N PRO A 45 38.59 13.32 -10.16
CA PRO A 45 38.22 13.29 -8.75
C PRO A 45 38.40 14.59 -7.99
N MET A 46 39.61 15.16 -8.01
CA MET A 46 39.91 16.26 -7.08
C MET A 46 40.94 17.23 -7.61
N ASP A 47 40.67 18.52 -7.45
CA ASP A 47 41.70 19.52 -7.65
C ASP A 47 42.88 19.30 -6.70
N PHE A 48 44.04 19.79 -7.11
CA PHE A 48 45.30 19.74 -6.35
C PHE A 48 45.82 18.35 -6.10
N THR A 49 45.53 17.41 -7.00
CA THR A 49 46.05 16.02 -6.85
C THR A 49 47.03 15.65 -7.98
N PHE A 50 47.02 14.42 -8.47
CA PHE A 50 48.23 13.81 -9.00
C PHE A 50 48.09 13.37 -10.43
N VAL A 51 47.31 12.34 -10.68
CA VAL A 51 47.02 11.98 -12.07
C VAL A 51 46.28 13.13 -12.75
N CYS A 52 45.32 13.72 -12.04
CA CYS A 52 44.41 14.71 -12.62
C CYS A 52 45.04 15.86 -13.44
N PRO A 53 46.00 16.61 -12.87
CA PRO A 53 46.64 17.64 -13.70
C PRO A 53 47.37 17.13 -14.94
N THR A 54 47.94 15.92 -14.91
CA THR A 54 48.56 15.42 -16.12
C THR A 54 47.52 15.26 -17.24
N GLU A 55 46.30 14.84 -16.89
CA GLU A 55 45.24 14.63 -17.85
C GLU A 55 44.68 15.93 -18.30
N ILE A 56 44.33 16.78 -17.33
CA ILE A 56 43.77 18.06 -17.66
C ILE A 56 44.69 18.90 -18.56
N CYS A 57 45.99 18.91 -18.24
CA CYS A 57 46.97 19.69 -18.99
C CYS A 57 47.17 19.17 -20.41
N GLN A 58 47.20 17.84 -20.56
CA GLN A 58 47.23 17.21 -21.88
C GLN A 58 46.04 17.58 -22.74
N PHE A 59 44.85 17.50 -22.19
CA PHE A 59 43.67 17.91 -22.98
C PHE A 59 43.68 19.40 -23.32
N SER A 60 44.13 20.24 -22.39
CA SER A 60 44.22 21.67 -22.63
C SER A 60 45.26 21.94 -23.69
N ASP A 61 46.45 21.36 -23.58
CA ASP A 61 47.50 21.62 -24.57
C ASP A 61 47.06 21.19 -25.97
N ARG A 62 46.28 20.13 -26.05
CA ARG A 62 45.95 19.57 -27.34
C ARG A 62 44.53 19.87 -27.76
N VAL A 63 43.86 20.88 -27.17
CA VAL A 63 42.50 21.19 -27.59
C VAL A 63 42.34 21.27 -29.10
N LYS A 64 43.33 21.87 -29.77
CA LYS A 64 43.18 22.24 -31.18
C LYS A 64 43.02 20.98 -32.04
N GLU A 65 43.72 19.91 -31.65
CA GLU A 65 43.58 18.63 -32.34
C GLU A 65 42.11 18.22 -32.34
N PHE A 66 41.38 18.57 -31.27
CA PHE A 66 39.94 18.32 -31.20
C PHE A 66 39.09 19.39 -31.92
N SER A 67 39.37 20.68 -31.68
CA SER A 67 38.59 21.75 -32.31
C SER A 67 38.65 21.66 -33.80
N ASP A 68 39.85 21.42 -34.33
CA ASP A 68 40.05 21.40 -35.77
C ASP A 68 39.14 20.38 -36.45
N ILE A 69 38.64 19.38 -35.71
CA ILE A 69 37.74 18.40 -36.32
C ILE A 69 36.34 18.52 -35.73
N GLY A 70 36.01 19.66 -35.18
CA GLY A 70 34.64 19.93 -34.79
C GLY A 70 34.26 19.32 -33.45
N CYS A 71 35.27 19.18 -32.55
CA CYS A 71 35.02 18.57 -31.25
C CYS A 71 35.53 19.43 -30.12
N GLU A 72 34.66 19.71 -29.18
CA GLU A 72 35.05 20.48 -28.03
C GLU A 72 35.46 19.55 -26.92
N VAL A 73 36.11 20.10 -25.91
CA VAL A 73 36.34 19.34 -24.70
C VAL A 73 36.03 20.11 -23.45
N LEU A 74 35.48 19.38 -22.47
CA LEU A 74 34.97 19.97 -21.24
C LEU A 74 35.33 19.11 -20.02
N ALA A 75 35.86 19.73 -18.97
CA ALA A 75 36.30 18.99 -17.80
C ALA A 75 35.39 19.25 -16.65
N CYS A 76 35.38 18.35 -15.66
CA CYS A 76 34.44 18.47 -14.54
C CYS A 76 34.88 17.76 -13.30
N SER A 77 34.70 18.39 -12.15
CA SER A 77 35.00 17.79 -10.87
C SER A 77 34.14 18.37 -9.75
N MET A 78 34.28 17.79 -8.57
CA MET A 78 33.39 18.12 -7.45
C MET A 78 33.72 19.47 -6.83
N ASP A 79 34.91 20.01 -7.17
CA ASP A 79 35.45 21.17 -6.50
C ASP A 79 34.77 22.45 -6.96
N SER A 80 34.80 23.48 -6.12
CA SER A 80 34.23 24.78 -6.47
C SER A 80 35.00 25.42 -7.60
N GLU A 81 34.35 26.37 -8.23
CA GLU A 81 35.00 27.26 -9.19
C GLU A 81 36.22 28.01 -8.60
N TYR A 82 36.16 28.31 -7.30
CA TYR A 82 37.25 29.00 -6.65
C TYR A 82 38.48 28.10 -6.49
N SER A 83 38.27 26.83 -6.12
CA SER A 83 39.36 25.88 -6.14
C SER A 83 39.94 25.82 -7.56
N HIS A 84 39.09 25.73 -8.57
CA HIS A 84 39.60 25.65 -9.94
C HIS A 84 40.52 26.84 -10.27
N LEU A 85 40.01 28.04 -9.99
CA LEU A 85 40.72 29.24 -10.27
C LEU A 85 42.06 29.22 -9.56
N ALA A 86 42.03 28.88 -8.28
CA ALA A 86 43.26 28.84 -7.48
C ALA A 86 44.29 27.90 -8.09
N TRP A 87 43.83 26.76 -8.58
CA TRP A 87 44.72 25.71 -9.08
C TRP A 87 45.38 26.17 -10.36
N THR A 88 44.61 26.90 -11.12
CA THR A 88 45.02 27.61 -12.34
C THR A 88 46.09 28.66 -12.10
N SER A 89 46.13 29.20 -10.90
CA SER A 89 47.11 30.21 -10.54
C SER A 89 48.43 29.67 -10.10
N ILE A 90 48.58 28.36 -10.02
CA ILE A 90 49.84 27.75 -9.61
C ILE A 90 50.48 27.17 -10.87
N GLU A 91 51.80 27.28 -10.96
CA GLU A 91 52.52 26.80 -12.14
C GLU A 91 52.56 25.27 -12.21
N ARG A 92 52.71 24.76 -13.41
CA ARG A 92 52.68 23.33 -13.61
C ARG A 92 53.78 22.62 -12.88
N LYS A 93 54.94 23.27 -12.78
CA LYS A 93 56.09 22.64 -12.15
C LYS A 93 55.91 22.50 -10.63
N ARG A 94 54.93 23.20 -10.05
CA ARG A 94 54.53 22.81 -8.71
C ARG A 94 53.18 22.17 -8.54
N GLY A 95 52.76 21.49 -9.58
CA GLY A 95 51.54 20.64 -9.50
C GLY A 95 50.28 21.41 -9.81
N GLY A 96 50.43 22.58 -10.43
CA GLY A 96 49.30 23.39 -10.78
C GLY A 96 48.87 23.11 -12.19
N LEU A 97 47.87 23.84 -12.63
CA LEU A 97 47.36 23.77 -13.98
C LEU A 97 47.92 24.85 -14.92
N GLY A 98 48.29 26.00 -14.37
CA GLY A 98 48.60 27.17 -15.20
C GLY A 98 47.39 27.56 -16.03
N GLN A 99 47.64 28.32 -17.08
CA GLN A 99 46.61 28.76 -18.01
C GLN A 99 45.96 27.56 -18.67
N MET A 100 44.63 27.61 -18.78
CA MET A 100 43.82 26.55 -19.41
C MET A 100 43.14 27.01 -20.71
N ASN A 101 43.04 26.13 -21.68
CA ASN A 101 42.28 26.37 -22.90
C ASN A 101 40.92 25.67 -22.96
N ILE A 102 40.51 25.06 -21.84
CA ILE A 102 39.32 24.26 -21.73
C ILE A 102 38.56 24.73 -20.51
N PRO A 103 37.23 24.80 -20.60
CA PRO A 103 36.48 25.13 -19.40
C PRO A 103 36.46 23.99 -18.41
N ILE A 104 36.28 24.28 -17.13
CA ILE A 104 36.17 23.26 -16.10
C ILE A 104 34.97 23.49 -15.26
N LEU A 105 33.99 22.58 -15.37
CA LEU A 105 32.76 22.67 -14.56
C LEU A 105 33.04 22.45 -13.08
N ALA A 106 32.28 23.12 -12.24
CA ALA A 106 32.31 22.93 -10.80
C ALA A 106 31.00 22.31 -10.38
N ASP A 107 30.99 20.98 -10.28
CA ASP A 107 29.79 20.22 -9.98
C ASP A 107 29.61 20.12 -8.47
N LYS A 108 29.37 21.25 -7.84
CA LYS A 108 29.31 21.30 -6.39
C LYS A 108 28.17 20.50 -5.79
N THR A 109 27.04 20.39 -6.47
CA THR A 109 25.96 19.56 -5.95
C THR A 109 26.14 18.09 -6.29
N LYS A 110 27.09 17.79 -7.16
CA LYS A 110 27.43 16.45 -7.62
C LYS A 110 26.35 15.85 -8.50
N CYS A 111 25.40 16.66 -8.96
CA CYS A 111 24.27 16.14 -9.73
C CYS A 111 24.73 15.68 -11.14
N ILE A 112 25.75 16.31 -11.70
CA ILE A 112 26.21 15.96 -13.01
C ILE A 112 26.89 14.59 -12.96
N MET A 113 27.85 14.43 -12.05
CA MET A 113 28.53 13.16 -11.95
C MET A 113 27.56 12.02 -11.58
N LYS A 114 26.57 12.31 -10.74
CA LYS A 114 25.54 11.32 -10.44
C LYS A 114 24.86 10.89 -11.71
N SER A 115 24.52 11.83 -12.56
CA SER A 115 23.74 11.48 -13.73
C SER A 115 24.59 10.76 -14.79
N TYR A 116 25.91 10.96 -14.82
CA TYR A 116 26.80 10.21 -15.72
C TYR A 116 27.25 8.85 -15.12
N GLY A 117 26.80 8.59 -13.90
CA GLY A 117 27.08 7.34 -13.24
C GLY A 117 28.53 7.17 -12.84
N VAL A 118 29.23 8.25 -12.48
CA VAL A 118 30.62 8.13 -12.14
C VAL A 118 30.92 8.68 -10.78
N LEU A 119 29.91 8.84 -9.93
CA LEU A 119 30.16 9.21 -8.52
C LEU A 119 30.68 8.03 -7.76
N LYS A 120 31.76 8.25 -7.03
CA LYS A 120 32.16 7.30 -6.02
C LYS A 120 31.56 7.72 -4.69
N GLU A 121 30.42 7.10 -4.36
CA GLU A 121 29.56 7.54 -3.25
C GLU A 121 30.29 7.66 -1.91
N GLU A 122 31.14 6.69 -1.59
CA GLU A 122 31.84 6.68 -0.29
C GLU A 122 32.77 7.88 -0.11
N ASP A 123 33.36 8.40 -1.18
CA ASP A 123 34.30 9.52 -1.09
C ASP A 123 33.78 10.87 -1.53
N GLY A 124 32.69 10.90 -2.29
CA GLY A 124 32.14 12.14 -2.77
C GLY A 124 32.86 12.70 -3.98
N VAL A 125 33.56 11.85 -4.72
CA VAL A 125 34.32 12.33 -5.88
C VAL A 125 33.99 11.54 -7.11
N ALA A 126 34.36 12.08 -8.27
CA ALA A 126 34.12 11.39 -9.56
C ALA A 126 35.26 10.45 -9.91
N TYR A 127 34.89 9.30 -10.44
CA TYR A 127 35.85 8.43 -11.10
C TYR A 127 36.30 9.06 -12.40
N ARG A 128 37.28 8.45 -13.06
CA ARG A 128 37.85 9.03 -14.28
C ARG A 128 36.98 8.70 -15.43
N GLY A 129 35.80 9.30 -15.47
CA GLY A 129 34.86 9.00 -16.56
C GLY A 129 35.11 9.90 -17.73
N LEU A 130 35.10 9.35 -18.93
CA LEU A 130 35.15 10.15 -20.13
C LEU A 130 34.03 9.74 -21.08
N PHE A 131 33.31 10.71 -21.62
CA PHE A 131 32.15 10.46 -22.45
C PHE A 131 32.26 11.18 -23.79
N ILE A 132 31.87 10.52 -24.87
CA ILE A 132 31.85 11.14 -26.19
C ILE A 132 30.42 11.33 -26.62
N ILE A 133 30.05 12.58 -26.77
CA ILE A 133 28.72 13.00 -27.14
C ILE A 133 28.74 13.57 -28.56
N ASP A 134 27.78 13.17 -29.39
CA ASP A 134 27.73 13.59 -30.78
C ASP A 134 26.93 14.88 -31.00
N PRO A 135 26.85 15.38 -32.26
CA PRO A 135 26.20 16.69 -32.49
C PRO A 135 24.73 16.73 -32.22
N LYS A 136 24.07 15.59 -32.30
CA LYS A 136 22.66 15.53 -31.89
C LYS A 136 22.51 15.40 -30.37
N GLN A 137 23.65 15.35 -29.67
CA GLN A 137 23.68 15.27 -28.19
C GLN A 137 23.38 13.90 -27.61
N ASN A 138 23.60 12.86 -28.40
CA ASN A 138 23.48 11.51 -27.92
C ASN A 138 24.82 10.97 -27.50
N LEU A 139 24.80 10.11 -26.50
CA LEU A 139 26.00 9.55 -25.96
C LEU A 139 26.45 8.36 -26.82
N ARG A 140 27.72 8.34 -27.19
CA ARG A 140 28.20 7.29 -28.08
C ARG A 140 29.34 6.47 -27.53
N GLN A 141 30.00 6.90 -26.48
CA GLN A 141 31.14 6.13 -25.97
C GLN A 141 31.33 6.47 -24.51
N ILE A 142 31.53 5.44 -23.69
CA ILE A 142 31.71 5.58 -22.27
C ILE A 142 33.06 4.97 -21.91
N THR A 143 33.84 5.67 -21.11
CA THR A 143 35.10 5.15 -20.56
C THR A 143 35.21 5.53 -19.08
N VAL A 144 35.41 4.59 -18.16
CA VAL A 144 35.59 4.94 -16.78
C VAL A 144 36.77 4.19 -16.18
N ASN A 145 37.78 4.93 -15.71
CA ASN A 145 38.93 4.30 -15.05
C ASN A 145 38.84 4.47 -13.53
N ASP A 146 39.29 3.48 -12.77
CA ASP A 146 39.55 3.66 -11.35
C ASP A 146 40.54 4.81 -11.18
N LEU A 147 40.62 5.39 -9.99
CA LEU A 147 41.39 6.63 -9.77
C LEU A 147 42.88 6.59 -10.02
N PRO A 148 43.54 5.47 -9.76
CA PRO A 148 45.01 5.55 -9.90
C PRO A 148 45.58 5.44 -11.32
N VAL A 149 44.75 5.19 -12.32
CA VAL A 149 45.25 5.05 -13.69
C VAL A 149 44.65 6.08 -14.62
N GLY A 150 45.54 6.88 -15.19
CA GLY A 150 45.12 7.93 -16.12
C GLY A 150 44.66 7.42 -17.47
N ARG A 151 43.93 8.27 -18.15
CA ARG A 151 43.39 8.00 -19.48
C ARG A 151 44.40 8.37 -20.55
N ASP A 152 44.12 8.00 -21.79
CA ASP A 152 45.01 8.27 -22.91
C ASP A 152 44.30 9.22 -23.88
N VAL A 153 44.90 10.39 -24.07
CA VAL A 153 44.37 11.43 -24.98
C VAL A 153 44.38 10.99 -26.43
N ASP A 154 45.40 10.23 -26.84
CA ASP A 154 45.42 9.73 -28.24
C ASP A 154 44.23 8.83 -28.53
N GLU A 155 43.81 8.06 -27.54
CA GLU A 155 42.74 7.14 -27.74
C GLU A 155 41.41 7.89 -27.80
N ALA A 156 41.27 8.95 -27.03
CA ALA A 156 40.06 9.73 -27.11
C ALA A 156 39.91 10.32 -28.51
N LEU A 157 41.04 10.79 -29.05
CA LEU A 157 41.09 11.38 -30.35
C LEU A 157 40.76 10.36 -31.46
N ARG A 158 41.30 9.16 -31.31
CA ARG A 158 41.05 8.08 -32.24
C ARG A 158 39.56 7.80 -32.28
N LEU A 159 38.94 7.75 -31.11
CA LEU A 159 37.52 7.44 -31.03
C LEU A 159 36.66 8.51 -31.66
N VAL A 160 36.96 9.77 -31.37
CA VAL A 160 36.20 10.84 -31.97
C VAL A 160 36.32 10.73 -33.50
N LYS A 161 37.56 10.52 -33.99
CA LYS A 161 37.76 10.41 -35.41
C LYS A 161 37.00 9.26 -36.03
N ALA A 162 37.04 8.13 -35.34
CA ALA A 162 36.32 6.94 -35.81
C ALA A 162 34.82 7.22 -35.89
N PHE A 163 34.29 7.89 -34.90
CA PHE A 163 32.87 8.16 -34.91
C PHE A 163 32.51 9.13 -36.03
N GLN A 164 33.35 10.14 -36.24
CA GLN A 164 33.14 11.09 -37.34
C GLN A 164 33.18 10.39 -38.69
N PHE A 165 34.13 9.49 -38.82
CA PHE A 165 34.27 8.72 -40.03
C PHE A 165 33.02 7.90 -40.31
N VAL A 166 32.48 7.27 -39.28
CA VAL A 166 31.31 6.47 -39.46
C VAL A 166 30.09 7.27 -39.89
N GLU A 167 29.87 8.43 -39.28
CA GLU A 167 28.76 9.32 -39.63
C GLU A 167 28.91 9.87 -41.07
N LYS A 168 30.12 10.19 -41.47
CA LYS A 168 30.35 10.75 -42.79
C LYS A 168 30.15 9.70 -43.90
N HIS A 169 30.67 8.49 -43.73
CA HIS A 169 30.71 7.52 -44.84
C HIS A 169 29.78 6.29 -44.77
N GLY A 170 29.03 6.13 -43.67
CA GLY A 170 28.19 4.93 -43.48
C GLY A 170 28.94 3.59 -43.44
N GLU A 171 30.25 3.64 -43.21
CA GLU A 171 31.05 2.45 -43.05
C GLU A 171 31.31 2.21 -41.58
N VAL A 172 31.97 1.12 -41.28
CA VAL A 172 32.13 0.66 -39.92
C VAL A 172 33.65 0.51 -39.66
N CYS A 173 34.11 0.86 -38.46
CA CYS A 173 35.56 0.95 -38.14
C CYS A 173 36.07 -0.27 -37.38
N PRO A 174 36.95 -1.06 -37.99
CA PRO A 174 37.49 -2.26 -37.31
C PRO A 174 38.32 -2.01 -36.06
N ALA A 175 38.66 -3.10 -35.39
CA ALA A 175 39.59 -3.06 -34.27
C ALA A 175 40.84 -2.28 -34.64
N ASN A 176 41.31 -1.44 -33.74
CA ASN A 176 42.57 -0.66 -33.87
C ASN A 176 42.59 0.39 -34.99
N TRP A 177 41.43 0.67 -35.58
CA TRP A 177 41.35 1.59 -36.72
C TRP A 177 42.04 2.91 -36.42
N LYS A 178 42.87 3.37 -37.37
CA LYS A 178 43.47 4.72 -37.33
C LYS A 178 43.12 5.37 -38.65
N PRO A 179 43.10 6.70 -38.72
CA PRO A 179 42.81 7.34 -40.04
C PRO A 179 43.69 6.72 -41.15
N GLY A 180 43.07 6.39 -42.27
CA GLY A 180 43.77 5.75 -43.37
C GLY A 180 43.70 4.23 -43.45
N ASP A 181 43.28 3.56 -42.38
CA ASP A 181 43.11 2.09 -42.42
C ASP A 181 41.85 1.69 -43.21
N LYS A 182 41.80 0.43 -43.63
CA LYS A 182 40.66 -0.13 -44.33
C LYS A 182 39.45 -0.16 -43.40
N THR A 183 38.28 0.13 -43.97
CA THR A 183 37.01 0.00 -43.29
C THR A 183 36.12 -0.87 -44.15
N MET A 184 34.89 -1.14 -43.71
CA MET A 184 34.00 -2.02 -44.48
C MET A 184 32.57 -1.61 -44.34
N LYS A 185 31.79 -1.95 -45.35
CA LYS A 185 30.36 -1.71 -45.31
C LYS A 185 29.74 -2.86 -44.46
N PRO A 186 28.82 -2.52 -43.53
CA PRO A 186 28.17 -3.52 -42.66
C PRO A 186 27.06 -4.30 -43.35
N ASP A 187 27.45 -5.09 -44.34
CA ASP A 187 26.56 -5.81 -45.23
C ASP A 187 27.24 -7.16 -45.49
N PRO A 188 26.49 -8.26 -45.40
CA PRO A 188 27.13 -9.58 -45.62
C PRO A 188 27.93 -9.71 -46.92
N GLU A 189 27.36 -9.27 -48.04
CA GLU A 189 28.00 -9.34 -49.37
C GLU A 189 29.15 -8.37 -49.55
N LYS A 190 28.88 -7.08 -49.34
CA LYS A 190 29.91 -6.04 -49.49
C LYS A 190 31.08 -6.13 -48.52
N SER A 191 30.90 -6.78 -47.38
CA SER A 191 31.99 -6.96 -46.43
C SER A 191 33.06 -7.97 -46.91
N LYS A 192 32.74 -8.83 -47.87
CA LYS A 192 33.68 -9.85 -48.39
C LYS A 192 34.96 -9.24 -48.93
N GLU A 193 34.82 -8.08 -49.58
CA GLU A 193 35.99 -7.33 -50.05
C GLU A 193 37.00 -6.99 -48.92
N TYR A 194 36.53 -6.65 -47.70
CA TYR A 194 37.43 -6.43 -46.56
C TYR A 194 38.12 -7.73 -46.14
N PHE A 195 37.35 -8.80 -46.01
CA PHE A 195 37.89 -10.05 -45.48
C PHE A 195 38.89 -10.80 -46.39
N GLY A 196 38.81 -10.65 -47.73
CA GLY A 196 40.02 -10.88 -48.61
C GLY A 196 41.12 -9.79 -48.40
N ALA A 197 41.93 -9.95 -47.33
CA ALA A 197 42.99 -9.02 -46.74
C ALA A 197 42.66 -8.39 -45.34
N GLY B 4 22.26 -2.28 -15.08
CA GLY B 4 22.87 -3.43 -14.35
C GLY B 4 23.66 -3.02 -13.09
N ASP B 5 24.49 -3.94 -12.60
CA ASP B 5 25.18 -3.81 -11.33
C ASP B 5 26.71 -3.79 -11.30
N ALA B 6 27.34 -3.48 -12.40
CA ALA B 6 28.78 -3.43 -12.45
C ALA B 6 29.22 -2.06 -12.00
N LYS B 7 29.97 -1.98 -10.91
CA LYS B 7 30.43 -0.75 -10.32
C LYS B 7 31.90 -0.88 -10.08
N LEU B 8 32.65 0.20 -10.28
CA LEU B 8 34.08 0.15 -10.04
C LEU B 8 34.35 -0.08 -8.57
N ASN B 9 35.40 -0.87 -8.32
CA ASN B 9 35.83 -1.29 -7.00
C ASN B 9 34.83 -2.09 -6.24
N HIS B 10 33.86 -2.66 -6.90
CA HIS B 10 32.97 -3.66 -6.28
C HIS B 10 33.21 -4.95 -7.00
N PRO B 11 32.83 -6.06 -6.37
CA PRO B 11 33.02 -7.34 -7.05
C PRO B 11 32.35 -7.32 -8.41
N ALA B 12 33.06 -7.77 -9.42
CA ALA B 12 32.45 -7.92 -10.74
C ALA B 12 31.27 -8.86 -10.67
N PRO B 13 30.19 -8.57 -11.38
CA PRO B 13 29.04 -9.49 -11.36
C PRO B 13 29.42 -10.88 -11.79
N ASP B 14 29.02 -11.83 -10.97
CA ASP B 14 29.43 -13.23 -11.09
C ASP B 14 28.71 -13.86 -12.26
N PHE B 15 29.32 -14.84 -12.89
CA PHE B 15 28.66 -15.54 -13.97
C PHE B 15 29.19 -16.95 -14.01
N ASN B 16 28.41 -17.84 -14.58
CA ASN B 16 28.80 -19.21 -14.79
C ASN B 16 27.96 -19.71 -15.95
N GLU B 17 28.54 -19.74 -17.13
CA GLU B 17 27.78 -19.96 -18.33
C GLU B 17 28.55 -20.81 -19.33
N THR B 18 27.81 -21.48 -20.18
CA THR B 18 28.37 -22.25 -21.24
C THR B 18 29.20 -21.39 -22.16
N ALA B 19 30.34 -21.93 -22.57
CA ALA B 19 31.27 -21.25 -23.50
C ALA B 19 31.79 -22.21 -24.55
N LEU B 20 32.19 -21.69 -25.70
CA LEU B 20 32.97 -22.45 -26.66
C LEU B 20 34.44 -22.31 -26.33
N MET B 21 35.11 -23.43 -26.07
CA MET B 21 36.50 -23.39 -25.61
C MET B 21 37.39 -23.45 -26.82
N PRO B 22 38.64 -23.03 -26.69
CA PRO B 22 39.59 -23.09 -27.83
C PRO B 22 39.65 -24.45 -28.54
N ASN B 23 39.57 -25.54 -27.77
CA ASN B 23 39.65 -26.88 -28.36
C ASN B 23 38.35 -27.37 -29.02
N GLY B 24 37.40 -26.48 -29.20
CA GLY B 24 36.15 -26.82 -29.85
C GLY B 24 35.05 -27.46 -29.01
N THR B 25 35.31 -27.68 -27.71
CA THR B 25 34.31 -28.23 -26.79
C THR B 25 33.47 -27.14 -26.09
N PHE B 26 32.40 -27.60 -25.44
CA PHE B 26 31.52 -26.74 -24.68
C PHE B 26 31.74 -27.01 -23.21
N LYS B 27 31.92 -25.96 -22.45
CA LYS B 27 32.18 -26.09 -21.05
C LYS B 27 31.65 -24.82 -20.34
N LYS B 28 31.18 -24.99 -19.12
CA LYS B 28 30.87 -23.89 -18.24
C LYS B 28 32.14 -23.16 -17.81
N VAL B 29 32.09 -21.83 -17.91
CA VAL B 29 33.17 -20.99 -17.50
C VAL B 29 32.59 -20.09 -16.44
N ALA B 30 33.25 -20.07 -15.28
CA ALA B 30 32.80 -19.33 -14.12
C ALA B 30 33.80 -18.22 -13.81
N LEU B 31 33.30 -17.07 -13.43
CA LEU B 31 34.16 -15.98 -13.08
C LEU B 31 35.16 -16.37 -12.02
N THR B 32 34.73 -17.11 -11.00
CA THR B 32 35.67 -17.52 -9.95
C THR B 32 36.87 -18.34 -10.44
N SER B 33 36.82 -18.91 -11.65
CA SER B 33 37.99 -19.59 -12.24
C SER B 33 39.17 -18.68 -12.48
N TYR B 34 38.93 -17.37 -12.53
CA TYR B 34 39.95 -16.42 -12.86
C TYR B 34 40.46 -15.74 -11.61
N LYS B 35 39.97 -16.12 -10.44
CA LYS B 35 40.51 -15.62 -9.19
C LYS B 35 42.05 -15.75 -9.24
N GLY B 36 42.75 -14.73 -8.78
CA GLY B 36 44.22 -14.74 -8.80
C GLY B 36 44.84 -14.22 -10.09
N LYS B 37 44.03 -14.03 -11.12
CA LYS B 37 44.48 -13.47 -12.36
C LYS B 37 43.74 -12.17 -12.66
N TRP B 38 44.33 -11.38 -13.56
CA TRP B 38 43.63 -10.30 -14.18
C TRP B 38 42.78 -10.87 -15.28
N LEU B 39 41.66 -10.22 -15.58
CA LEU B 39 40.79 -10.66 -16.65
C LEU B 39 40.29 -9.51 -17.47
N VAL B 40 40.36 -9.66 -18.79
CA VAL B 40 39.72 -8.73 -19.70
C VAL B 40 38.54 -9.41 -20.27
N LEU B 41 37.38 -8.95 -19.86
CA LEU B 41 36.16 -9.55 -20.31
C LEU B 41 35.65 -8.62 -21.36
N PHE B 42 35.36 -9.11 -22.54
CA PHE B 42 34.75 -8.24 -23.54
C PHE B 42 33.53 -8.81 -24.28
N PHE B 43 32.57 -7.95 -24.53
CA PHE B 43 31.32 -8.30 -25.19
C PHE B 43 31.27 -7.81 -26.64
N TYR B 44 30.58 -8.54 -27.49
CA TYR B 44 30.31 -8.09 -28.86
C TYR B 44 28.91 -8.46 -29.23
N PRO B 45 28.32 -7.74 -30.21
CA PRO B 45 26.90 -7.83 -30.47
C PRO B 45 26.45 -9.14 -31.07
N MET B 46 27.05 -9.57 -32.18
CA MET B 46 26.50 -10.68 -32.97
C MET B 46 27.56 -11.47 -33.73
N ASP B 47 27.46 -12.79 -33.66
CA ASP B 47 28.26 -13.66 -34.51
C ASP B 47 27.94 -13.37 -35.97
N PHE B 48 28.89 -13.69 -36.84
CA PHE B 48 28.75 -13.53 -38.26
C PHE B 48 28.57 -12.11 -38.75
N THR B 49 29.12 -11.14 -38.03
CA THR B 49 29.06 -9.75 -38.46
C THR B 49 30.45 -9.17 -38.77
N PHE B 50 30.70 -7.90 -38.45
CA PHE B 50 31.67 -7.09 -39.24
C PHE B 50 32.84 -6.53 -38.45
N VAL B 51 32.60 -5.57 -37.57
CA VAL B 51 33.62 -5.20 -36.61
C VAL B 51 34.04 -6.41 -35.74
N CYS B 52 33.04 -7.16 -35.27
CA CYS B 52 33.25 -8.18 -34.24
C CYS B 52 34.41 -9.16 -34.50
N PRO B 53 34.47 -9.77 -35.69
CA PRO B 53 35.59 -10.70 -35.90
C PRO B 53 36.95 -10.03 -35.92
N THR B 54 37.03 -8.78 -36.36
CA THR B 54 38.32 -8.10 -36.33
C THR B 54 38.82 -7.96 -34.89
N GLU B 55 37.90 -7.72 -33.94
CA GLU B 55 38.23 -7.59 -32.52
C GLU B 55 38.54 -8.93 -31.92
N ILE B 56 37.64 -9.89 -32.13
CA ILE B 56 37.81 -11.20 -31.57
C ILE B 56 39.12 -11.86 -32.02
N CYS B 57 39.42 -11.76 -33.31
CA CYS B 57 40.64 -12.35 -33.88
C CYS B 57 41.92 -11.69 -33.38
N GLN B 58 41.90 -10.36 -33.24
CA GLN B 58 43.02 -9.61 -32.63
C GLN B 58 43.28 -10.07 -31.20
N PHE B 59 42.23 -10.19 -30.39
CA PHE B 59 42.44 -10.65 -29.02
C PHE B 59 42.91 -12.10 -28.98
N SER B 60 42.39 -12.95 -29.87
CA SER B 60 42.83 -14.33 -29.95
C SER B 60 44.29 -14.44 -30.41
N ASP B 61 44.66 -13.75 -31.49
CA ASP B 61 46.06 -13.75 -31.94
C ASP B 61 47.03 -13.25 -30.88
N ARG B 62 46.62 -12.30 -30.08
CA ARG B 62 47.52 -11.70 -29.14
C ARG B 62 47.33 -12.14 -27.71
N VAL B 63 46.66 -13.27 -27.46
CA VAL B 63 46.43 -13.68 -26.07
C VAL B 63 47.69 -13.67 -25.24
N LYS B 64 48.78 -14.11 -25.84
CA LYS B 64 50.01 -14.38 -25.11
C LYS B 64 50.55 -13.08 -24.50
N GLU B 65 50.40 -11.97 -25.22
CA GLU B 65 50.77 -10.67 -24.66
C GLU B 65 50.06 -10.43 -23.34
N PHE B 66 48.84 -10.94 -23.21
CA PHE B 66 48.09 -10.86 -21.97
C PHE B 66 48.47 -11.96 -20.96
N SER B 67 48.50 -13.24 -21.41
CA SER B 67 48.80 -14.41 -20.51
C SER B 67 50.24 -14.28 -19.92
N ASP B 68 51.20 -13.77 -20.68
CA ASP B 68 52.55 -13.55 -20.15
C ASP B 68 52.61 -12.58 -18.96
N ILE B 69 51.62 -11.71 -18.78
CA ILE B 69 51.63 -10.79 -17.63
C ILE B 69 50.51 -11.11 -16.68
N GLY B 70 50.01 -12.34 -16.73
CA GLY B 70 49.07 -12.82 -15.71
C GLY B 70 47.62 -12.39 -15.95
N CYS B 71 47.26 -12.19 -17.23
CA CYS B 71 45.96 -11.70 -17.57
C CYS B 71 45.31 -12.60 -18.60
N GLU B 72 44.10 -13.07 -18.29
CA GLU B 72 43.32 -13.84 -19.23
C GLU B 72 42.36 -12.94 -20.03
N VAL B 73 41.83 -13.49 -21.11
CA VAL B 73 40.84 -12.80 -21.85
C VAL B 73 39.69 -13.72 -22.20
N LEU B 74 38.50 -13.13 -22.12
CA LEU B 74 37.26 -13.84 -22.31
C LEU B 74 36.25 -13.03 -23.14
N ALA B 75 35.62 -13.67 -24.13
CA ALA B 75 34.70 -12.96 -25.01
C ALA B 75 33.28 -13.45 -24.76
N CYS B 76 32.30 -12.67 -25.17
CA CYS B 76 30.92 -12.97 -24.85
C CYS B 76 29.92 -12.28 -25.77
N SER B 77 28.91 -13.03 -26.19
CA SER B 77 27.82 -12.48 -26.96
C SER B 77 26.52 -13.21 -26.71
N MET B 78 25.47 -12.73 -27.35
CA MET B 78 24.12 -13.21 -27.17
C MET B 78 23.88 -14.57 -27.84
N ASP B 79 24.75 -14.96 -28.77
CA ASP B 79 24.55 -16.12 -29.62
C ASP B 79 24.77 -17.42 -28.88
N SER B 80 24.20 -18.51 -29.38
CA SER B 80 24.45 -19.84 -28.82
C SER B 80 25.90 -20.33 -29.02
N GLU B 81 26.29 -21.33 -28.24
CA GLU B 81 27.53 -22.09 -28.48
C GLU B 81 27.63 -22.63 -29.89
N TYR B 82 26.51 -23.07 -30.43
CA TYR B 82 26.47 -23.69 -31.74
C TYR B 82 26.75 -22.65 -32.84
N SER B 83 26.19 -21.44 -32.73
CA SER B 83 26.62 -20.32 -33.60
C SER B 83 28.13 -20.05 -33.46
N HIS B 84 28.63 -20.00 -32.23
CA HIS B 84 30.06 -19.79 -32.01
C HIS B 84 30.89 -20.82 -32.74
N LEU B 85 30.56 -22.09 -32.50
CA LEU B 85 31.27 -23.20 -33.10
C LEU B 85 31.24 -23.09 -34.62
N ALA B 86 30.06 -22.83 -35.17
CA ALA B 86 29.93 -22.70 -36.61
C ALA B 86 30.85 -21.60 -37.16
N TRP B 87 30.94 -20.50 -36.42
CA TRP B 87 31.63 -19.31 -36.92
C TRP B 87 33.12 -19.57 -36.95
N THR B 88 33.54 -20.32 -35.95
CA THR B 88 34.86 -20.90 -35.82
C THR B 88 35.27 -21.83 -36.98
N SER B 89 34.29 -22.45 -37.60
CA SER B 89 34.51 -23.36 -38.71
C SER B 89 34.63 -22.72 -40.05
N ILE B 90 34.46 -21.42 -40.13
CA ILE B 90 34.62 -20.70 -41.36
C ILE B 90 35.96 -19.95 -41.30
N GLU B 91 36.68 -19.91 -42.42
CA GLU B 91 38.02 -19.29 -42.49
C GLU B 91 37.92 -17.77 -42.38
N ARG B 92 38.99 -17.14 -41.92
CA ARG B 92 38.96 -15.71 -41.69
C ARG B 92 38.71 -14.93 -42.96
N LYS B 93 39.23 -15.43 -44.07
CA LYS B 93 39.11 -14.72 -45.33
C LYS B 93 37.66 -14.70 -45.85
N ARG B 94 36.81 -15.56 -45.32
CA ARG B 94 35.36 -15.49 -45.59
C ARG B 94 34.54 -14.85 -44.46
N GLY B 95 35.19 -14.13 -43.54
CA GLY B 95 34.48 -13.46 -42.44
C GLY B 95 34.23 -14.36 -41.24
N GLY B 96 34.99 -15.45 -41.16
CA GLY B 96 34.91 -16.37 -40.04
C GLY B 96 35.93 -16.03 -38.99
N LEU B 97 35.95 -16.83 -37.95
CA LEU B 97 36.91 -16.70 -36.88
C LEU B 97 38.14 -17.59 -37.05
N GLY B 98 37.95 -18.74 -37.69
CA GLY B 98 38.95 -19.80 -37.63
C GLY B 98 39.18 -20.31 -36.20
N GLN B 99 40.32 -20.94 -35.98
CA GLN B 99 40.72 -21.41 -34.66
C GLN B 99 40.84 -20.25 -33.71
N MET B 100 40.34 -20.45 -32.50
CA MET B 100 40.40 -19.47 -31.41
C MET B 100 41.31 -19.91 -30.26
N ASN B 101 42.02 -18.97 -29.66
CA ASN B 101 42.79 -19.20 -28.41
C ASN B 101 42.15 -18.63 -27.16
N ILE B 102 40.92 -18.14 -27.28
CA ILE B 102 40.19 -17.66 -26.14
C ILE B 102 38.81 -18.30 -26.09
N PRO B 103 38.29 -18.54 -24.90
CA PRO B 103 36.91 -18.99 -24.83
C PRO B 103 35.93 -17.90 -25.21
N ILE B 104 34.77 -18.30 -25.71
CA ILE B 104 33.67 -17.36 -25.99
C ILE B 104 32.38 -17.80 -25.31
N LEU B 105 31.94 -17.03 -24.33
CA LEU B 105 30.68 -17.32 -23.62
C LEU B 105 29.46 -17.18 -24.54
N ALA B 106 28.46 -18.01 -24.32
CA ALA B 106 27.18 -17.91 -25.00
C ALA B 106 26.11 -17.47 -24.02
N ASP B 107 25.88 -16.17 -23.97
CA ASP B 107 24.97 -15.57 -22.98
C ASP B 107 23.55 -15.62 -23.51
N LYS B 108 23.00 -16.81 -23.66
CA LYS B 108 21.70 -16.99 -24.29
C LYS B 108 20.56 -16.39 -23.51
N THR B 109 20.65 -16.34 -22.18
CA THR B 109 19.59 -15.71 -21.39
C THR B 109 19.77 -14.22 -21.31
N LYS B 110 20.94 -13.74 -21.73
CA LYS B 110 21.32 -12.32 -21.70
C LYS B 110 21.52 -11.79 -20.29
N CYS B 111 21.60 -12.67 -19.30
CA CYS B 111 21.73 -12.23 -17.88
C CYS B 111 23.15 -11.63 -17.60
N ILE B 112 24.19 -12.10 -18.29
CA ILE B 112 25.52 -11.59 -18.09
C ILE B 112 25.62 -10.16 -18.63
N MET B 113 25.22 -9.92 -19.88
CA MET B 113 25.26 -8.55 -20.42
C MET B 113 24.36 -7.59 -19.65
N LYS B 114 23.23 -8.08 -19.17
CA LYS B 114 22.38 -7.24 -18.33
C LYS B 114 23.16 -6.79 -17.13
N SER B 115 23.86 -7.71 -16.50
CA SER B 115 24.49 -7.37 -15.24
C SER B 115 25.70 -6.49 -15.44
N TYR B 116 26.35 -6.55 -16.60
CA TYR B 116 27.45 -5.63 -16.93
C TYR B 116 26.96 -4.31 -17.53
N GLY B 117 25.65 -4.20 -17.66
CA GLY B 117 25.02 -2.97 -18.12
C GLY B 117 25.23 -2.63 -19.58
N VAL B 118 25.39 -3.63 -20.44
CA VAL B 118 25.73 -3.36 -21.81
C VAL B 118 24.74 -3.96 -22.77
N LEU B 119 23.57 -4.35 -22.28
CA LEU B 119 22.47 -4.80 -23.16
C LEU B 119 21.87 -3.62 -23.90
N LYS B 120 21.73 -3.75 -25.19
CA LYS B 120 20.94 -2.82 -25.95
C LYS B 120 19.52 -3.40 -26.10
N GLU B 121 18.63 -2.96 -25.21
CA GLU B 121 17.36 -3.62 -25.00
C GLU B 121 16.57 -3.76 -26.26
N GLU B 122 16.56 -2.71 -27.07
CA GLU B 122 15.69 -2.70 -28.27
C GLU B 122 16.08 -3.78 -29.29
N ASP B 123 17.35 -4.14 -29.34
CA ASP B 123 17.84 -5.14 -30.29
C ASP B 123 18.13 -6.51 -29.72
N GLY B 124 18.30 -6.62 -28.41
CA GLY B 124 18.67 -7.88 -27.79
C GLY B 124 20.14 -8.24 -27.90
N VAL B 125 21.01 -7.26 -28.11
CA VAL B 125 22.45 -7.54 -28.28
C VAL B 125 23.28 -6.72 -27.34
N ALA B 126 24.53 -7.12 -27.19
CA ALA B 126 25.45 -6.37 -26.35
C ALA B 126 26.16 -5.27 -27.13
N TYR B 127 26.30 -4.12 -26.49
CA TYR B 127 27.23 -3.11 -26.93
C TYR B 127 28.67 -3.61 -26.79
N ARG B 128 29.61 -2.84 -27.30
CA ARG B 128 31.03 -3.23 -27.26
C ARG B 128 31.63 -2.91 -25.90
N GLY B 129 31.20 -3.61 -24.90
CA GLY B 129 31.68 -3.34 -23.55
C GLY B 129 32.94 -4.12 -23.27
N LEU B 130 33.94 -3.48 -22.66
CA LEU B 130 35.15 -4.17 -22.23
C LEU B 130 35.42 -3.84 -20.78
N PHE B 131 35.70 -4.85 -19.97
CA PHE B 131 35.86 -4.67 -18.51
C PHE B 131 37.18 -5.27 -18.06
N ILE B 132 37.89 -4.58 -17.19
CA ILE B 132 39.08 -5.10 -16.60
C ILE B 132 38.81 -5.44 -15.14
N ILE B 133 38.96 -6.72 -14.84
CA ILE B 133 38.76 -7.24 -13.53
C ILE B 133 40.07 -7.69 -12.93
N ASP B 134 40.31 -7.37 -11.65
CA ASP B 134 41.61 -7.67 -10.99
C ASP B 134 41.61 -9.03 -10.29
N PRO B 135 42.75 -9.43 -9.73
CA PRO B 135 42.83 -10.77 -9.11
C PRO B 135 41.93 -11.02 -7.90
N LYS B 136 41.56 -9.98 -7.17
CA LYS B 136 40.54 -10.12 -6.12
C LYS B 136 39.14 -10.14 -6.69
N GLN B 137 39.01 -10.04 -8.02
CA GLN B 137 37.72 -10.05 -8.74
C GLN B 137 36.90 -8.77 -8.63
N ASN B 138 37.56 -7.65 -8.39
CA ASN B 138 36.91 -6.37 -8.41
C ASN B 138 37.08 -5.68 -9.76
N LEU B 139 36.08 -4.92 -10.13
CA LEU B 139 36.07 -4.26 -11.41
C LEU B 139 36.89 -2.98 -11.32
N ARG B 140 37.81 -2.79 -12.25
CA ARG B 140 38.67 -1.62 -12.20
C ARG B 140 38.60 -0.68 -13.43
N GLN B 141 37.98 -1.11 -14.53
CA GLN B 141 37.95 -0.26 -15.71
C GLN B 141 36.77 -0.67 -16.54
N ILE B 142 36.01 0.31 -17.01
CA ILE B 142 34.86 0.11 -17.86
C ILE B 142 35.05 0.86 -19.17
N THR B 143 34.81 0.20 -20.28
CA THR B 143 34.85 0.81 -21.60
C THR B 143 33.62 0.32 -22.39
N VAL B 144 32.79 1.21 -22.89
CA VAL B 144 31.70 0.77 -23.79
C VAL B 144 31.62 1.60 -25.06
N ASN B 145 31.77 0.97 -26.24
CA ASN B 145 31.62 1.65 -27.53
C ASN B 145 30.28 1.35 -28.14
N ASP B 146 29.70 2.32 -28.83
CA ASP B 146 28.54 2.07 -29.74
C ASP B 146 29.00 1.07 -30.78
N LEU B 147 28.05 0.41 -31.43
CA LEU B 147 28.37 -0.71 -32.28
C LEU B 147 29.30 -0.46 -33.45
N PRO B 148 29.22 0.70 -34.08
CA PRO B 148 30.00 0.78 -35.32
C PRO B 148 31.48 1.09 -35.16
N VAL B 149 31.94 1.30 -33.94
CA VAL B 149 33.36 1.59 -33.74
C VAL B 149 34.05 0.57 -32.86
N GLY B 150 35.06 -0.08 -33.41
CA GLY B 150 35.83 -1.09 -32.73
C GLY B 150 36.75 -0.53 -31.69
N ARG B 151 37.13 -1.42 -30.78
CA ARG B 151 38.00 -1.10 -29.65
C ARG B 151 39.44 -1.23 -30.08
N ASP B 152 40.36 -0.81 -29.20
CA ASP B 152 41.79 -0.92 -29.49
C ASP B 152 42.45 -1.89 -28.50
N VAL B 153 43.04 -2.95 -29.04
CA VAL B 153 43.70 -3.93 -28.23
C VAL B 153 44.90 -3.35 -27.52
N ASP B 154 45.65 -2.46 -28.18
CA ASP B 154 46.90 -1.89 -27.54
C ASP B 154 46.54 -1.08 -26.31
N GLU B 155 45.37 -0.43 -26.35
CA GLU B 155 44.91 0.34 -25.22
C GLU B 155 44.44 -0.55 -24.05
N ALA B 156 43.83 -1.69 -24.35
CA ALA B 156 43.47 -2.62 -23.30
C ALA B 156 44.70 -3.13 -22.58
N LEU B 157 45.72 -3.43 -23.36
CA LEU B 157 47.00 -3.89 -22.85
C LEU B 157 47.70 -2.83 -21.99
N ARG B 158 47.66 -1.58 -22.45
CA ARG B 158 48.24 -0.46 -21.71
C ARG B 158 47.56 -0.34 -20.35
N LEU B 159 46.25 -0.43 -20.34
CA LEU B 159 45.51 -0.34 -19.10
C LEU B 159 45.82 -1.46 -18.14
N VAL B 160 45.88 -2.68 -18.62
CA VAL B 160 46.18 -3.81 -17.74
C VAL B 160 47.57 -3.60 -17.14
N LYS B 161 48.51 -3.20 -17.99
CA LYS B 161 49.88 -2.95 -17.48
C LYS B 161 49.95 -1.85 -16.45
N ALA B 162 49.22 -0.77 -16.72
CA ALA B 162 49.15 0.34 -15.76
C ALA B 162 48.55 -0.12 -14.42
N PHE B 163 47.51 -0.93 -14.46
CA PHE B 163 46.89 -1.35 -13.21
C PHE B 163 47.79 -2.30 -12.45
N GLN B 164 48.50 -3.17 -13.16
CA GLN B 164 49.50 -4.03 -12.54
C GLN B 164 50.61 -3.23 -11.89
N PHE B 165 51.07 -2.21 -12.60
CA PHE B 165 52.12 -1.35 -12.11
C PHE B 165 51.71 -0.64 -10.83
N VAL B 166 50.48 -0.17 -10.79
CA VAL B 166 49.97 0.49 -9.61
C VAL B 166 49.89 -0.47 -8.42
N GLU B 167 49.41 -1.72 -8.60
CA GLU B 167 49.37 -2.71 -7.49
C GLU B 167 50.76 -3.00 -6.97
N LYS B 168 51.70 -3.17 -7.88
CA LYS B 168 53.03 -3.62 -7.51
C LYS B 168 53.76 -2.53 -6.74
N HIS B 169 53.69 -1.27 -7.19
CA HIS B 169 54.55 -0.23 -6.62
C HIS B 169 53.92 0.86 -5.74
N GLY B 170 52.59 0.87 -5.61
CA GLY B 170 51.89 1.92 -4.86
C GLY B 170 52.02 3.33 -5.44
N GLU B 171 52.41 3.42 -6.70
CA GLU B 171 52.48 4.71 -7.39
C GLU B 171 51.27 4.87 -8.27
N VAL B 172 51.18 6.00 -8.92
CA VAL B 172 50.03 6.35 -9.69
C VAL B 172 50.48 6.59 -11.13
N CYS B 173 49.68 6.21 -12.13
CA CYS B 173 50.06 6.30 -13.56
C CYS B 173 49.47 7.54 -14.27
N PRO B 174 50.31 8.51 -14.67
CA PRO B 174 49.82 9.69 -15.41
C PRO B 174 49.11 9.44 -16.74
N ALA B 175 48.51 10.50 -17.26
CA ALA B 175 47.97 10.48 -18.61
C ALA B 175 48.97 9.87 -19.59
N ASN B 176 48.49 9.02 -20.48
CA ASN B 176 49.25 8.45 -21.60
C ASN B 176 50.37 7.50 -21.18
N TRP B 177 50.41 7.14 -19.91
CA TRP B 177 51.51 6.32 -19.40
C TRP B 177 51.72 5.09 -20.26
N LYS B 178 52.99 4.81 -20.58
CA LYS B 178 53.39 3.52 -21.21
C LYS B 178 54.48 2.93 -20.31
N PRO B 179 54.67 1.61 -20.33
CA PRO B 179 55.82 1.08 -19.55
C PRO B 179 57.11 1.89 -19.78
N GLY B 180 57.81 2.20 -18.69
CA GLY B 180 59.03 2.99 -18.76
C GLY B 180 58.87 4.48 -18.54
N ASP B 181 57.65 5.02 -18.63
CA ASP B 181 57.41 6.45 -18.34
C ASP B 181 57.47 6.74 -16.81
N LYS B 182 57.64 8.02 -16.48
CA LYS B 182 57.68 8.44 -15.09
C LYS B 182 56.31 8.26 -14.49
N THR B 183 56.32 7.89 -13.21
CA THR B 183 55.12 7.84 -12.39
C THR B 183 55.33 8.70 -11.13
N MET B 184 54.36 8.78 -10.24
CA MET B 184 54.51 9.57 -9.02
C MET B 184 53.80 8.95 -7.83
N LYS B 185 54.29 9.26 -6.62
CA LYS B 185 53.62 8.87 -5.40
C LYS B 185 52.48 9.86 -5.14
N PRO B 186 51.28 9.35 -4.81
CA PRO B 186 50.08 10.20 -4.60
C PRO B 186 50.08 10.88 -3.23
N ASP B 187 51.05 11.77 -3.05
CA ASP B 187 51.34 12.43 -1.77
C ASP B 187 51.70 13.88 -2.15
N PRO B 188 51.14 14.88 -1.42
CA PRO B 188 51.44 16.28 -1.78
C PRO B 188 52.95 16.64 -1.87
N GLU B 189 53.73 16.18 -0.89
CA GLU B 189 55.17 16.42 -0.85
C GLU B 189 55.97 15.60 -1.87
N LYS B 190 55.83 14.27 -1.84
CA LYS B 190 56.57 13.40 -2.73
C LYS B 190 56.23 13.55 -4.21
N SER B 191 55.06 14.10 -4.53
CA SER B 191 54.69 14.35 -5.92
C SER B 191 55.46 15.51 -6.57
N LYS B 192 56.06 16.38 -5.76
CA LYS B 192 56.87 17.51 -6.27
C LYS B 192 58.00 17.05 -7.21
N GLU B 193 58.63 15.93 -6.88
CA GLU B 193 59.67 15.30 -7.71
C GLU B 193 59.20 15.09 -9.13
N TYR B 194 57.96 14.64 -9.32
CA TYR B 194 57.40 14.48 -10.67
C TYR B 194 57.22 15.83 -11.39
N PHE B 195 56.64 16.79 -10.70
CA PHE B 195 56.30 18.03 -11.33
C PHE B 195 57.49 18.96 -11.71
N GLY B 196 58.62 18.97 -10.96
CA GLY B 196 59.88 19.66 -11.41
C GLY B 196 60.67 18.87 -12.44
N ALA B 197 60.87 19.40 -13.66
CA ALA B 197 61.83 18.71 -14.62
C ALA B 197 61.38 17.30 -14.94
N GLY C 4 3.06 -16.41 -20.98
CA GLY C 4 2.64 -15.43 -22.04
C GLY C 4 1.13 -15.29 -22.23
N ASP C 5 0.72 -14.67 -23.33
CA ASP C 5 -0.71 -14.32 -23.54
C ASP C 5 -1.33 -14.87 -24.84
N ALA C 6 -0.90 -16.03 -25.31
CA ALA C 6 -1.55 -16.68 -26.43
C ALA C 6 -2.68 -17.52 -25.89
N LYS C 7 -3.90 -17.22 -26.29
CA LYS C 7 -5.05 -17.97 -25.83
C LYS C 7 -5.88 -18.35 -27.07
N LEU C 8 -6.48 -19.53 -27.07
CA LEU C 8 -7.35 -19.94 -28.18
C LEU C 8 -8.56 -19.02 -28.32
N ASN C 9 -8.92 -18.77 -29.58
CA ASN C 9 -9.99 -17.85 -29.95
C ASN C 9 -9.82 -16.40 -29.53
N HIS C 10 -8.61 -16.01 -29.20
CA HIS C 10 -8.27 -14.61 -29.02
C HIS C 10 -7.27 -14.23 -30.07
N PRO C 11 -7.13 -12.93 -30.34
CA PRO C 11 -6.15 -12.52 -31.34
C PRO C 11 -4.80 -13.10 -30.98
N ALA C 12 -4.14 -13.68 -31.95
CA ALA C 12 -2.75 -14.09 -31.76
C ALA C 12 -1.90 -12.91 -31.35
N PRO C 13 -0.97 -13.10 -30.42
CA PRO C 13 -0.06 -11.98 -30.08
C PRO C 13 0.68 -11.44 -31.26
N ASP C 14 0.58 -10.12 -31.39
CA ASP C 14 1.08 -9.39 -32.54
C ASP C 14 2.61 -9.37 -32.50
N PHE C 15 3.25 -9.31 -33.65
CA PHE C 15 4.69 -9.18 -33.74
C PHE C 15 5.06 -8.44 -35.01
N ASN C 16 6.23 -7.83 -34.98
CA ASN C 16 6.77 -7.17 -36.13
C ASN C 16 8.30 -7.17 -35.97
N GLU C 17 8.98 -8.07 -36.65
CA GLU C 17 10.37 -8.35 -36.35
C GLU C 17 11.14 -8.68 -37.61
N THR C 18 12.45 -8.45 -37.54
CA THR C 18 13.35 -8.78 -38.61
C THR C 18 13.34 -10.28 -38.89
N ALA C 19 13.31 -10.63 -40.17
CA ALA C 19 13.32 -12.01 -40.63
C ALA C 19 14.30 -12.18 -41.79
N LEU C 20 14.83 -13.38 -41.95
CA LEU C 20 15.56 -13.75 -43.15
C LEU C 20 14.55 -14.25 -44.17
N MET C 21 14.48 -13.58 -45.30
CA MET C 21 13.50 -13.92 -46.32
C MET C 21 14.09 -14.99 -47.25
N PRO C 22 13.23 -15.67 -48.00
CA PRO C 22 13.72 -16.70 -48.93
C PRO C 22 14.81 -16.23 -49.89
N ASN C 23 14.67 -15.02 -50.41
CA ASN C 23 15.67 -14.47 -51.34
C ASN C 23 16.99 -14.00 -50.70
N GLY C 24 17.21 -14.30 -49.40
CA GLY C 24 18.45 -13.97 -48.73
C GLY C 24 18.53 -12.59 -48.12
N THR C 25 17.48 -11.78 -48.25
CA THR C 25 17.46 -10.44 -47.66
C THR C 25 16.86 -10.40 -46.25
N PHE C 26 17.01 -9.26 -45.59
CA PHE C 26 16.45 -9.04 -44.28
C PHE C 26 15.29 -8.07 -44.43
N LYS C 27 14.16 -8.39 -43.82
CA LYS C 27 12.99 -7.54 -43.88
C LYS C 27 12.15 -7.79 -42.62
N LYS C 28 11.45 -6.76 -42.18
CA LYS C 28 10.49 -6.87 -41.11
C LYS C 28 9.28 -7.63 -41.61
N VAL C 29 8.84 -8.58 -40.81
CA VAL C 29 7.65 -9.35 -41.08
C VAL C 29 6.70 -9.10 -39.92
N ALA C 30 5.47 -8.71 -40.26
CA ALA C 30 4.49 -8.32 -39.27
C ALA C 30 3.33 -9.32 -39.35
N LEU C 31 2.78 -9.69 -38.20
CA LEU C 31 1.65 -10.57 -38.19
C LEU C 31 0.51 -10.05 -39.04
N THR C 32 0.23 -8.77 -38.98
CA THR C 32 -0.87 -8.22 -39.79
C THR C 32 -0.71 -8.43 -41.32
N SER C 33 0.50 -8.69 -41.81
CA SER C 33 0.72 -9.02 -43.24
C SER C 33 -0.01 -10.25 -43.67
N TYR C 34 -0.39 -11.09 -42.71
CA TYR C 34 -0.99 -12.37 -43.03
C TYR C 34 -2.49 -12.32 -42.90
N LYS C 35 -3.04 -11.16 -42.57
CA LYS C 35 -4.52 -10.98 -42.55
C LYS C 35 -5.12 -11.53 -43.82
N GLY C 36 -6.20 -12.27 -43.69
CA GLY C 36 -6.82 -12.92 -44.84
C GLY C 36 -6.27 -14.29 -45.19
N LYS C 37 -5.15 -14.69 -44.60
CA LYS C 37 -4.60 -16.04 -44.79
C LYS C 37 -4.58 -16.84 -43.48
N TRP C 38 -4.51 -18.16 -43.62
CA TRP C 38 -4.14 -19.01 -42.52
C TRP C 38 -2.64 -18.92 -42.37
N LEU C 39 -2.16 -19.07 -41.14
CA LEU C 39 -0.71 -19.05 -40.87
C LEU C 39 -0.34 -20.16 -39.92
N VAL C 40 0.71 -20.88 -40.26
CA VAL C 40 1.34 -21.79 -39.34
C VAL C 40 2.60 -21.13 -38.89
N LEU C 41 2.63 -20.73 -37.63
CA LEU C 41 3.81 -20.11 -37.06
C LEU C 41 4.50 -21.16 -36.24
N PHE C 42 5.77 -21.41 -36.46
CA PHE C 42 6.46 -22.41 -35.64
C PHE C 42 7.84 -21.98 -35.17
N PHE C 43 8.14 -22.33 -33.93
CA PHE C 43 9.35 -21.95 -33.26
C PHE C 43 10.29 -23.12 -33.17
N TYR C 44 11.60 -22.84 -33.15
CA TYR C 44 12.60 -23.88 -32.85
C TYR C 44 13.69 -23.27 -31.97
N PRO C 45 14.43 -24.10 -31.22
CA PRO C 45 15.34 -23.63 -30.20
C PRO C 45 16.54 -22.90 -30.74
N MET C 46 17.29 -23.52 -31.63
CA MET C 46 18.63 -23.00 -31.97
C MET C 46 19.09 -23.32 -33.38
N ASP C 47 19.63 -22.33 -34.05
CA ASP C 47 20.30 -22.57 -35.31
C ASP C 47 21.46 -23.51 -35.10
N PHE C 48 21.84 -24.20 -36.18
CA PHE C 48 22.97 -25.12 -36.22
C PHE C 48 22.86 -26.32 -35.32
N THR C 49 21.64 -26.79 -35.08
CA THR C 49 21.44 -27.99 -34.24
C THR C 49 20.82 -29.14 -35.05
N PHE C 50 19.93 -29.92 -34.47
CA PHE C 50 19.78 -31.32 -34.88
C PHE C 50 18.38 -31.68 -35.33
N VAL C 51 17.42 -31.70 -34.44
CA VAL C 51 16.04 -31.84 -34.88
C VAL C 51 15.68 -30.68 -35.81
N CYS C 52 16.06 -29.48 -35.40
CA CYS C 52 15.55 -28.26 -36.00
C CYS C 52 15.63 -28.21 -37.53
N PRO C 53 16.80 -28.52 -38.12
CA PRO C 53 16.85 -28.45 -39.59
C PRO C 53 15.97 -29.48 -40.29
N THR C 54 15.73 -30.63 -39.67
CA THR C 54 14.84 -31.60 -40.30
C THR C 54 13.43 -31.03 -40.39
N GLU C 55 13.00 -30.28 -39.37
CA GLU C 55 11.68 -29.67 -39.35
C GLU C 55 11.60 -28.51 -40.28
N ILE C 56 12.56 -27.61 -40.16
CA ILE C 56 12.59 -26.42 -41.00
C ILE C 56 12.62 -26.78 -42.50
N CYS C 57 13.47 -27.74 -42.86
CA CYS C 57 13.59 -28.14 -44.26
C CYS C 57 12.32 -28.81 -44.80
N GLN C 58 11.69 -29.66 -43.99
CA GLN C 58 10.40 -30.27 -44.35
C GLN C 58 9.34 -29.20 -44.61
N PHE C 59 9.22 -28.22 -43.75
CA PHE C 59 8.24 -27.16 -43.98
C PHE C 59 8.60 -26.32 -45.20
N SER C 60 9.89 -26.05 -45.43
CA SER C 60 10.33 -25.33 -46.60
C SER C 60 10.05 -26.13 -47.88
N ASP C 61 10.42 -27.41 -47.89
CA ASP C 61 10.17 -28.23 -49.09
C ASP C 61 8.70 -28.35 -49.43
N ARG C 62 7.86 -28.40 -48.40
CA ARG C 62 6.46 -28.60 -48.64
C ARG C 62 5.61 -27.34 -48.56
N VAL C 63 6.19 -26.13 -48.65
CA VAL C 63 5.37 -24.92 -48.50
C VAL C 63 4.14 -24.92 -49.36
N LYS C 64 4.30 -25.43 -50.58
CA LYS C 64 3.27 -25.37 -51.59
C LYS C 64 1.97 -26.09 -51.16
N GLU C 65 2.13 -27.22 -50.49
CA GLU C 65 0.99 -27.95 -49.93
C GLU C 65 0.18 -27.02 -49.04
N PHE C 66 0.86 -26.09 -48.37
CA PHE C 66 0.19 -25.08 -47.55
C PHE C 66 -0.33 -23.87 -48.35
N SER C 67 0.51 -23.29 -49.22
CA SER C 67 0.10 -22.12 -50.05
C SER C 67 -1.11 -22.42 -50.90
N ASP C 68 -1.10 -23.59 -51.53
CA ASP C 68 -2.19 -23.95 -52.41
C ASP C 68 -3.53 -23.93 -51.69
N ILE C 69 -3.57 -24.01 -50.36
CA ILE C 69 -4.85 -23.96 -49.65
C ILE C 69 -4.94 -22.72 -48.80
N GLY C 70 -4.18 -21.70 -49.12
CA GLY C 70 -4.36 -20.40 -48.52
C GLY C 70 -3.72 -20.29 -47.17
N CYS C 71 -2.63 -21.04 -46.97
CA CYS C 71 -1.93 -21.04 -45.69
C CYS C 71 -0.43 -20.79 -45.83
N GLU C 72 0.06 -19.79 -45.12
CA GLU C 72 1.45 -19.46 -45.14
C GLU C 72 2.14 -20.17 -43.99
N VAL C 73 3.46 -20.22 -44.04
CA VAL C 73 4.23 -20.71 -42.94
C VAL C 73 5.42 -19.84 -42.61
N LEU C 74 5.64 -19.71 -41.30
CA LEU C 74 6.64 -18.81 -40.77
C LEU C 74 7.42 -19.47 -39.63
N ALA C 75 8.74 -19.37 -39.67
CA ALA C 75 9.57 -20.01 -38.63
C ALA C 75 10.20 -18.96 -37.73
N CYS C 76 10.62 -19.35 -36.54
CA CYS C 76 11.15 -18.40 -35.61
C CYS C 76 12.05 -19.00 -34.57
N SER C 77 13.14 -18.31 -34.25
CA SER C 77 14.06 -18.70 -33.18
C SER C 77 14.76 -17.51 -32.56
N MET C 78 15.50 -17.80 -31.52
CA MET C 78 16.17 -16.82 -30.73
C MET C 78 17.37 -16.16 -31.47
N ASP C 79 17.84 -16.82 -32.53
CA ASP C 79 19.11 -16.45 -33.17
C ASP C 79 18.97 -15.19 -34.01
N SER C 80 20.08 -14.50 -34.27
CA SER C 80 20.08 -13.35 -35.17
C SER C 80 19.79 -13.74 -36.61
N GLU C 81 19.40 -12.74 -37.39
CA GLU C 81 19.31 -12.86 -38.81
C GLU C 81 20.61 -13.29 -39.51
N TYR C 82 21.74 -12.91 -38.95
CA TYR C 82 23.05 -13.28 -39.48
C TYR C 82 23.36 -14.76 -39.25
N SER C 83 23.02 -15.30 -38.06
CA SER C 83 23.08 -16.74 -37.87
C SER C 83 22.19 -17.44 -38.89
N HIS C 84 20.96 -16.95 -39.08
CA HIS C 84 20.05 -17.57 -40.02
C HIS C 84 20.71 -17.63 -41.41
N LEU C 85 21.20 -16.50 -41.87
CA LEU C 85 21.79 -16.38 -43.18
C LEU C 85 22.95 -17.33 -43.33
N ALA C 86 23.82 -17.38 -42.32
CA ALA C 86 24.95 -18.27 -42.34
C ALA C 86 24.54 -19.73 -42.45
N TRP C 87 23.49 -20.09 -41.73
CA TRP C 87 23.03 -21.47 -41.67
C TRP C 87 22.46 -21.92 -43.04
N THR C 88 21.78 -20.98 -43.67
CA THR C 88 21.32 -21.06 -45.05
C THR C 88 22.43 -21.28 -46.07
N SER C 89 23.64 -20.81 -45.77
CA SER C 89 24.79 -20.92 -46.65
C SER C 89 25.54 -22.21 -46.55
N ILE C 90 25.10 -23.10 -45.68
CA ILE C 90 25.69 -24.41 -45.56
C ILE C 90 24.73 -25.42 -46.15
N GLU C 91 25.27 -26.42 -46.85
CA GLU C 91 24.44 -27.42 -47.54
C GLU C 91 23.78 -28.37 -46.54
N ARG C 92 22.67 -28.96 -46.94
CA ARG C 92 21.91 -29.82 -46.03
C ARG C 92 22.71 -31.01 -45.58
N LYS C 93 23.56 -31.53 -46.44
CA LYS C 93 24.32 -32.73 -46.11
C LYS C 93 25.38 -32.46 -45.04
N ARG C 94 25.71 -31.18 -44.81
CA ARG C 94 26.55 -30.82 -43.66
C ARG C 94 25.77 -30.23 -42.48
N GLY C 95 24.45 -30.43 -42.44
CA GLY C 95 23.64 -29.96 -41.31
C GLY C 95 23.17 -28.54 -41.45
N GLY C 96 23.20 -28.05 -42.69
CA GLY C 96 22.73 -26.72 -43.00
C GLY C 96 21.31 -26.75 -43.45
N LEU C 97 20.81 -25.58 -43.81
CA LEU C 97 19.48 -25.43 -44.32
C LEU C 97 19.42 -25.41 -45.85
N GLY C 98 20.49 -24.94 -46.49
CA GLY C 98 20.41 -24.57 -47.89
C GLY C 98 19.36 -23.48 -48.15
N GLN C 99 18.94 -23.35 -49.41
CA GLN C 99 17.94 -22.35 -49.81
C GLN C 99 16.64 -22.67 -49.08
N MET C 100 15.98 -21.60 -48.63
CA MET C 100 14.70 -21.68 -47.92
C MET C 100 13.55 -21.02 -48.74
N ASN C 101 12.35 -21.62 -48.67
CA ASN C 101 11.15 -21.01 -49.26
C ASN C 101 10.22 -20.38 -48.23
N ILE C 102 10.68 -20.30 -46.98
CA ILE C 102 9.92 -19.66 -45.93
C ILE C 102 10.78 -18.64 -45.20
N PRO C 103 10.15 -17.55 -44.74
CA PRO C 103 10.90 -16.64 -43.93
C PRO C 103 11.21 -17.22 -42.54
N ILE C 104 12.28 -16.76 -41.93
CA ILE C 104 12.64 -17.13 -40.55
C ILE C 104 12.86 -15.89 -39.71
N LEU C 105 11.98 -15.65 -38.74
CA LEU C 105 12.10 -14.53 -37.82
C LEU C 105 13.31 -14.68 -36.91
N ALA C 106 13.94 -13.56 -36.59
CA ALA C 106 15.03 -13.51 -35.62
C ALA C 106 14.57 -12.79 -34.37
N ASP C 107 14.10 -13.56 -33.39
CA ASP C 107 13.49 -13.02 -32.19
C ASP C 107 14.56 -12.72 -31.15
N LYS C 108 15.43 -11.79 -31.46
CA LYS C 108 16.60 -11.51 -30.64
C LYS C 108 16.26 -10.97 -29.27
N THR C 109 15.17 -10.23 -29.12
CA THR C 109 14.75 -9.80 -27.78
C THR C 109 13.96 -10.87 -27.04
N LYS C 110 13.55 -11.93 -27.75
CA LYS C 110 12.76 -13.04 -27.21
C LYS C 110 11.34 -12.67 -26.87
N CYS C 111 10.89 -11.50 -27.32
CA CYS C 111 9.57 -11.01 -26.92
C CYS C 111 8.45 -11.86 -27.60
N ILE C 112 8.72 -12.35 -28.80
CA ILE C 112 7.74 -13.10 -29.51
C ILE C 112 7.52 -14.44 -28.84
N MET C 113 8.58 -15.20 -28.57
CA MET C 113 8.42 -16.48 -27.88
C MET C 113 7.84 -16.32 -26.50
N LYS C 114 8.18 -15.23 -25.80
CA LYS C 114 7.56 -14.96 -24.50
C LYS C 114 6.07 -14.84 -24.67
N SER C 115 5.63 -14.11 -25.67
CA SER C 115 4.22 -13.87 -25.80
C SER C 115 3.42 -15.09 -26.33
N TYR C 116 4.06 -16.02 -27.03
CA TYR C 116 3.42 -17.32 -27.38
C TYR C 116 3.55 -18.37 -26.27
N GLY C 117 4.21 -17.98 -25.18
CA GLY C 117 4.38 -18.88 -24.05
C GLY C 117 5.30 -20.10 -24.28
N VAL C 118 6.34 -19.97 -25.10
CA VAL C 118 7.18 -21.10 -25.41
C VAL C 118 8.63 -20.85 -25.10
N LEU C 119 8.93 -19.84 -24.30
CA LEU C 119 10.29 -19.62 -23.83
C LEU C 119 10.65 -20.64 -22.79
N LYS C 120 11.81 -21.25 -22.95
CA LYS C 120 12.38 -21.98 -21.86
C LYS C 120 13.39 -21.09 -21.13
N GLU C 121 12.94 -20.49 -20.04
CA GLU C 121 13.65 -19.40 -19.40
C GLU C 121 15.05 -19.72 -19.01
N GLU C 122 15.27 -20.91 -18.47
CA GLU C 122 16.60 -21.27 -17.99
C GLU C 122 17.65 -21.26 -19.10
N ASP C 123 17.27 -21.60 -20.33
CA ASP C 123 18.20 -21.70 -21.46
C ASP C 123 18.16 -20.56 -22.47
N GLY C 124 17.09 -19.78 -22.46
CA GLY C 124 16.97 -18.67 -23.40
C GLY C 124 16.53 -19.09 -24.78
N VAL C 125 15.92 -20.25 -24.92
CA VAL C 125 15.52 -20.72 -26.23
C VAL C 125 14.05 -21.07 -26.26
N ALA C 126 13.51 -21.19 -27.47
CA ALA C 126 12.11 -21.62 -27.63
C ALA C 126 11.95 -23.11 -27.63
N TYR C 127 10.90 -23.56 -26.99
CA TYR C 127 10.45 -24.92 -27.17
C TYR C 127 9.87 -25.11 -28.58
N ARG C 128 9.52 -26.33 -28.94
CA ARG C 128 9.00 -26.59 -30.30
C ARG C 128 7.55 -26.25 -30.40
N GLY C 129 7.24 -24.99 -30.30
CA GLY C 129 5.83 -24.57 -30.33
C GLY C 129 5.34 -24.33 -31.74
N LEU C 130 4.15 -24.80 -32.04
CA LEU C 130 3.56 -24.58 -33.35
C LEU C 130 2.16 -24.05 -33.15
N PHE C 131 1.81 -23.00 -33.87
CA PHE C 131 0.51 -22.35 -33.70
C PHE C 131 -0.20 -22.20 -35.04
N ILE C 132 -1.49 -22.45 -35.05
CA ILE C 132 -2.30 -22.24 -36.24
C ILE C 132 -3.20 -21.03 -36.01
N ILE C 133 -2.96 -20.01 -36.82
CA ILE C 133 -3.68 -18.76 -36.76
C ILE C 133 -4.60 -18.66 -38.00
N ASP C 134 -5.85 -18.23 -37.82
CA ASP C 134 -6.81 -18.12 -38.92
C ASP C 134 -6.78 -16.77 -39.62
N PRO C 135 -7.58 -16.59 -40.69
CA PRO C 135 -7.57 -15.31 -41.44
C PRO C 135 -7.99 -14.08 -40.68
N LYS C 136 -8.81 -14.24 -39.66
CA LYS C 136 -9.12 -13.12 -38.79
C LYS C 136 -8.03 -12.88 -37.75
N GLN C 137 -6.98 -13.69 -37.80
CA GLN C 137 -5.81 -13.60 -36.89
C GLN C 137 -6.04 -14.10 -35.46
N ASN C 138 -7.01 -14.98 -35.29
CA ASN C 138 -7.25 -15.59 -34.03
C ASN C 138 -6.53 -16.93 -33.98
N LEU C 139 -6.10 -17.28 -32.79
CA LEU C 139 -5.37 -18.48 -32.58
C LEU C 139 -6.34 -19.66 -32.46
N ARG C 140 -6.08 -20.73 -33.18
CA ARG C 140 -7.00 -21.86 -33.15
C ARG C 140 -6.41 -23.17 -32.72
N GLN C 141 -5.10 -23.30 -32.66
CA GLN C 141 -4.48 -24.59 -32.32
C GLN C 141 -3.12 -24.32 -31.78
N ILE C 142 -2.81 -24.99 -30.66
CA ILE C 142 -1.54 -24.87 -29.98
C ILE C 142 -0.90 -26.24 -29.88
N THR C 143 0.37 -26.34 -30.23
CA THR C 143 1.14 -27.57 -30.08
C THR C 143 2.51 -27.18 -29.52
N VAL C 144 2.94 -27.78 -28.41
CA VAL C 144 4.33 -27.55 -27.93
C VAL C 144 5.03 -28.85 -27.57
N ASN C 145 6.14 -29.16 -28.25
CA ASN C 145 6.94 -30.39 -27.93
C ASN C 145 8.16 -30.00 -27.13
N ASP C 146 8.56 -30.85 -26.18
CA ASP C 146 9.90 -30.76 -25.56
C ASP C 146 10.94 -30.85 -26.67
N LEU C 147 12.16 -30.36 -26.40
CA LEU C 147 13.17 -30.23 -27.45
C LEU C 147 13.57 -31.50 -28.21
N PRO C 148 13.58 -32.67 -27.55
CA PRO C 148 14.18 -33.77 -28.30
C PRO C 148 13.28 -34.49 -29.29
N VAL C 149 12.01 -34.10 -29.36
CA VAL C 149 11.09 -34.77 -30.26
C VAL C 149 10.52 -33.82 -31.28
N GLY C 150 10.79 -34.12 -32.55
CA GLY C 150 10.29 -33.30 -33.64
C GLY C 150 8.79 -33.43 -33.88
N ARG C 151 8.25 -32.43 -34.56
CA ARG C 151 6.83 -32.33 -34.91
C ARG C 151 6.58 -33.05 -36.22
N ASP C 152 5.30 -33.19 -36.58
CA ASP C 152 4.91 -33.87 -37.79
C ASP C 152 4.23 -32.90 -38.72
N VAL C 153 4.82 -32.72 -39.91
CA VAL C 153 4.27 -31.83 -40.89
C VAL C 153 2.94 -32.30 -41.41
N ASP C 154 2.75 -33.62 -41.58
CA ASP C 154 1.46 -34.13 -42.11
C ASP C 154 0.32 -33.80 -41.15
N GLU C 155 0.61 -33.80 -39.85
CA GLU C 155 -0.39 -33.47 -38.87
C GLU C 155 -0.73 -31.98 -38.86
N ALA C 156 0.24 -31.13 -39.09
CA ALA C 156 -0.05 -29.72 -39.19
C ALA C 156 -1.00 -29.45 -40.35
N LEU C 157 -0.71 -30.10 -41.47
CA LEU C 157 -1.49 -29.96 -42.69
C LEU C 157 -2.92 -30.47 -42.48
N ARG C 158 -3.05 -31.61 -41.79
CA ARG C 158 -4.34 -32.18 -41.48
C ARG C 158 -5.17 -31.17 -40.67
N LEU C 159 -4.54 -30.55 -39.68
CA LEU C 159 -5.23 -29.59 -38.84
C LEU C 159 -5.67 -28.37 -39.62
N VAL C 160 -4.80 -27.84 -40.47
CA VAL C 160 -5.19 -26.66 -41.22
C VAL C 160 -6.38 -27.03 -42.10
N LYS C 161 -6.29 -28.18 -42.74
CA LYS C 161 -7.39 -28.60 -43.61
C LYS C 161 -8.70 -28.78 -42.85
N ALA C 162 -8.60 -29.40 -41.67
CA ALA C 162 -9.77 -29.61 -40.83
C ALA C 162 -10.37 -28.29 -40.43
N PHE C 163 -9.54 -27.32 -40.08
CA PHE C 163 -10.09 -26.04 -39.71
C PHE C 163 -10.74 -25.32 -40.87
N GLN C 164 -10.14 -25.42 -42.04
CA GLN C 164 -10.71 -24.82 -43.25
C GLN C 164 -12.04 -25.45 -43.58
N PHE C 165 -12.07 -26.76 -43.46
CA PHE C 165 -13.30 -27.49 -43.70
C PHE C 165 -14.43 -27.04 -42.75
N VAL C 166 -14.08 -26.84 -41.49
CA VAL C 166 -15.09 -26.42 -40.52
C VAL C 166 -15.63 -25.02 -40.83
N GLU C 167 -14.77 -24.07 -41.21
CA GLU C 167 -15.21 -22.71 -41.61
C GLU C 167 -16.13 -22.75 -42.83
N LYS C 168 -15.77 -23.55 -43.82
CA LYS C 168 -16.49 -23.57 -45.06
C LYS C 168 -17.88 -24.19 -44.86
N HIS C 169 -18.00 -25.32 -44.16
CA HIS C 169 -19.24 -26.09 -44.16
C HIS C 169 -20.09 -26.09 -42.87
N GLY C 170 -19.59 -25.45 -41.79
CA GLY C 170 -20.31 -25.46 -40.52
C GLY C 170 -20.51 -26.84 -39.90
N GLU C 171 -19.71 -27.80 -40.33
CA GLU C 171 -19.70 -29.12 -39.71
C GLU C 171 -18.48 -29.25 -38.79
N VAL C 172 -18.37 -30.39 -38.15
CA VAL C 172 -17.40 -30.60 -37.11
C VAL C 172 -16.59 -31.85 -37.50
N CYS C 173 -15.28 -31.83 -37.23
CA CYS C 173 -14.35 -32.90 -37.73
C CYS C 173 -13.99 -33.94 -36.64
N PRO C 174 -14.43 -35.19 -36.82
CA PRO C 174 -14.15 -36.21 -35.82
C PRO C 174 -12.68 -36.54 -35.59
N ALA C 175 -12.43 -37.34 -34.58
CA ALA C 175 -11.08 -37.90 -34.34
C ALA C 175 -10.51 -38.49 -35.62
N ASN C 176 -9.24 -38.21 -35.89
CA ASN C 176 -8.48 -38.80 -37.02
C ASN C 176 -8.95 -38.35 -38.41
N TRP C 177 -9.82 -37.35 -38.48
CA TRP C 177 -10.39 -36.91 -39.75
C TRP C 177 -9.33 -36.61 -40.79
N LYS C 178 -9.53 -37.12 -42.02
CA LYS C 178 -8.68 -36.77 -43.16
C LYS C 178 -9.64 -36.29 -44.23
N PRO C 179 -9.16 -35.48 -45.18
CA PRO C 179 -10.07 -35.10 -46.30
C PRO C 179 -10.80 -36.31 -46.90
N GLY C 180 -12.11 -36.17 -47.09
CA GLY C 180 -12.93 -37.26 -47.58
C GLY C 180 -13.62 -38.13 -46.54
N ASP C 181 -13.24 -38.04 -45.26
CA ASP C 181 -13.94 -38.79 -44.19
C ASP C 181 -15.28 -38.14 -43.83
N LYS C 182 -16.15 -38.92 -43.17
CA LYS C 182 -17.46 -38.47 -42.73
C LYS C 182 -17.28 -37.38 -41.64
N THR C 183 -18.13 -36.36 -41.68
CA THR C 183 -18.23 -35.33 -40.68
C THR C 183 -19.67 -35.26 -40.21
N MET C 184 -19.96 -34.40 -39.23
CA MET C 184 -21.31 -34.31 -38.71
C MET C 184 -21.66 -32.90 -38.31
N LYS C 185 -22.96 -32.61 -38.34
CA LYS C 185 -23.43 -31.34 -37.81
C LYS C 185 -23.51 -31.40 -36.30
N PRO C 186 -22.99 -30.38 -35.61
CA PRO C 186 -23.02 -30.32 -34.14
C PRO C 186 -24.39 -29.96 -33.56
N ASP C 187 -25.34 -30.88 -33.74
CA ASP C 187 -26.76 -30.69 -33.43
C ASP C 187 -27.26 -32.05 -32.93
N PRO C 188 -28.02 -32.06 -31.82
CA PRO C 188 -28.39 -33.37 -31.25
C PRO C 188 -29.13 -34.27 -32.24
N GLU C 189 -30.07 -33.68 -32.98
CA GLU C 189 -30.87 -34.41 -33.97
C GLU C 189 -30.08 -34.79 -35.23
N LYS C 190 -29.51 -33.80 -35.91
CA LYS C 190 -28.77 -34.04 -37.15
C LYS C 190 -27.51 -34.92 -37.01
N SER C 191 -26.95 -35.01 -35.80
CA SER C 191 -25.79 -35.86 -35.57
C SER C 191 -26.11 -37.36 -35.59
N LYS C 192 -27.38 -37.72 -35.43
CA LYS C 192 -27.81 -39.13 -35.43
C LYS C 192 -27.42 -39.85 -36.73
N GLU C 193 -27.52 -39.15 -37.84
CA GLU C 193 -27.13 -39.66 -39.13
C GLU C 193 -25.63 -40.11 -39.17
N TYR C 194 -24.72 -39.41 -38.48
CA TYR C 194 -23.32 -39.88 -38.33
C TYR C 194 -23.22 -41.15 -37.47
N PHE C 195 -23.88 -41.16 -36.33
CA PHE C 195 -23.76 -42.26 -35.39
C PHE C 195 -24.39 -43.62 -35.81
N GLY C 196 -25.54 -43.63 -36.54
CA GLY C 196 -26.10 -44.90 -37.11
C GLY C 196 -25.42 -45.20 -38.42
N ALA C 197 -24.75 -46.34 -38.57
CA ALA C 197 -24.34 -46.79 -39.96
C ALA C 197 -23.37 -45.81 -40.59
N GLY D 4 -3.27 -20.95 -16.43
CA GLY D 4 -2.83 -22.02 -15.46
C GLY D 4 -1.33 -22.22 -15.34
N ASP D 5 -0.90 -23.32 -14.72
CA ASP D 5 0.53 -23.54 -14.38
C ASP D 5 1.13 -24.85 -14.93
N ALA D 6 0.66 -25.32 -16.07
CA ALA D 6 1.31 -26.46 -16.73
C ALA D 6 2.43 -25.94 -17.59
N LYS D 7 3.67 -26.34 -17.28
CA LYS D 7 4.86 -25.90 -18.01
C LYS D 7 5.64 -27.13 -18.40
N LEU D 8 6.21 -27.13 -19.60
CA LEU D 8 7.05 -28.26 -20.00
C LEU D 8 8.25 -28.42 -19.08
N ASN D 9 8.60 -29.68 -18.84
CA ASN D 9 9.68 -30.08 -17.96
C ASN D 9 9.53 -29.63 -16.51
N HIS D 10 8.32 -29.30 -16.09
CA HIS D 10 8.02 -29.11 -14.70
C HIS D 10 7.03 -30.20 -14.32
N PRO D 11 6.91 -30.49 -13.01
CA PRO D 11 5.88 -31.43 -12.60
C PRO D 11 4.50 -31.05 -13.13
N ALA D 12 3.82 -32.00 -13.70
CA ALA D 12 2.45 -31.80 -14.13
C ALA D 12 1.61 -31.40 -12.94
N PRO D 13 0.71 -30.44 -13.12
CA PRO D 13 -0.19 -30.08 -12.01
C PRO D 13 -0.94 -31.27 -11.45
N ASP D 14 -0.84 -31.40 -10.13
CA ASP D 14 -1.34 -32.56 -9.41
C ASP D 14 -2.86 -32.51 -9.38
N PHE D 15 -3.51 -33.66 -9.32
CA PHE D 15 -4.97 -33.73 -9.18
C PHE D 15 -5.34 -34.99 -8.43
N ASN D 16 -6.50 -34.95 -7.80
CA ASN D 16 -7.04 -36.10 -7.13
C ASN D 16 -8.54 -35.94 -7.11
N GLU D 17 -9.24 -36.62 -8.01
CA GLU D 17 -10.63 -36.30 -8.28
C GLU D 17 -11.41 -37.54 -8.59
N THR D 18 -12.71 -37.46 -8.35
CA THR D 18 -13.62 -38.51 -8.69
C THR D 18 -13.63 -38.79 -10.17
N ALA D 19 -13.65 -40.07 -10.53
CA ALA D 19 -13.69 -40.51 -11.90
C ALA D 19 -14.66 -41.67 -12.06
N LEU D 20 -15.22 -41.83 -13.27
CA LEU D 20 -15.96 -43.03 -13.60
C LEU D 20 -14.96 -44.06 -14.12
N MET D 21 -14.88 -45.20 -13.46
CA MET D 21 -13.90 -46.23 -13.82
C MET D 21 -14.50 -47.13 -14.88
N PRO D 22 -13.67 -47.85 -15.63
CA PRO D 22 -14.20 -48.79 -16.64
C PRO D 22 -15.28 -49.75 -16.15
N ASN D 23 -15.15 -50.24 -14.92
CA ASN D 23 -16.13 -51.21 -14.36
C ASN D 23 -17.45 -50.55 -13.90
N GLY D 24 -17.64 -49.26 -14.21
CA GLY D 24 -18.88 -48.57 -13.84
C GLY D 24 -18.95 -47.96 -12.44
N THR D 25 -17.90 -48.12 -11.63
CA THR D 25 -17.86 -47.54 -10.30
C THR D 25 -17.25 -46.12 -10.26
N PHE D 26 -17.37 -45.47 -9.11
CA PHE D 26 -16.79 -44.18 -8.90
C PHE D 26 -15.63 -44.33 -7.95
N LYS D 27 -14.50 -43.72 -8.27
CA LYS D 27 -13.33 -43.79 -7.46
C LYS D 27 -12.47 -42.56 -7.72
N LYS D 28 -11.78 -42.11 -6.68
CA LYS D 28 -10.81 -41.05 -6.80
C LYS D 28 -9.64 -41.59 -7.61
N VAL D 29 -9.18 -40.78 -8.54
CA VAL D 29 -7.99 -41.06 -9.31
C VAL D 29 -7.04 -39.91 -9.03
N ALA D 30 -5.82 -40.26 -8.67
CA ALA D 30 -4.80 -39.28 -8.32
C ALA D 30 -3.69 -39.36 -9.32
N LEU D 31 -3.15 -38.22 -9.72
CA LEU D 31 -2.02 -38.22 -10.59
C LEU D 31 -0.91 -39.14 -10.06
N THR D 32 -0.60 -39.10 -8.77
CA THR D 32 0.54 -39.88 -8.25
C THR D 32 0.36 -41.38 -8.44
N SER D 33 -0.85 -41.86 -8.69
CA SER D 33 -1.07 -43.27 -9.03
C SER D 33 -0.32 -43.70 -10.28
N TYR D 34 0.07 -42.75 -11.13
CA TYR D 34 0.61 -43.07 -12.45
C TYR D 34 2.12 -42.91 -12.43
N LYS D 35 2.67 -42.56 -11.28
CA LYS D 35 4.11 -42.55 -11.11
C LYS D 35 4.74 -43.84 -11.62
N GLY D 36 5.82 -43.74 -12.39
CA GLY D 36 6.42 -44.89 -13.01
C GLY D 36 5.89 -45.23 -14.39
N LYS D 37 4.76 -44.65 -14.78
CA LYS D 37 4.19 -44.84 -16.13
C LYS D 37 4.18 -43.54 -16.93
N TRP D 38 4.07 -43.69 -18.25
CA TRP D 38 3.71 -42.58 -19.10
C TRP D 38 2.20 -42.41 -19.02
N LEU D 39 1.72 -41.17 -19.18
CA LEU D 39 0.29 -40.88 -19.12
C LEU D 39 -0.08 -39.94 -20.22
N VAL D 40 -1.13 -40.29 -20.93
CA VAL D 40 -1.77 -39.35 -21.81
C VAL D 40 -3.04 -38.88 -21.13
N LEU D 41 -3.05 -37.62 -20.74
CA LEU D 41 -4.21 -37.04 -20.11
C LEU D 41 -4.90 -36.19 -21.15
N PHE D 42 -6.19 -36.41 -21.40
CA PHE D 42 -6.88 -35.59 -22.36
C PHE D 42 -8.26 -35.09 -21.93
N PHE D 43 -8.54 -33.85 -22.27
CA PHE D 43 -9.75 -33.14 -21.88
C PHE D 43 -10.70 -33.04 -23.04
N TYR D 44 -11.99 -33.04 -22.75
CA TYR D 44 -13.00 -32.72 -23.77
C TYR D 44 -14.05 -31.82 -23.15
N PRO D 45 -14.76 -31.04 -23.98
CA PRO D 45 -15.68 -30.05 -23.50
C PRO D 45 -16.90 -30.57 -22.77
N MET D 46 -17.66 -31.46 -23.36
CA MET D 46 -19.00 -31.80 -22.83
C MET D 46 -19.47 -33.20 -23.14
N ASP D 47 -19.98 -33.88 -22.13
CA ASP D 47 -20.69 -35.14 -22.38
C ASP D 47 -21.87 -34.93 -23.32
N PHE D 48 -22.26 -35.99 -24.01
CA PHE D 48 -23.41 -36.01 -24.91
C PHE D 48 -23.29 -35.08 -26.11
N THR D 49 -22.07 -34.83 -26.57
CA THR D 49 -21.88 -34.02 -27.79
C THR D 49 -21.28 -34.84 -28.95
N PHE D 50 -20.40 -34.25 -29.74
CA PHE D 50 -20.26 -34.65 -31.16
C PHE D 50 -18.87 -35.13 -31.55
N VAL D 51 -17.90 -34.24 -31.59
CA VAL D 51 -16.52 -34.69 -31.74
C VAL D 51 -16.12 -35.60 -30.54
N CYS D 52 -16.50 -35.20 -29.33
CA CYS D 52 -16.02 -35.84 -28.10
C CYS D 52 -16.13 -37.38 -28.05
N PRO D 53 -17.31 -37.97 -28.32
CA PRO D 53 -17.37 -39.44 -28.32
C PRO D 53 -16.48 -40.12 -29.36
N THR D 54 -16.25 -39.49 -30.49
CA THR D 54 -15.37 -40.10 -31.48
C THR D 54 -13.94 -40.21 -30.97
N GLU D 55 -13.51 -39.20 -30.20
CA GLU D 55 -12.18 -39.21 -29.58
C GLU D 55 -12.11 -40.16 -28.41
N ILE D 56 -13.06 -40.04 -27.50
CA ILE D 56 -13.08 -40.87 -26.33
C ILE D 56 -13.14 -42.37 -26.72
N CYS D 57 -13.99 -42.72 -27.67
CA CYS D 57 -14.15 -44.12 -28.08
C CYS D 57 -12.91 -44.68 -28.77
N GLN D 58 -12.26 -43.88 -29.60
CA GLN D 58 -10.98 -44.24 -30.21
C GLN D 58 -9.92 -44.52 -29.16
N PHE D 59 -9.78 -43.65 -28.17
CA PHE D 59 -8.79 -43.90 -27.11
C PHE D 59 -9.14 -45.13 -26.29
N SER D 60 -10.43 -45.35 -26.04
CA SER D 60 -10.87 -46.52 -25.30
C SER D 60 -10.61 -47.79 -26.11
N ASP D 61 -10.99 -47.80 -27.37
CA ASP D 61 -10.78 -49.00 -28.20
C ASP D 61 -9.30 -49.34 -28.29
N ARG D 62 -8.44 -48.34 -28.29
CA ARG D 62 -7.07 -48.59 -28.57
C ARG D 62 -6.21 -48.50 -27.35
N VAL D 63 -6.79 -48.59 -26.13
CA VAL D 63 -5.94 -48.45 -24.93
C VAL D 63 -4.71 -49.33 -24.96
N LYS D 64 -4.87 -50.54 -25.48
CA LYS D 64 -3.84 -51.57 -25.39
C LYS D 64 -2.59 -51.15 -26.15
N GLU D 65 -2.77 -50.46 -27.28
CA GLU D 65 -1.63 -49.89 -27.99
C GLU D 65 -0.79 -49.01 -27.07
N PHE D 66 -1.45 -48.33 -26.13
CA PHE D 66 -0.75 -47.53 -25.13
C PHE D 66 -0.25 -48.34 -23.94
N SER D 67 -1.09 -49.21 -23.36
CA SER D 67 -0.67 -50.06 -22.20
C SER D 67 0.53 -50.92 -22.50
N ASP D 68 0.50 -51.54 -23.68
CA ASP D 68 1.58 -52.43 -24.06
C ASP D 68 2.93 -51.73 -24.06
N ILE D 69 2.98 -50.41 -24.14
CA ILE D 69 4.24 -49.72 -24.08
C ILE D 69 4.38 -48.89 -22.82
N GLY D 70 3.63 -49.24 -21.77
CA GLY D 70 3.82 -48.62 -20.46
C GLY D 70 3.20 -47.24 -20.35
N CYS D 71 2.11 -47.00 -21.11
CA CYS D 71 1.44 -45.71 -21.10
C CYS D 71 -0.05 -45.87 -20.82
N GLU D 72 -0.53 -45.16 -19.81
CA GLU D 72 -1.93 -45.15 -19.48
C GLU D 72 -2.62 -43.98 -20.19
N VAL D 73 -3.94 -44.04 -20.23
CA VAL D 73 -4.70 -42.93 -20.72
C VAL D 73 -5.88 -42.59 -19.84
N LEU D 74 -6.11 -41.27 -19.71
CA LEU D 74 -7.09 -40.73 -18.79
C LEU D 74 -7.84 -39.59 -19.45
N ALA D 75 -9.17 -39.61 -19.36
CA ALA D 75 -9.99 -38.56 -19.97
C ALA D 75 -10.58 -37.66 -18.88
N CYS D 76 -10.99 -36.45 -19.25
CA CYS D 76 -11.51 -35.53 -18.29
C CYS D 76 -12.41 -34.47 -18.88
N SER D 77 -13.50 -34.16 -18.19
CA SER D 77 -14.39 -33.05 -18.59
C SER D 77 -15.07 -32.39 -17.37
N MET D 78 -15.84 -31.36 -17.64
CA MET D 78 -16.49 -30.63 -16.60
C MET D 78 -17.68 -31.34 -15.96
N ASP D 79 -18.19 -32.38 -16.62
CA ASP D 79 -19.45 -33.00 -16.26
C ASP D 79 -19.31 -33.85 -15.02
N SER D 80 -20.41 -34.12 -14.34
CA SER D 80 -20.38 -35.01 -13.17
C SER D 80 -20.10 -36.46 -13.56
N GLU D 81 -19.70 -37.27 -12.56
CA GLU D 81 -19.66 -38.71 -12.69
C GLU D 81 -20.97 -39.29 -13.19
N TYR D 82 -22.09 -38.72 -12.76
CA TYR D 82 -23.39 -39.27 -13.08
C TYR D 82 -23.71 -39.05 -14.58
N SER D 83 -23.37 -37.88 -15.13
CA SER D 83 -23.43 -37.68 -16.57
C SER D 83 -22.56 -38.71 -17.26
N HIS D 84 -21.34 -38.90 -16.80
CA HIS D 84 -20.45 -39.86 -17.41
C HIS D 84 -21.11 -41.24 -17.47
N LEU D 85 -21.60 -41.69 -16.34
CA LEU D 85 -22.18 -43.00 -16.21
C LEU D 85 -23.36 -43.15 -17.14
N ALA D 86 -24.24 -42.14 -17.15
CA ALA D 86 -25.39 -42.14 -18.06
C ALA D 86 -24.98 -42.24 -19.52
N TRP D 87 -23.94 -41.53 -19.89
CA TRP D 87 -23.49 -41.49 -21.27
C TRP D 87 -22.95 -42.87 -21.72
N THR D 88 -22.28 -43.51 -20.79
CA THR D 88 -21.80 -44.88 -20.87
C THR D 88 -22.90 -45.89 -21.06
N SER D 89 -24.09 -45.57 -20.57
CA SER D 89 -25.24 -46.46 -20.69
C SER D 89 -26.01 -46.35 -21.98
N ILE D 90 -25.59 -45.47 -22.87
CA ILE D 90 -26.21 -45.34 -24.19
C ILE D 90 -25.28 -45.95 -25.23
N GLU D 91 -25.85 -46.64 -26.21
CA GLU D 91 -25.03 -47.32 -27.23
C GLU D 91 -24.37 -46.32 -28.18
N ARG D 92 -23.28 -46.74 -28.79
CA ARG D 92 -22.52 -45.85 -29.66
C ARG D 92 -23.33 -45.35 -30.84
N LYS D 93 -24.22 -46.17 -31.35
CA LYS D 93 -24.96 -45.80 -32.55
C LYS D 93 -26.04 -44.76 -32.24
N ARG D 94 -26.37 -44.56 -30.97
CA ARG D 94 -27.18 -43.41 -30.56
C ARG D 94 -26.34 -42.23 -29.97
N GLY D 95 -25.04 -42.18 -30.20
CA GLY D 95 -24.19 -41.07 -29.75
C GLY D 95 -23.69 -41.25 -28.34
N GLY D 96 -23.74 -42.47 -27.85
CA GLY D 96 -23.26 -42.81 -26.52
C GLY D 96 -21.85 -43.31 -26.58
N LEU D 97 -21.35 -43.64 -25.42
CA LEU D 97 -20.00 -44.15 -25.26
C LEU D 97 -19.92 -45.68 -25.18
N GLY D 98 -20.99 -46.30 -24.69
CA GLY D 98 -20.95 -47.71 -24.38
C GLY D 98 -19.92 -47.99 -23.30
N GLN D 99 -19.52 -49.24 -23.19
CA GLN D 99 -18.49 -49.66 -22.26
C GLN D 99 -17.21 -48.91 -22.57
N MET D 100 -16.53 -48.47 -21.50
CA MET D 100 -15.24 -47.80 -21.57
C MET D 100 -14.09 -48.61 -20.96
N ASN D 101 -12.91 -48.55 -21.58
CA ASN D 101 -11.69 -49.13 -20.99
C ASN D 101 -10.76 -48.14 -20.36
N ILE D 102 -11.21 -46.89 -20.26
CA ILE D 102 -10.41 -45.83 -19.62
C ILE D 102 -11.24 -45.09 -18.60
N PRO D 103 -10.60 -44.63 -17.54
CA PRO D 103 -11.33 -43.85 -16.60
C PRO D 103 -11.61 -42.46 -17.15
N ILE D 104 -12.69 -41.85 -16.67
CA ILE D 104 -13.03 -40.46 -17.03
C ILE D 104 -13.24 -39.63 -15.78
N LEU D 105 -12.36 -38.67 -15.56
CA LEU D 105 -12.46 -37.74 -14.45
C LEU D 105 -13.68 -36.83 -14.58
N ALA D 106 -14.30 -36.49 -13.47
CA ALA D 106 -15.34 -35.50 -13.40
C ALA D 106 -14.82 -34.29 -12.67
N ASP D 107 -14.35 -33.31 -13.44
CA ASP D 107 -13.76 -32.10 -12.91
C ASP D 107 -14.83 -31.05 -12.60
N LYS D 108 -15.69 -31.35 -11.66
CA LYS D 108 -16.83 -30.50 -11.37
C LYS D 108 -16.44 -29.13 -10.86
N THR D 109 -15.36 -28.99 -10.12
CA THR D 109 -14.95 -27.66 -9.66
C THR D 109 -14.18 -26.92 -10.74
N LYS D 110 -13.80 -27.62 -11.81
CA LYS D 110 -13.02 -27.10 -12.90
C LYS D 110 -11.58 -26.76 -12.53
N CYS D 111 -11.12 -27.23 -11.39
CA CYS D 111 -9.78 -26.86 -10.92
C CYS D 111 -8.69 -27.55 -11.77
N ILE D 112 -8.98 -28.74 -12.28
CA ILE D 112 -8.01 -29.46 -13.05
C ILE D 112 -7.79 -28.76 -14.39
N MET D 113 -8.85 -28.48 -15.13
CA MET D 113 -8.71 -27.79 -16.42
C MET D 113 -8.09 -26.42 -16.25
N LYS D 114 -8.43 -25.72 -15.17
CA LYS D 114 -7.79 -24.44 -14.91
C LYS D 114 -6.30 -24.64 -14.83
N SER D 115 -5.86 -25.64 -14.10
CA SER D 115 -4.43 -25.77 -13.85
C SER D 115 -3.67 -26.28 -15.10
N TYR D 116 -4.31 -27.00 -16.01
CA TYR D 116 -3.71 -27.34 -17.30
C TYR D 116 -3.82 -26.23 -18.34
N GLY D 117 -4.48 -25.15 -17.98
CA GLY D 117 -4.63 -24.02 -18.88
C GLY D 117 -5.56 -24.24 -20.06
N VAL D 118 -6.60 -25.04 -19.91
CA VAL D 118 -7.45 -25.34 -21.05
C VAL D 118 -8.92 -25.02 -20.77
N LEU D 119 -9.20 -24.21 -19.76
CA LEU D 119 -10.56 -23.75 -19.51
C LEU D 119 -10.92 -22.70 -20.53
N LYS D 120 -12.09 -22.85 -21.12
CA LYS D 120 -12.68 -21.76 -21.85
C LYS D 120 -13.65 -21.00 -20.94
N GLU D 121 -13.15 -19.91 -20.38
CA GLU D 121 -13.80 -19.23 -19.27
C GLU D 121 -15.22 -18.83 -19.59
N GLU D 122 -15.46 -18.30 -20.79
CA GLU D 122 -16.79 -17.81 -21.13
C GLU D 122 -17.86 -18.93 -21.11
N ASP D 123 -17.50 -20.17 -21.44
CA ASP D 123 -18.45 -21.25 -21.52
C ASP D 123 -18.42 -22.23 -20.38
N GLY D 124 -17.33 -22.24 -19.61
CA GLY D 124 -17.20 -23.19 -18.51
C GLY D 124 -16.77 -24.59 -18.94
N VAL D 125 -16.18 -24.73 -20.11
CA VAL D 125 -15.82 -26.03 -20.58
C VAL D 125 -14.36 -26.10 -20.94
N ALA D 126 -13.84 -27.32 -21.07
CA ALA D 126 -12.43 -27.49 -21.49
C ALA D 126 -12.28 -27.51 -23.00
N TYR D 127 -11.24 -26.86 -23.48
CA TYR D 127 -10.77 -27.06 -24.83
C TYR D 127 -10.21 -28.47 -25.00
N ARG D 128 -9.88 -28.84 -26.22
CA ARG D 128 -9.41 -30.21 -26.51
C ARG D 128 -7.93 -30.28 -26.20
N GLY D 129 -7.60 -30.22 -24.95
CA GLY D 129 -6.20 -30.27 -24.53
C GLY D 129 -5.76 -31.71 -24.33
N LEU D 130 -4.58 -32.05 -24.80
CA LEU D 130 -3.99 -33.36 -24.54
C LEU D 130 -2.57 -33.20 -24.06
N PHE D 131 -2.20 -33.92 -23.02
CA PHE D 131 -0.92 -33.71 -22.37
C PHE D 131 -0.20 -35.02 -22.20
N ILE D 132 1.12 -35.04 -22.43
CA ILE D 132 1.92 -36.26 -22.25
C ILE D 132 2.86 -36.08 -21.09
N ILE D 133 2.63 -36.90 -20.09
CA ILE D 133 3.33 -36.84 -18.83
C ILE D 133 4.19 -38.08 -18.69
N ASP D 134 5.45 -37.89 -18.29
CA ASP D 134 6.39 -38.99 -18.21
C ASP D 134 6.40 -39.70 -16.84
N PRO D 135 7.25 -40.74 -16.67
CA PRO D 135 7.18 -41.52 -15.43
C PRO D 135 7.62 -40.77 -14.19
N LYS D 136 8.44 -39.78 -14.36
CA LYS D 136 8.78 -38.92 -13.20
C LYS D 136 7.69 -37.87 -12.94
N GLN D 137 6.62 -37.87 -13.76
CA GLN D 137 5.50 -36.97 -13.64
C GLN D 137 5.76 -35.54 -14.10
N ASN D 138 6.70 -35.39 -15.02
CA ASN D 138 6.92 -34.12 -15.68
C ASN D 138 6.21 -34.05 -17.01
N LEU D 139 5.78 -32.85 -17.34
CA LEU D 139 5.04 -32.63 -18.55
C LEU D 139 6.01 -32.52 -19.74
N ARG D 140 5.74 -33.26 -20.81
CA ARG D 140 6.63 -33.24 -21.94
C ARG D 140 6.02 -32.81 -23.27
N GLN D 141 4.71 -32.74 -23.37
CA GLN D 141 4.09 -32.37 -24.65
C GLN D 141 2.74 -31.79 -24.38
N ILE D 142 2.45 -30.68 -25.02
CA ILE D 142 1.16 -30.01 -24.90
C ILE D 142 0.50 -29.89 -26.26
N THR D 143 -0.77 -30.24 -26.35
CA THR D 143 -1.57 -30.10 -27.57
C THR D 143 -2.94 -29.53 -27.20
N VAL D 144 -3.35 -28.40 -27.77
CA VAL D 144 -4.71 -27.91 -27.53
C VAL D 144 -5.43 -27.51 -28.84
N ASN D 145 -6.54 -28.19 -29.16
CA ASN D 145 -7.36 -27.84 -30.34
C ASN D 145 -8.58 -27.02 -29.94
N ASP D 146 -8.97 -26.06 -30.77
CA ASP D 146 -10.29 -25.42 -30.66
C ASP D 146 -11.35 -26.54 -30.74
N LEU D 147 -12.56 -26.24 -30.25
CA LEU D 147 -13.59 -27.28 -30.09
C LEU D 147 -14.03 -28.04 -31.38
N PRO D 148 -14.08 -27.36 -32.52
CA PRO D 148 -14.69 -28.10 -33.63
C PRO D 148 -13.77 -29.09 -34.37
N VAL D 149 -12.49 -29.17 -34.01
CA VAL D 149 -11.58 -30.10 -34.66
C VAL D 149 -11.02 -31.14 -33.72
N GLY D 150 -11.29 -32.40 -34.02
CA GLY D 150 -10.79 -33.49 -33.23
C GLY D 150 -9.31 -33.76 -33.36
N ARG D 151 -8.78 -34.45 -32.36
CA ARG D 151 -7.37 -34.81 -32.29
C ARG D 151 -7.12 -36.12 -33.05
N ASP D 152 -5.85 -36.48 -33.23
CA ASP D 152 -5.47 -37.72 -33.90
C ASP D 152 -4.77 -38.67 -32.91
N VAL D 153 -5.37 -39.83 -32.71
CA VAL D 153 -4.84 -40.83 -31.82
C VAL D 153 -3.51 -41.38 -32.31
N ASP D 154 -3.37 -41.55 -33.62
CA ASP D 154 -2.08 -42.07 -34.16
C ASP D 154 -0.92 -41.13 -33.84
N GLU D 155 -1.19 -39.83 -33.82
CA GLU D 155 -0.18 -38.86 -33.50
C GLU D 155 0.18 -38.86 -32.01
N ALA D 156 -0.80 -39.09 -31.16
CA ALA D 156 -0.50 -39.18 -29.76
C ALA D 156 0.43 -40.35 -29.49
N LEU D 157 0.15 -41.46 -30.16
CA LEU D 157 0.92 -42.70 -30.03
C LEU D 157 2.33 -42.51 -30.55
N ARG D 158 2.45 -41.81 -31.68
CA ARG D 158 3.75 -41.52 -32.25
C ARG D 158 4.60 -40.75 -31.23
N LEU D 159 3.99 -39.76 -30.60
CA LEU D 159 4.70 -38.90 -29.65
C LEU D 159 5.15 -39.67 -28.43
N VAL D 160 4.29 -40.49 -27.90
CA VAL D 160 4.67 -41.26 -26.73
C VAL D 160 5.86 -42.14 -27.12
N LYS D 161 5.75 -42.79 -28.29
CA LYS D 161 6.83 -43.67 -28.72
C LYS D 161 8.14 -42.93 -28.90
N ALA D 162 8.04 -41.75 -29.50
CA ALA D 162 9.22 -40.93 -29.71
C ALA D 162 9.85 -40.57 -28.36
N PHE D 163 9.04 -40.23 -27.39
CA PHE D 163 9.60 -39.82 -26.12
C PHE D 163 10.22 -40.97 -25.40
N GLN D 164 9.59 -42.12 -25.48
CA GLN D 164 10.17 -43.33 -24.93
C GLN D 164 11.52 -43.66 -25.59
N PHE D 165 11.57 -43.52 -26.91
CA PHE D 165 12.77 -43.80 -27.65
C PHE D 165 13.91 -42.90 -27.21
N VAL D 166 13.60 -41.64 -26.99
CA VAL D 166 14.59 -40.68 -26.59
C VAL D 166 15.16 -41.00 -25.21
N GLU D 167 14.29 -41.36 -24.25
CA GLU D 167 14.74 -41.75 -22.88
C GLU D 167 15.64 -42.96 -22.95
N LYS D 168 15.25 -43.93 -23.75
CA LYS D 168 15.96 -45.20 -23.78
C LYS D 168 17.36 -45.04 -24.40
N HIS D 169 17.47 -44.34 -25.52
CA HIS D 169 18.71 -44.36 -26.30
C HIS D 169 19.58 -43.09 -26.27
N GLY D 170 19.12 -42.00 -25.64
CA GLY D 170 19.85 -40.71 -25.66
C GLY D 170 20.02 -40.08 -27.04
N GLU D 171 19.21 -40.51 -28.01
CA GLU D 171 19.21 -39.92 -29.34
C GLU D 171 17.98 -39.01 -29.46
N VAL D 172 17.89 -38.37 -30.58
CA VAL D 172 16.94 -37.29 -30.78
C VAL D 172 16.09 -37.67 -32.02
N CYS D 173 14.78 -37.39 -31.99
CA CYS D 173 13.82 -37.85 -33.03
C CYS D 173 13.47 -36.76 -34.06
N PRO D 174 13.88 -36.94 -35.33
CA PRO D 174 13.63 -35.93 -36.34
C PRO D 174 12.16 -35.68 -36.65
N ALA D 175 11.91 -34.67 -37.46
CA ALA D 175 10.59 -34.41 -37.99
C ALA D 175 10.00 -35.69 -38.57
N ASN D 176 8.72 -35.93 -38.29
CA ASN D 176 7.94 -37.04 -38.88
C ASN D 176 8.41 -38.44 -38.47
N TRP D 177 9.30 -38.51 -37.48
CA TRP D 177 9.84 -39.80 -37.03
C TRP D 177 8.74 -40.82 -36.75
N LYS D 178 8.92 -42.04 -37.26
CA LYS D 178 8.07 -43.20 -36.89
C LYS D 178 9.00 -44.27 -36.42
N PRO D 179 8.53 -45.22 -35.60
CA PRO D 179 9.42 -46.36 -35.24
C PRO D 179 10.12 -46.94 -36.47
N GLY D 180 11.44 -47.15 -36.35
CA GLY D 180 12.23 -47.68 -37.47
C GLY D 180 12.91 -46.65 -38.33
N ASP D 181 12.56 -45.37 -38.22
CA ASP D 181 13.29 -44.30 -38.94
C ASP D 181 14.66 -43.99 -38.30
N LYS D 182 15.52 -43.34 -39.08
CA LYS D 182 16.82 -42.90 -38.62
C LYS D 182 16.66 -41.79 -37.55
N THR D 183 17.50 -41.85 -36.52
CA THR D 183 17.63 -40.83 -35.50
C THR D 183 19.07 -40.36 -35.45
N MET D 184 19.39 -39.41 -34.59
CA MET D 184 20.76 -38.88 -34.52
C MET D 184 21.15 -38.50 -33.13
N LYS D 185 22.45 -38.53 -32.88
CA LYS D 185 22.98 -38.07 -31.60
C LYS D 185 23.09 -36.56 -31.65
N PRO D 186 22.62 -35.88 -30.60
CA PRO D 186 22.62 -34.40 -30.56
C PRO D 186 24.02 -33.82 -30.24
N ASP D 187 24.94 -34.01 -31.18
CA ASP D 187 26.35 -33.68 -31.04
C ASP D 187 26.80 -33.16 -32.42
N PRO D 188 27.54 -32.03 -32.46
CA PRO D 188 27.93 -31.48 -33.77
C PRO D 188 28.65 -32.48 -34.68
N GLU D 189 29.61 -33.22 -34.13
CA GLU D 189 30.38 -34.24 -34.87
C GLU D 189 29.58 -35.51 -35.22
N LYS D 190 29.05 -36.18 -34.21
CA LYS D 190 28.27 -37.41 -34.44
C LYS D 190 26.99 -37.25 -35.27
N SER D 191 26.45 -36.04 -35.37
CA SER D 191 25.25 -35.80 -36.19
C SER D 191 25.53 -35.83 -37.70
N LYS D 192 26.79 -35.67 -38.10
CA LYS D 192 27.18 -35.67 -39.52
C LYS D 192 26.75 -36.97 -40.22
N GLU D 193 26.85 -38.10 -39.50
CA GLU D 193 26.37 -39.41 -40.00
C GLU D 193 24.91 -39.37 -40.47
N TYR D 194 24.03 -38.69 -39.72
CA TYR D 194 22.64 -38.51 -40.14
C TYR D 194 22.52 -37.66 -41.41
N PHE D 195 23.23 -36.53 -41.44
CA PHE D 195 23.06 -35.58 -42.53
C PHE D 195 23.63 -36.05 -43.90
N GLY D 196 24.66 -36.92 -43.93
CA GLY D 196 24.93 -37.78 -45.14
C GLY D 196 23.83 -38.87 -45.29
N ALA D 197 22.68 -38.46 -45.85
CA ALA D 197 21.30 -39.14 -45.92
C ALA D 197 20.13 -38.44 -45.12
N GLY E 4 -22.36 -14.93 -2.00
CA GLY E 4 -22.97 -14.17 -3.12
C GLY E 4 -23.75 -12.92 -2.71
N ASP E 5 -24.54 -12.37 -3.61
CA ASP E 5 -25.21 -11.06 -3.38
C ASP E 5 -26.75 -11.06 -3.48
N ALA E 6 -27.42 -12.16 -3.16
CA ALA E 6 -28.87 -12.19 -3.15
C ALA E 6 -29.30 -11.73 -1.79
N LYS E 7 -30.03 -10.63 -1.72
CA LYS E 7 -30.49 -10.04 -0.48
C LYS E 7 -32.00 -9.82 -0.60
N LEU E 8 -32.74 -10.03 0.47
CA LEU E 8 -34.17 -9.76 0.44
C LEU E 8 -34.43 -8.28 0.21
N ASN E 9 -35.49 -8.02 -0.54
CA ASN E 9 -35.91 -6.68 -0.94
C ASN E 9 -34.88 -5.91 -1.72
N HIS E 10 -33.90 -6.58 -2.31
CA HIS E 10 -33.07 -5.98 -3.33
C HIS E 10 -33.35 -6.68 -4.63
N PRO E 11 -32.97 -6.05 -5.73
CA PRO E 11 -33.14 -6.75 -7.01
C PRO E 11 -32.48 -8.11 -6.99
N ALA E 12 -33.18 -9.12 -7.45
CA ALA E 12 -32.59 -10.42 -7.64
C ALA E 12 -31.41 -10.39 -8.58
N PRO E 13 -30.33 -11.11 -8.28
CA PRO E 13 -29.17 -11.08 -9.19
C PRO E 13 -29.56 -11.52 -10.58
N ASP E 14 -29.16 -10.68 -11.52
CA ASP E 14 -29.56 -10.79 -12.92
C ASP E 14 -28.84 -11.99 -13.55
N PHE E 15 -29.44 -12.61 -14.55
CA PHE E 15 -28.80 -13.68 -15.25
C PHE E 15 -29.34 -13.70 -16.66
N ASN E 16 -28.53 -14.25 -17.56
CA ASN E 16 -28.93 -14.46 -18.93
C ASN E 16 -28.12 -15.62 -19.46
N GLU E 17 -28.72 -16.81 -19.50
CA GLU E 17 -27.95 -18.04 -19.70
C GLU E 17 -28.72 -19.03 -20.52
N THR E 18 -27.97 -19.92 -21.17
CA THR E 18 -28.55 -20.98 -21.96
C THR E 18 -29.39 -21.89 -21.11
N ALA E 19 -30.55 -22.29 -21.63
CA ALA E 19 -31.48 -23.20 -20.95
C ALA E 19 -32.01 -24.23 -21.92
N LEU E 20 -32.39 -25.38 -21.40
CA LEU E 20 -33.18 -26.31 -22.17
C LEU E 20 -34.65 -25.94 -22.02
N MET E 21 -35.31 -25.63 -23.13
CA MET E 21 -36.70 -25.22 -23.08
C MET E 21 -37.61 -26.45 -23.14
N PRO E 22 -38.87 -26.29 -22.73
CA PRO E 22 -39.83 -27.43 -22.80
C PRO E 22 -39.89 -28.14 -24.16
N ASN E 23 -39.81 -27.38 -25.26
CA ASN E 23 -39.91 -27.97 -26.60
C ASN E 23 -38.64 -28.65 -27.08
N GLY E 24 -37.65 -28.81 -26.18
CA GLY E 24 -36.40 -29.50 -26.53
C GLY E 24 -35.30 -28.64 -27.11
N THR E 25 -35.54 -27.36 -27.34
CA THR E 25 -34.53 -26.46 -27.92
C THR E 25 -33.67 -25.80 -26.86
N PHE E 26 -32.62 -25.13 -27.32
CA PHE E 26 -31.75 -24.38 -26.45
C PHE E 26 -31.93 -22.91 -26.73
N LYS E 27 -32.10 -22.13 -25.67
CA LYS E 27 -32.35 -20.71 -25.80
C LYS E 27 -31.81 -20.01 -24.54
N LYS E 28 -31.33 -18.78 -24.71
CA LYS E 28 -31.02 -17.90 -23.60
C LYS E 28 -32.29 -17.46 -22.88
N VAL E 29 -32.26 -17.57 -21.56
CA VAL E 29 -33.34 -17.14 -20.73
C VAL E 29 -32.73 -16.09 -19.85
N ALA E 30 -33.40 -14.95 -19.80
CA ALA E 30 -32.92 -13.81 -19.04
C ALA E 30 -33.92 -13.54 -17.91
N LEU E 31 -33.41 -13.20 -16.74
CA LEU E 31 -34.27 -12.79 -15.69
C LEU E 31 -35.30 -11.71 -16.12
N THR E 32 -34.87 -10.69 -16.87
CA THR E 32 -35.78 -9.61 -17.24
C THR E 32 -36.99 -10.07 -18.06
N SER E 33 -36.94 -11.26 -18.65
CA SER E 33 -38.10 -11.84 -19.34
C SER E 33 -39.27 -12.06 -18.42
N TYR E 34 -39.02 -12.11 -17.11
CA TYR E 34 -40.08 -12.46 -16.15
C TYR E 34 -40.63 -11.22 -15.48
N LYS E 35 -40.11 -10.05 -15.85
CA LYS E 35 -40.65 -8.81 -15.33
C LYS E 35 -42.17 -8.84 -15.46
N GLY E 36 -42.88 -8.42 -14.42
CA GLY E 36 -44.32 -8.43 -14.41
C GLY E 36 -44.93 -9.71 -13.89
N LYS E 37 -44.13 -10.75 -13.73
CA LYS E 37 -44.59 -11.98 -13.13
C LYS E 37 -43.87 -12.29 -11.81
N TRP E 38 -44.48 -13.15 -11.01
CA TRP E 38 -43.77 -13.80 -9.93
C TRP E 38 -42.90 -14.90 -10.56
N LEU E 39 -41.76 -15.18 -9.95
CA LEU E 39 -40.90 -16.27 -10.37
C LEU E 39 -40.42 -17.10 -9.21
N VAL E 40 -40.54 -18.42 -9.36
CA VAL E 40 -39.89 -19.36 -8.43
C VAL E 40 -38.70 -19.91 -9.14
N LEU E 41 -37.52 -19.50 -8.71
CA LEU E 41 -36.27 -19.97 -9.28
C LEU E 41 -35.74 -21.01 -8.36
N PHE E 42 -35.46 -22.21 -8.85
CA PHE E 42 -34.89 -23.24 -7.96
C PHE E 42 -33.71 -24.02 -8.52
N PHE E 43 -32.73 -24.27 -7.67
CA PHE E 43 -31.46 -24.91 -8.04
C PHE E 43 -31.42 -26.32 -7.55
N TYR E 44 -30.71 -27.18 -8.26
CA TYR E 44 -30.49 -28.56 -7.80
C TYR E 44 -29.08 -28.93 -8.16
N PRO E 45 -28.49 -29.93 -7.47
CA PRO E 45 -27.09 -30.22 -7.56
C PRO E 45 -26.67 -30.83 -8.88
N MET E 46 -27.30 -31.94 -9.29
CA MET E 46 -26.76 -32.72 -10.43
C MET E 46 -27.81 -33.47 -11.22
N ASP E 47 -27.70 -33.39 -12.54
CA ASP E 47 -28.53 -34.25 -13.40
C ASP E 47 -28.21 -35.71 -13.12
N PHE E 48 -29.17 -36.55 -13.42
CA PHE E 48 -29.06 -38.00 -13.26
C PHE E 48 -28.85 -38.48 -11.83
N THR E 49 -29.38 -37.75 -10.86
CA THR E 49 -29.33 -38.19 -9.48
C THR E 49 -30.74 -38.50 -8.91
N PHE E 50 -30.99 -38.20 -7.64
CA PHE E 50 -31.96 -38.98 -6.84
C PHE E 50 -33.13 -38.18 -6.27
N VAL E 51 -32.87 -37.28 -5.32
CA VAL E 51 -33.87 -36.32 -4.94
C VAL E 51 -34.29 -35.44 -6.13
N CYS E 52 -33.30 -34.96 -6.88
CA CYS E 52 -33.49 -33.94 -7.91
C CYS E 52 -34.65 -34.20 -8.89
N PRO E 53 -34.70 -35.37 -9.54
CA PRO E 53 -35.84 -35.60 -10.45
C PRO E 53 -37.21 -35.59 -9.77
N THR E 54 -37.30 -36.01 -8.51
CA THR E 54 -38.59 -35.98 -7.83
C THR E 54 -39.07 -34.53 -7.68
N GLU E 55 -38.14 -33.60 -7.43
CA GLU E 55 -38.44 -32.18 -7.29
C GLU E 55 -38.75 -31.56 -8.64
N ILE E 56 -37.86 -31.78 -9.62
CA ILE E 56 -38.04 -31.20 -10.95
C ILE E 56 -39.33 -31.66 -11.61
N CYS E 57 -39.65 -32.95 -11.49
CA CYS E 57 -40.87 -33.50 -12.07
C CYS E 57 -42.15 -32.94 -11.41
N GLN E 58 -42.14 -32.83 -10.09
CA GLN E 58 -43.26 -32.25 -9.35
C GLN E 58 -43.53 -30.81 -9.81
N PHE E 59 -42.48 -29.99 -9.91
CA PHE E 59 -42.69 -28.64 -10.36
C PHE E 59 -43.18 -28.61 -11.81
N SER E 60 -42.67 -29.49 -12.67
CA SER E 60 -43.10 -29.55 -14.05
C SER E 60 -44.55 -30.00 -14.14
N ASP E 61 -44.92 -31.05 -13.42
CA ASP E 61 -46.32 -31.52 -13.45
C ASP E 61 -47.28 -30.45 -12.98
N ARG E 62 -46.87 -29.65 -12.02
CA ARG E 62 -47.76 -28.72 -11.42
C ARG E 62 -47.55 -27.31 -11.86
N VAL E 63 -46.86 -27.06 -12.98
CA VAL E 63 -46.62 -25.68 -13.38
C VAL E 63 -47.89 -24.84 -13.36
N LYS E 64 -49.00 -25.44 -13.78
CA LYS E 64 -50.25 -24.68 -14.01
C LYS E 64 -50.77 -24.06 -12.70
N GLU E 65 -50.61 -24.77 -11.58
CA GLU E 65 -50.96 -24.24 -10.27
C GLU E 65 -50.24 -22.94 -10.02
N PHE E 66 -49.04 -22.82 -10.57
CA PHE E 66 -48.28 -21.58 -10.52
C PHE E 66 -48.65 -20.56 -11.61
N SER E 67 -48.73 -21.00 -12.87
CA SER E 67 -49.11 -20.08 -13.98
C SER E 67 -50.47 -19.43 -13.75
N ASP E 68 -51.44 -20.21 -13.30
CA ASP E 68 -52.79 -19.71 -13.11
C ASP E 68 -52.82 -18.53 -12.15
N ILE E 69 -51.81 -18.36 -11.30
CA ILE E 69 -51.78 -17.25 -10.41
C ILE E 69 -50.61 -16.32 -10.72
N GLY E 70 -50.14 -16.33 -11.96
CA GLY E 70 -49.22 -15.31 -12.43
C GLY E 70 -47.79 -15.57 -11.98
N CYS E 71 -47.45 -16.85 -11.77
CA CYS E 71 -46.13 -17.20 -11.34
C CYS E 71 -45.49 -18.22 -12.25
N GLU E 72 -44.31 -17.92 -12.72
CA GLU E 72 -43.53 -18.86 -13.50
C GLU E 72 -42.58 -19.68 -12.63
N VAL E 73 -42.06 -20.76 -13.19
CA VAL E 73 -41.03 -21.49 -12.52
C VAL E 73 -39.89 -21.86 -13.41
N LEU E 74 -38.69 -21.80 -12.81
CA LEU E 74 -37.44 -21.98 -13.53
C LEU E 74 -36.44 -22.81 -12.73
N ALA E 75 -35.84 -23.80 -13.35
CA ALA E 75 -34.90 -24.68 -12.67
C ALA E 75 -33.48 -24.44 -13.15
N CYS E 76 -32.48 -24.84 -12.37
CA CYS E 76 -31.11 -24.55 -12.69
C CYS E 76 -30.13 -25.49 -12.01
N SER E 77 -29.11 -25.89 -12.74
CA SER E 77 -28.02 -26.71 -12.21
C SER E 77 -26.73 -26.47 -12.96
N MET E 78 -25.70 -27.11 -12.50
CA MET E 78 -24.35 -26.92 -12.97
C MET E 78 -24.11 -27.61 -14.34
N ASP E 79 -25.02 -28.52 -14.70
CA ASP E 79 -24.81 -29.38 -15.86
C ASP E 79 -25.05 -28.66 -17.18
N SER E 80 -24.49 -29.18 -18.26
CA SER E 80 -24.72 -28.59 -19.58
C SER E 80 -26.16 -28.78 -20.06
N GLU E 81 -26.53 -27.98 -21.09
CA GLU E 81 -27.77 -28.21 -21.82
C GLU E 81 -27.89 -29.62 -22.32
N TYR E 82 -26.77 -30.19 -22.75
CA TYR E 82 -26.78 -31.49 -23.40
C TYR E 82 -27.08 -32.58 -22.37
N SER E 83 -26.51 -32.46 -21.17
CA SER E 83 -26.93 -33.34 -20.08
C SER E 83 -28.44 -33.19 -19.82
N HIS E 84 -28.93 -31.96 -19.77
CA HIS E 84 -30.33 -31.73 -19.53
C HIS E 84 -31.17 -32.48 -20.57
N LEU E 85 -30.85 -32.25 -21.84
CA LEU E 85 -31.59 -32.82 -22.94
C LEU E 85 -31.58 -34.34 -22.82
N ALA E 86 -30.39 -34.90 -22.57
CA ALA E 86 -30.27 -36.34 -22.45
C ALA E 86 -31.16 -36.87 -21.33
N TRP E 87 -31.22 -36.15 -20.22
CA TRP E 87 -31.92 -36.62 -19.05
C TRP E 87 -33.44 -36.62 -19.32
N THR E 88 -33.85 -35.62 -20.04
CA THR E 88 -35.17 -35.48 -20.63
C THR E 88 -35.58 -36.64 -21.56
N SER E 89 -34.59 -37.27 -22.20
CA SER E 89 -34.84 -38.38 -23.11
C SER E 89 -34.95 -39.73 -22.46
N ILE E 90 -34.79 -39.80 -21.14
CA ILE E 90 -34.98 -41.04 -20.42
C ILE E 90 -36.30 -40.97 -19.68
N GLU E 91 -37.02 -42.08 -19.64
CA GLU E 91 -38.33 -42.13 -18.99
C GLU E 91 -38.22 -42.02 -17.45
N ARG E 92 -39.28 -41.55 -16.82
CA ARG E 92 -39.25 -41.33 -15.39
C ARG E 92 -39.02 -42.60 -14.62
N LYS E 93 -39.55 -43.72 -15.13
CA LYS E 93 -39.41 -44.96 -14.39
C LYS E 93 -37.98 -45.51 -14.38
N ARG E 94 -37.15 -45.02 -15.29
CA ARG E 94 -35.71 -45.30 -15.24
C ARG E 94 -34.90 -44.15 -14.61
N GLY E 95 -35.52 -43.23 -13.87
CA GLY E 95 -34.79 -42.13 -13.20
C GLY E 95 -34.56 -40.93 -14.08
N GLY E 96 -35.32 -40.84 -15.17
CA GLY E 96 -35.22 -39.71 -16.07
C GLY E 96 -36.25 -38.64 -15.76
N LEU E 97 -36.26 -37.61 -16.56
CA LEU E 97 -37.20 -36.51 -16.44
C LEU E 97 -38.43 -36.62 -17.36
N GLY E 98 -38.26 -37.29 -18.52
CA GLY E 98 -39.26 -37.26 -19.53
C GLY E 98 -39.46 -35.85 -20.04
N GLN E 99 -40.59 -35.62 -20.71
CA GLN E 99 -40.95 -34.28 -21.19
C GLN E 99 -41.11 -33.34 -19.97
N MET E 100 -40.58 -32.12 -20.15
CA MET E 100 -40.66 -31.05 -19.18
C MET E 100 -41.58 -29.87 -19.63
N ASN E 101 -42.32 -29.26 -18.68
CA ASN E 101 -43.06 -28.01 -18.91
C ASN E 101 -42.40 -26.77 -18.38
N ILE E 102 -41.15 -26.89 -17.90
CA ILE E 102 -40.39 -25.77 -17.39
C ILE E 102 -39.01 -25.73 -18.01
N PRO E 103 -38.48 -24.54 -18.21
CA PRO E 103 -37.13 -24.49 -18.67
C PRO E 103 -36.13 -24.88 -17.58
N ILE E 104 -34.96 -25.34 -17.99
CA ILE E 104 -33.87 -25.63 -17.08
C ILE E 104 -32.60 -24.97 -17.52
N LEU E 105 -32.14 -24.00 -16.74
CA LEU E 105 -30.89 -23.31 -17.02
C LEU E 105 -29.68 -24.25 -16.90
N ALA E 106 -28.68 -24.05 -17.76
CA ALA E 106 -27.41 -24.73 -17.67
C ALA E 106 -26.34 -23.76 -17.23
N ASP E 107 -26.10 -23.70 -15.93
CA ASP E 107 -25.17 -22.74 -15.32
C ASP E 107 -23.74 -23.27 -15.36
N LYS E 108 -23.21 -23.43 -16.58
CA LYS E 108 -21.93 -24.06 -16.74
C LYS E 108 -20.78 -23.28 -16.14
N THR E 109 -20.86 -21.96 -16.11
CA THR E 109 -19.78 -21.20 -15.49
C THR E 109 -19.95 -21.14 -13.98
N LYS E 110 -21.14 -21.54 -13.48
CA LYS E 110 -21.52 -21.49 -12.07
C LYS E 110 -21.71 -20.07 -11.54
N CYS E 111 -21.80 -19.09 -12.42
CA CYS E 111 -21.91 -17.69 -11.97
C CYS E 111 -23.30 -17.42 -11.34
N ILE E 112 -24.34 -18.11 -11.81
CA ILE E 112 -25.66 -17.86 -11.31
C ILE E 112 -25.76 -18.39 -9.89
N MET E 113 -25.38 -19.65 -9.65
CA MET E 113 -25.41 -20.20 -8.29
C MET E 113 -24.50 -19.45 -7.34
N LYS E 114 -23.35 -18.97 -7.82
CA LYS E 114 -22.51 -18.12 -7.01
C LYS E 114 -23.28 -16.92 -6.56
N SER E 115 -24.00 -16.28 -7.48
CA SER E 115 -24.61 -15.00 -7.12
C SER E 115 -25.83 -15.17 -6.23
N TYR E 116 -26.50 -16.33 -6.29
CA TYR E 116 -27.61 -16.66 -5.37
C TYR E 116 -27.10 -17.24 -4.02
N GLY E 117 -25.79 -17.39 -3.91
CA GLY E 117 -25.18 -17.89 -2.68
C GLY E 117 -25.46 -19.34 -2.38
N VAL E 118 -25.62 -20.19 -3.40
CA VAL E 118 -25.93 -21.56 -3.15
C VAL E 118 -24.93 -22.53 -3.76
N LEU E 119 -23.74 -22.06 -4.09
CA LEU E 119 -22.64 -22.95 -4.54
C LEU E 119 -22.04 -23.69 -3.37
N LYS E 120 -21.89 -24.98 -3.52
CA LYS E 120 -21.08 -25.74 -2.61
C LYS E 120 -19.69 -25.87 -3.22
N GLU E 121 -18.79 -24.99 -2.78
CA GLU E 121 -17.49 -24.78 -3.42
C GLU E 121 -16.67 -26.07 -3.53
N GLU E 122 -16.64 -26.89 -2.49
CA GLU E 122 -15.83 -28.10 -2.53
C GLU E 122 -16.25 -29.07 -3.63
N ASP E 123 -17.53 -29.11 -3.99
CA ASP E 123 -18.04 -30.09 -4.96
C ASP E 123 -18.36 -29.54 -6.33
N GLY E 124 -18.51 -28.24 -6.43
CA GLY E 124 -18.89 -27.61 -7.69
C GLY E 124 -20.36 -27.71 -8.03
N VAL E 125 -21.21 -27.95 -7.06
CA VAL E 125 -22.65 -28.08 -7.32
C VAL E 125 -23.46 -27.11 -6.51
N ALA E 126 -24.70 -26.92 -6.92
CA ALA E 126 -25.65 -26.08 -6.13
C ALA E 126 -26.38 -26.85 -5.03
N TYR E 127 -26.52 -26.20 -3.89
CA TYR E 127 -27.42 -26.68 -2.86
C TYR E 127 -28.85 -26.56 -3.34
N ARG E 128 -29.78 -27.09 -2.59
CA ARG E 128 -31.18 -27.02 -2.97
C ARG E 128 -31.80 -25.63 -2.64
N GLY E 129 -31.40 -24.63 -3.37
CA GLY E 129 -31.86 -23.28 -3.11
C GLY E 129 -33.12 -23.00 -3.87
N LEU E 130 -34.09 -22.38 -3.23
CA LEU E 130 -35.29 -21.94 -3.89
C LEU E 130 -35.59 -20.47 -3.56
N PHE E 131 -35.87 -19.67 -4.58
CA PHE E 131 -36.00 -18.21 -4.41
C PHE E 131 -37.30 -17.71 -5.01
N ILE E 132 -38.02 -16.84 -4.29
CA ILE E 132 -39.26 -16.27 -4.78
C ILE E 132 -39.02 -14.80 -5.12
N ILE E 133 -39.15 -14.49 -6.40
CA ILE E 133 -38.88 -13.17 -6.95
C ILE E 133 -40.21 -12.57 -7.39
N ASP E 134 -40.45 -11.32 -7.02
CA ASP E 134 -41.73 -10.66 -7.33
C ASP E 134 -41.74 -9.96 -8.70
N PRO E 135 -42.89 -9.38 -9.09
CA PRO E 135 -42.96 -8.77 -10.45
C PRO E 135 -42.06 -7.59 -10.67
N LYS E 136 -41.70 -6.87 -9.63
CA LYS E 136 -40.69 -5.82 -9.81
C LYS E 136 -39.26 -6.40 -9.84
N GLN E 137 -39.14 -7.73 -9.74
CA GLN E 137 -37.86 -8.44 -9.73
C GLN E 137 -37.02 -8.31 -8.45
N ASN E 138 -37.67 -8.07 -7.34
CA ASN E 138 -37.02 -8.09 -6.04
C ASN E 138 -37.20 -9.43 -5.37
N LEU E 139 -36.19 -9.82 -4.63
CA LEU E 139 -36.17 -11.11 -3.96
C LEU E 139 -37.00 -11.03 -2.68
N ARG E 140 -37.93 -11.96 -2.49
CA ARG E 140 -38.78 -11.91 -1.30
C ARG E 140 -38.69 -13.10 -0.37
N GLN E 141 -38.09 -14.19 -0.80
CA GLN E 141 -38.07 -15.38 0.04
C GLN E 141 -36.87 -16.20 -0.39
N ILE E 142 -36.14 -16.70 0.62
CA ILE E 142 -35.00 -17.57 0.40
C ILE E 142 -35.20 -18.89 1.13
N THR E 143 -34.94 -20.00 0.46
CA THR E 143 -34.99 -21.33 1.07
C THR E 143 -33.79 -22.13 0.58
N VAL E 144 -32.96 -22.65 1.47
CA VAL E 144 -31.87 -23.53 1.04
C VAL E 144 -31.83 -24.81 1.88
N ASN E 145 -31.98 -25.96 1.24
CA ASN E 145 -31.81 -27.24 1.92
C ASN E 145 -30.45 -27.87 1.62
N ASP E 146 -29.88 -28.56 2.60
CA ASP E 146 -28.74 -29.47 2.34
C ASP E 146 -29.20 -30.48 1.29
N LEU E 147 -28.26 -31.14 0.62
CA LEU E 147 -28.57 -32.04 -0.49
C LEU E 147 -29.49 -33.24 -0.25
N PRO E 148 -29.41 -33.85 0.91
CA PRO E 148 -30.20 -35.07 1.00
C PRO E 148 -31.70 -34.90 1.28
N VAL E 149 -32.17 -33.67 1.50
CA VAL E 149 -33.58 -33.47 1.84
C VAL E 149 -34.25 -32.60 0.82
N GLY E 150 -35.27 -33.16 0.19
CA GLY E 150 -36.03 -32.45 -0.83
C GLY E 150 -36.93 -31.38 -0.26
N ARG E 151 -37.29 -30.45 -1.15
CA ARG E 151 -38.17 -29.36 -0.83
C ARG E 151 -39.63 -29.79 -0.98
N ASP E 152 -40.55 -28.92 -0.55
CA ASP E 152 -41.99 -29.20 -0.65
C ASP E 152 -42.66 -28.19 -1.60
N VAL E 153 -43.24 -28.70 -2.65
CA VAL E 153 -43.91 -27.89 -3.62
C VAL E 153 -45.13 -27.17 -3.06
N ASP E 154 -45.89 -27.83 -2.19
CA ASP E 154 -47.07 -27.19 -1.62
C ASP E 154 -46.68 -25.97 -0.80
N GLU E 155 -45.51 -26.01 -0.17
CA GLU E 155 -45.04 -24.89 0.64
C GLU E 155 -44.57 -23.74 -0.23
N ALA E 156 -43.97 -24.05 -1.37
CA ALA E 156 -43.63 -23.00 -2.29
C ALA E 156 -44.86 -22.24 -2.78
N LEU E 157 -45.89 -23.00 -3.09
CA LEU E 157 -47.16 -22.49 -3.56
C LEU E 157 -47.84 -21.61 -2.48
N ARG E 158 -47.80 -22.08 -1.24
CA ARG E 158 -48.37 -21.34 -0.12
C ARG E 158 -47.68 -20.00 0.02
N LEU E 159 -46.37 -19.99 -0.09
CA LEU E 159 -45.62 -18.76 0.00
C LEU E 159 -45.94 -17.79 -1.12
N VAL E 160 -45.99 -18.28 -2.35
CA VAL E 160 -46.30 -17.41 -3.45
C VAL E 160 -47.68 -16.80 -3.21
N LYS E 161 -48.64 -17.64 -2.82
CA LYS E 161 -49.98 -17.14 -2.57
C LYS E 161 -50.04 -16.10 -1.46
N ALA E 162 -49.29 -16.37 -0.39
CA ALA E 162 -49.22 -15.44 0.73
C ALA E 162 -48.64 -14.10 0.27
N PHE E 163 -47.63 -14.13 -0.55
CA PHE E 163 -47.02 -12.89 -0.96
C PHE E 163 -47.94 -12.12 -1.85
N GLN E 164 -48.66 -12.83 -2.71
CA GLN E 164 -49.65 -12.19 -3.60
C GLN E 164 -50.73 -11.55 -2.79
N PHE E 165 -51.18 -12.27 -1.79
CA PHE E 165 -52.23 -11.79 -0.90
C PHE E 165 -51.80 -10.50 -0.19
N VAL E 166 -50.57 -10.45 0.26
CA VAL E 166 -50.09 -9.27 0.92
C VAL E 166 -50.04 -8.06 0.00
N GLU E 167 -49.55 -8.25 -1.23
CA GLU E 167 -49.46 -7.16 -2.19
C GLU E 167 -50.86 -6.66 -2.58
N LYS E 168 -51.80 -7.55 -2.71
CA LYS E 168 -53.14 -7.18 -3.13
C LYS E 168 -53.91 -6.44 -2.05
N HIS E 169 -53.85 -6.91 -0.80
CA HIS E 169 -54.67 -6.34 0.27
C HIS E 169 -54.00 -5.46 1.35
N GLY E 170 -52.68 -5.27 1.32
CA GLY E 170 -51.97 -4.53 2.38
C GLY E 170 -52.10 -5.10 3.80
N GLU E 171 -52.52 -6.37 3.90
CA GLU E 171 -52.59 -7.08 5.16
C GLU E 171 -51.37 -8.00 5.30
N VAL E 172 -51.24 -8.62 6.44
CA VAL E 172 -50.06 -9.37 6.81
C VAL E 172 -50.53 -10.81 7.08
N CYS E 173 -49.73 -11.80 6.68
CA CYS E 173 -50.15 -13.23 6.75
C CYS E 173 -49.55 -13.93 7.97
N PRO E 174 -50.39 -14.31 8.94
CA PRO E 174 -49.89 -15.08 10.11
C PRO E 174 -49.17 -16.41 9.85
N ALA E 175 -48.58 -16.96 10.90
CA ALA E 175 -48.05 -18.31 10.88
C ALA E 175 -49.06 -19.28 10.27
N ASN E 176 -48.57 -20.17 9.41
CA ASN E 176 -49.37 -21.29 8.83
C ASN E 176 -50.51 -20.85 7.90
N TRP E 177 -50.55 -19.58 7.54
CA TRP E 177 -51.63 -19.04 6.71
C TRP E 177 -51.85 -19.87 5.46
N LYS E 178 -53.12 -20.18 5.17
CA LYS E 178 -53.51 -20.82 3.91
C LYS E 178 -54.59 -19.91 3.33
N PRO E 179 -54.81 -19.96 2.00
CA PRO E 179 -55.95 -19.20 1.46
C PRO E 179 -57.23 -19.42 2.30
N GLY E 180 -57.91 -18.32 2.62
CA GLY E 180 -59.13 -18.37 3.43
C GLY E 180 -58.96 -18.12 4.91
N ASP E 181 -57.74 -18.19 5.45
CA ASP E 181 -57.51 -17.93 6.87
C ASP E 181 -57.55 -16.44 7.17
N LYS E 182 -57.74 -16.12 8.45
CA LYS E 182 -57.76 -14.73 8.92
C LYS E 182 -56.39 -14.11 8.79
N THR E 183 -56.39 -12.82 8.41
CA THR E 183 -55.19 -12.00 8.33
C THR E 183 -55.43 -10.75 9.15
N MET E 184 -54.45 -9.88 9.23
CA MET E 184 -54.59 -8.67 10.05
C MET E 184 -53.83 -7.50 9.46
N LYS E 185 -54.29 -6.30 9.79
CA LYS E 185 -53.60 -5.10 9.39
C LYS E 185 -52.46 -4.88 10.37
N PRO E 186 -51.27 -4.55 9.87
CA PRO E 186 -50.08 -4.35 10.71
C PRO E 186 -50.04 -2.99 11.42
N ASP E 187 -50.98 -2.82 12.33
CA ASP E 187 -51.26 -1.53 13.01
C ASP E 187 -51.68 -1.90 14.46
N PRO E 188 -51.14 -1.18 15.46
CA PRO E 188 -51.45 -1.55 16.86
C PRO E 188 -52.96 -1.60 17.20
N GLU E 189 -53.71 -0.58 16.78
CA GLU E 189 -55.15 -0.48 17.05
C GLU E 189 -55.97 -1.48 16.14
N LYS E 190 -55.77 -1.47 14.83
CA LYS E 190 -56.52 -2.38 13.91
C LYS E 190 -56.23 -3.88 14.04
N SER E 191 -55.06 -4.23 14.58
CA SER E 191 -54.73 -5.62 14.84
C SER E 191 -55.54 -6.27 15.98
N LYS E 192 -56.12 -5.46 16.87
CA LYS E 192 -56.93 -5.95 18.01
C LYS E 192 -58.07 -6.88 17.55
N GLU E 193 -58.69 -6.54 16.41
CA GLU E 193 -59.73 -7.37 15.79
C GLU E 193 -59.29 -8.81 15.57
N TYR E 194 -58.04 -9.00 15.13
CA TYR E 194 -57.49 -10.35 14.95
C TYR E 194 -57.31 -11.08 16.29
N PHE E 195 -56.71 -10.39 17.25
CA PHE E 195 -56.35 -11.03 18.51
C PHE E 195 -57.53 -11.40 19.46
N GLY E 196 -58.64 -10.63 19.50
CA GLY E 196 -59.82 -11.00 20.28
C GLY E 196 -60.65 -12.07 19.60
N ALA E 197 -60.38 -12.46 18.35
CA ALA E 197 -61.17 -13.45 17.63
C ALA E 197 -60.33 -14.67 17.22
N GLY F 4 -23.39 -11.97 6.35
CA GLY F 4 -22.86 -12.79 7.49
C GLY F 4 -22.17 -14.10 7.07
N ASP F 5 -21.93 -15.00 8.03
CA ASP F 5 -21.11 -16.21 7.78
C ASP F 5 -21.81 -17.55 8.08
N ALA F 6 -23.13 -17.62 7.94
CA ALA F 6 -23.83 -18.89 8.11
C ALA F 6 -23.82 -19.62 6.79
N LYS F 7 -23.21 -20.79 6.73
CA LYS F 7 -23.06 -21.56 5.53
C LYS F 7 -23.53 -22.95 5.83
N LEU F 8 -24.23 -23.58 4.90
CA LEU F 8 -24.63 -24.97 5.07
C LEU F 8 -23.42 -25.87 5.23
N ASN F 9 -23.57 -26.86 6.09
CA ASN F 9 -22.54 -27.82 6.46
C ASN F 9 -21.27 -27.23 7.03
N HIS F 10 -21.34 -26.01 7.53
CA HIS F 10 -20.30 -25.48 8.38
C HIS F 10 -20.89 -25.28 9.75
N PRO F 11 -20.02 -25.15 10.77
CA PRO F 11 -20.53 -24.87 12.11
C PRO F 11 -21.41 -23.64 12.12
N ALA F 12 -22.58 -23.75 12.70
CA ALA F 12 -23.44 -22.61 12.87
C ALA F 12 -22.70 -21.54 13.63
N PRO F 13 -22.86 -20.27 13.25
CA PRO F 13 -22.23 -19.18 14.03
C PRO F 13 -22.60 -19.19 15.50
N ASP F 14 -21.57 -19.16 16.33
CA ASP F 14 -21.66 -19.39 17.77
C ASP F 14 -22.28 -18.15 18.40
N PHE F 15 -22.97 -18.31 19.51
CA PHE F 15 -23.56 -17.20 20.22
C PHE F 15 -23.64 -17.56 21.70
N ASN F 16 -23.66 -16.53 22.54
CA ASN F 16 -23.86 -16.70 23.93
C ASN F 16 -24.45 -15.37 24.42
N GLU F 17 -25.75 -15.34 24.64
CA GLU F 17 -26.45 -14.10 24.83
C GLU F 17 -27.59 -14.26 25.82
N THR F 18 -27.95 -13.15 26.43
CA THR F 18 -29.02 -13.13 27.37
C THR F 18 -30.29 -13.53 26.71
N ALA F 19 -31.11 -14.31 27.42
CA ALA F 19 -32.44 -14.72 26.94
C ALA F 19 -33.47 -14.64 28.04
N LEU F 20 -34.72 -14.45 27.67
CA LEU F 20 -35.85 -14.66 28.61
C LEU F 20 -36.25 -16.12 28.60
N MET F 21 -36.18 -16.75 29.76
CA MET F 21 -36.46 -18.18 29.86
C MET F 21 -37.93 -18.41 30.13
N PRO F 22 -38.43 -19.62 29.89
CA PRO F 22 -39.86 -19.89 30.10
C PRO F 22 -40.35 -19.55 31.51
N ASN F 23 -39.52 -19.80 32.53
CA ASN F 23 -39.92 -19.46 33.91
C ASN F 23 -39.86 -17.96 34.28
N GLY F 24 -39.66 -17.08 33.28
CA GLY F 24 -39.61 -15.66 33.54
C GLY F 24 -38.27 -15.05 33.94
N THR F 25 -37.22 -15.85 34.07
CA THR F 25 -35.91 -15.35 34.45
C THR F 25 -35.07 -14.95 33.23
N PHE F 26 -33.95 -14.31 33.51
CA PHE F 26 -32.96 -14.01 32.52
C PHE F 26 -31.76 -14.93 32.70
N LYS F 27 -31.25 -15.48 31.60
CA LYS F 27 -30.09 -16.35 31.65
C LYS F 27 -29.38 -16.30 30.29
N LYS F 28 -28.06 -16.43 30.31
CA LYS F 28 -27.28 -16.63 29.10
C LYS F 28 -27.58 -17.99 28.49
N VAL F 29 -27.83 -18.00 27.20
CA VAL F 29 -28.06 -19.21 26.45
C VAL F 29 -26.95 -19.22 25.39
N ALA F 30 -26.23 -20.33 25.36
CA ALA F 30 -25.09 -20.50 24.48
C ALA F 30 -25.41 -21.58 23.48
N LEU F 31 -25.03 -21.38 22.23
CA LEU F 31 -25.22 -22.41 21.25
C LEU F 31 -24.67 -23.77 21.72
N THR F 32 -23.49 -23.81 22.30
CA THR F 32 -22.89 -25.10 22.70
C THR F 32 -23.77 -25.88 23.71
N SER F 33 -24.71 -25.24 24.38
CA SER F 33 -25.58 -25.90 25.30
C SER F 33 -26.57 -26.82 24.58
N TYR F 34 -26.66 -26.70 23.24
CA TYR F 34 -27.56 -27.56 22.45
C TYR F 34 -26.84 -28.68 21.75
N LYS F 35 -25.54 -28.78 21.99
CA LYS F 35 -24.76 -29.90 21.46
C LYS F 35 -25.45 -31.22 21.80
N GLY F 36 -25.52 -32.11 20.82
CA GLY F 36 -26.23 -33.36 20.98
C GLY F 36 -27.69 -33.29 20.59
N LYS F 37 -28.26 -32.10 20.47
CA LYS F 37 -29.65 -31.94 20.05
C LYS F 37 -29.75 -31.26 18.66
N TRP F 38 -30.89 -31.46 18.02
CA TRP F 38 -31.25 -30.64 16.87
C TRP F 38 -31.76 -29.34 17.44
N LEU F 39 -31.58 -28.27 16.71
CA LEU F 39 -32.08 -26.97 17.12
C LEU F 39 -32.73 -26.23 15.97
N VAL F 40 -33.92 -25.70 16.24
CA VAL F 40 -34.56 -24.78 15.31
C VAL F 40 -34.42 -23.41 15.89
N LEU F 41 -33.59 -22.60 15.26
CA LEU F 41 -33.33 -21.25 15.72
C LEU F 41 -34.12 -20.35 14.82
N PHE F 42 -34.98 -19.52 15.36
CA PHE F 42 -35.73 -18.60 14.50
C PHE F 42 -35.79 -17.17 14.97
N PHE F 43 -35.66 -16.26 14.03
CA PHE F 43 -35.59 -14.82 14.27
C PHE F 43 -36.90 -14.17 13.94
N TYR F 44 -37.26 -13.11 14.65
CA TYR F 44 -38.39 -12.28 14.25
C TYR F 44 -37.99 -10.82 14.41
N PRO F 45 -38.65 -9.90 13.68
CA PRO F 45 -38.30 -8.50 13.67
C PRO F 45 -38.49 -7.72 14.97
N MET F 46 -39.67 -7.71 15.57
CA MET F 46 -39.96 -6.81 16.67
C MET F 46 -40.99 -7.31 17.64
N ASP F 47 -40.70 -7.16 18.93
CA ASP F 47 -41.71 -7.39 19.95
C ASP F 47 -42.92 -6.44 19.75
N PHE F 48 -44.07 -6.86 20.26
CA PHE F 48 -45.32 -6.12 20.23
C PHE F 48 -45.88 -5.85 18.83
N THR F 49 -45.61 -6.75 17.88
CA THR F 49 -46.11 -6.57 16.53
C THR F 49 -47.07 -7.70 16.15
N PHE F 50 -47.05 -8.16 14.90
CA PHE F 50 -48.29 -8.69 14.28
C PHE F 50 -48.17 -10.11 13.82
N VAL F 51 -47.39 -10.36 12.79
CA VAL F 51 -47.10 -11.74 12.42
C VAL F 51 -46.37 -12.43 13.59
N CYS F 52 -45.40 -11.70 14.18
CA CYS F 52 -44.47 -12.29 15.15
C CYS F 52 -45.10 -13.13 16.30
N PRO F 53 -46.08 -12.58 17.03
CA PRO F 53 -46.69 -13.41 18.07
C PRO F 53 -47.43 -14.64 17.56
N THR F 54 -47.99 -14.60 16.35
CA THR F 54 -48.63 -15.79 15.84
C THR F 54 -47.61 -16.93 15.64
N GLU F 55 -46.40 -16.58 15.23
CA GLU F 55 -45.33 -17.55 15.03
C GLU F 55 -44.79 -18.03 16.36
N ILE F 56 -44.44 -17.08 17.20
CA ILE F 56 -43.83 -17.39 18.48
C ILE F 56 -44.76 -18.26 19.31
N CYS F 57 -46.06 -17.94 19.33
CA CYS F 57 -47.02 -18.70 20.11
C CYS F 57 -47.21 -20.12 19.56
N GLN F 58 -47.28 -20.26 18.25
CA GLN F 58 -47.36 -21.57 17.61
C GLN F 58 -46.16 -22.46 17.96
N PHE F 59 -44.95 -21.92 17.89
CA PHE F 59 -43.78 -22.69 18.30
C PHE F 59 -43.80 -23.02 19.77
N SER F 60 -44.25 -22.09 20.60
CA SER F 60 -44.33 -22.34 22.05
C SER F 60 -45.39 -23.40 22.38
N ASP F 61 -46.57 -23.27 21.80
CA ASP F 61 -47.61 -24.28 22.01
C ASP F 61 -47.17 -25.68 21.56
N ARG F 62 -46.39 -25.76 20.50
CA ARG F 62 -46.06 -27.02 19.93
C ARG F 62 -44.65 -27.43 20.23
N VAL F 63 -43.96 -26.84 21.22
CA VAL F 63 -42.58 -27.28 21.52
C VAL F 63 -42.43 -28.80 21.61
N LYS F 64 -43.41 -29.45 22.24
CA LYS F 64 -43.26 -30.88 22.60
C LYS F 64 -43.13 -31.74 21.32
N GLU F 65 -43.85 -31.38 20.24
CA GLU F 65 -43.70 -32.05 18.95
C GLU F 65 -42.23 -32.04 18.55
N PHE F 66 -41.50 -30.98 18.90
CA PHE F 66 -40.07 -30.90 18.62
C PHE F 66 -39.19 -31.61 19.70
N SER F 67 -39.41 -31.34 20.99
CA SER F 67 -38.65 -31.93 22.08
C SER F 67 -38.77 -33.48 22.07
N ASP F 68 -39.94 -34.02 21.76
CA ASP F 68 -40.12 -35.48 21.71
C ASP F 68 -39.20 -36.17 20.70
N ILE F 69 -38.72 -35.46 19.70
CA ILE F 69 -37.87 -36.08 18.70
C ILE F 69 -36.46 -35.55 18.80
N GLY F 70 -36.12 -34.98 19.94
CA GLY F 70 -34.74 -34.54 20.18
C GLY F 70 -34.37 -33.19 19.58
N CYS F 71 -35.35 -32.30 19.44
CA CYS F 71 -35.13 -31.02 18.82
C CYS F 71 -35.64 -29.89 19.69
N GLU F 72 -34.77 -28.94 19.97
CA GLU F 72 -35.14 -27.77 20.73
C GLU F 72 -35.53 -26.65 19.81
N VAL F 73 -36.19 -25.64 20.36
CA VAL F 73 -36.49 -24.44 19.62
C VAL F 73 -36.22 -23.18 20.40
N LEU F 74 -35.65 -22.22 19.66
CA LEU F 74 -35.08 -21.02 20.24
C LEU F 74 -35.46 -19.81 19.39
N ALA F 75 -35.99 -18.76 20.03
CA ALA F 75 -36.41 -17.58 19.30
C ALA F 75 -35.45 -16.43 19.56
N CYS F 76 -35.45 -15.45 18.68
CA CYS F 76 -34.52 -14.34 18.80
C CYS F 76 -35.00 -13.08 18.10
N SER F 77 -34.81 -11.93 18.74
CA SER F 77 -35.05 -10.64 18.12
C SER F 77 -34.13 -9.55 18.67
N MET F 78 -34.26 -8.37 18.09
CA MET F 78 -33.42 -7.23 18.39
C MET F 78 -33.74 -6.59 19.78
N ASP F 79 -34.92 -6.92 20.35
CA ASP F 79 -35.40 -6.25 21.52
C ASP F 79 -34.68 -6.72 22.79
N SER F 80 -34.72 -5.93 23.84
CA SER F 80 -34.17 -6.34 25.13
C SER F 80 -34.93 -7.48 25.78
N GLU F 81 -34.28 -8.15 26.74
CA GLU F 81 -34.98 -9.06 27.70
C GLU F 81 -36.19 -8.43 28.38
N TYR F 82 -36.08 -7.13 28.70
CA TYR F 82 -37.16 -6.44 29.41
C TYR F 82 -38.40 -6.28 28.51
N SER F 83 -38.19 -5.94 27.23
CA SER F 83 -39.29 -5.94 26.30
C SER F 83 -39.91 -7.31 26.21
N HIS F 84 -39.06 -8.33 26.10
CA HIS F 84 -39.57 -9.71 26.04
C HIS F 84 -40.49 -10.02 27.25
N LEU F 85 -39.98 -9.74 28.45
CA LEU F 85 -40.67 -10.05 29.67
C LEU F 85 -42.00 -9.33 29.70
N ALA F 86 -41.98 -8.05 29.34
CA ALA F 86 -43.20 -7.26 29.31
C ALA F 86 -44.23 -7.85 28.36
N TRP F 87 -43.77 -8.33 27.22
CA TRP F 87 -44.68 -8.82 26.20
C TRP F 87 -45.37 -10.10 26.68
N THR F 88 -44.58 -10.88 27.39
CA THR F 88 -44.99 -12.09 28.08
C THR F 88 -46.05 -11.84 29.13
N SER F 89 -46.07 -10.63 29.69
CA SER F 89 -47.03 -10.24 30.70
C SER F 89 -48.35 -9.76 30.18
N ILE F 90 -48.53 -9.70 28.88
CA ILE F 90 -49.79 -9.32 28.29
C ILE F 90 -50.46 -10.59 27.72
N GLU F 91 -51.77 -10.69 27.82
CA GLU F 91 -52.49 -11.88 27.35
C GLU F 91 -52.55 -11.93 25.85
N ARG F 92 -52.73 -13.13 25.32
CA ARG F 92 -52.68 -13.31 23.88
C ARG F 92 -53.76 -12.55 23.17
N LYS F 93 -54.93 -12.44 23.79
CA LYS F 93 -56.05 -11.82 23.10
C LYS F 93 -55.86 -10.30 23.00
N ARG F 94 -54.90 -9.75 23.74
CA ARG F 94 -54.49 -8.35 23.53
C ARG F 94 -53.20 -8.19 22.72
N GLY F 95 -52.78 -9.22 22.02
CA GLY F 95 -51.57 -9.15 21.19
C GLY F 95 -50.30 -9.47 21.96
N GLY F 96 -50.44 -10.10 23.13
CA GLY F 96 -49.31 -10.48 23.93
C GLY F 96 -48.90 -11.91 23.64
N LEU F 97 -47.88 -12.35 24.35
CA LEU F 97 -47.37 -13.70 24.23
C LEU F 97 -47.92 -14.65 25.30
N GLY F 98 -48.27 -14.11 26.46
CA GLY F 98 -48.57 -14.94 27.62
C GLY F 98 -47.36 -15.75 28.01
N GLN F 99 -47.60 -16.81 28.78
CA GLN F 99 -46.53 -17.73 29.16
C GLN F 99 -45.93 -18.39 27.95
N MET F 100 -44.61 -18.51 27.98
CA MET F 100 -43.82 -19.14 26.94
C MET F 100 -43.15 -20.45 27.40
N ASN F 101 -43.07 -21.45 26.51
CA ASN F 101 -42.32 -22.67 26.75
C ASN F 101 -41.02 -22.71 26.05
N ILE F 102 -40.61 -21.59 25.46
CA ILE F 102 -39.39 -21.48 24.66
C ILE F 102 -38.59 -20.28 25.10
N PRO F 103 -37.27 -20.38 25.13
CA PRO F 103 -36.50 -19.18 25.48
C PRO F 103 -36.51 -18.21 24.33
N ILE F 104 -36.32 -16.93 24.63
CA ILE F 104 -36.19 -15.90 23.61
C ILE F 104 -34.97 -15.07 23.83
N LEU F 105 -34.01 -15.18 22.92
CA LEU F 105 -32.78 -14.38 22.98
C LEU F 105 -33.05 -12.91 22.79
N ALA F 106 -32.29 -12.08 23.47
CA ALA F 106 -32.30 -10.64 23.27
C ALA F 106 -31.01 -10.22 22.63
N ASP F 107 -31.01 -10.12 21.29
CA ASP F 107 -29.82 -9.78 20.50
C ASP F 107 -29.61 -8.28 20.40
N LYS F 108 -29.34 -7.65 21.53
CA LYS F 108 -29.27 -6.20 21.60
C LYS F 108 -28.15 -5.61 20.80
N THR F 109 -27.04 -6.31 20.66
CA THR F 109 -25.95 -5.78 19.84
C THR F 109 -26.14 -6.10 18.37
N LYS F 110 -27.12 -6.96 18.08
CA LYS F 110 -27.46 -7.41 16.71
C LYS F 110 -26.38 -8.29 16.10
N CYS F 111 -25.43 -8.77 16.89
CA CYS F 111 -24.29 -9.55 16.38
C CYS F 111 -24.78 -10.93 15.91
N ILE F 112 -25.81 -11.48 16.56
CA ILE F 112 -26.26 -12.82 16.21
C ILE F 112 -26.95 -12.75 14.86
N MET F 113 -27.93 -11.85 14.70
CA MET F 113 -28.59 -11.73 13.45
C MET F 113 -27.62 -11.38 12.29
N LYS F 114 -26.61 -10.54 12.56
CA LYS F 114 -25.62 -10.22 11.55
C LYS F 114 -24.94 -11.47 11.13
N SER F 115 -24.60 -12.32 12.07
CA SER F 115 -23.85 -13.50 11.69
C SER F 115 -24.71 -14.54 10.95
N TYR F 116 -26.01 -14.60 11.19
CA TYR F 116 -26.89 -15.52 10.47
C TYR F 116 -27.32 -14.92 9.13
N GLY F 117 -26.87 -13.70 8.86
CA GLY F 117 -27.19 -13.03 7.63
C GLY F 117 -28.64 -12.60 7.48
N VAL F 118 -29.32 -12.24 8.55
CA VAL F 118 -30.72 -11.89 8.45
C VAL F 118 -31.03 -10.50 9.01
N LEU F 119 -30.03 -9.66 9.17
CA LEU F 119 -30.25 -8.26 9.54
C LEU F 119 -30.79 -7.48 8.35
N LYS F 120 -31.85 -6.72 8.59
CA LYS F 120 -32.27 -5.73 7.64
C LYS F 120 -31.67 -4.41 8.06
N GLU F 121 -30.54 -4.06 7.42
CA GLU F 121 -29.67 -2.97 7.87
C GLU F 121 -30.40 -1.64 8.00
N GLU F 122 -31.24 -1.31 7.03
CA GLU F 122 -31.93 -0.03 7.05
C GLU F 122 -32.85 0.15 8.27
N ASP F 123 -33.44 -0.93 8.78
CA ASP F 123 -34.39 -0.84 9.90
C ASP F 123 -33.86 -1.31 11.26
N GLY F 124 -32.78 -2.07 11.25
CA GLY F 124 -32.21 -2.57 12.51
C GLY F 124 -32.89 -3.81 13.04
N VAL F 125 -33.63 -4.51 12.20
CA VAL F 125 -34.39 -5.63 12.68
C VAL F 125 -34.08 -6.88 11.88
N ALA F 126 -34.46 -8.02 12.43
CA ALA F 126 -34.21 -9.30 11.73
C ALA F 126 -35.35 -9.64 10.79
N TYR F 127 -35.00 -10.17 9.64
CA TYR F 127 -35.94 -10.82 8.78
C TYR F 127 -36.39 -12.12 9.41
N ARG F 128 -37.40 -12.74 8.83
CA ARG F 128 -37.96 -13.97 9.39
C ARG F 128 -37.07 -15.15 9.03
N GLY F 129 -35.89 -15.20 9.59
CA GLY F 129 -34.95 -16.28 9.31
C GLY F 129 -35.14 -17.46 10.23
N LEU F 130 -35.13 -18.65 9.67
CA LEU F 130 -35.23 -19.86 10.45
C LEU F 130 -34.13 -20.80 10.03
N PHE F 131 -33.44 -21.37 10.99
CA PHE F 131 -32.27 -22.21 10.72
C PHE F 131 -32.39 -23.54 11.45
N ILE F 132 -32.02 -24.61 10.78
CA ILE F 132 -32.00 -25.90 11.38
C ILE F 132 -30.55 -26.36 11.59
N ILE F 133 -30.19 -26.51 12.86
CA ILE F 133 -28.86 -26.91 13.26
C ILE F 133 -28.86 -28.30 13.85
N ASP F 134 -27.90 -29.14 13.43
CA ASP F 134 -27.88 -30.57 13.83
C ASP F 134 -27.09 -30.79 15.13
N PRO F 135 -27.05 -32.02 15.62
CA PRO F 135 -26.37 -32.27 16.89
C PRO F 135 -24.88 -31.99 16.93
N LYS F 136 -24.21 -32.09 15.80
CA LYS F 136 -22.82 -31.72 15.74
C LYS F 136 -22.67 -30.22 15.60
N GLN F 137 -23.79 -29.50 15.57
CA GLN F 137 -23.81 -28.02 15.49
C GLN F 137 -23.50 -27.43 14.11
N ASN F 138 -23.73 -28.22 13.08
CA ASN F 138 -23.62 -27.74 11.71
C ASN F 138 -24.97 -27.32 11.17
N LEU F 139 -24.94 -26.34 10.31
CA LEU F 139 -26.14 -25.76 9.77
C LEU F 139 -26.60 -26.62 8.60
N ARG F 140 -27.88 -26.99 8.60
CA ARG F 140 -28.39 -27.86 7.56
C ARG F 140 -29.54 -27.32 6.74
N GLN F 141 -30.17 -26.23 7.17
CA GLN F 141 -31.31 -25.70 6.41
C GLN F 141 -31.48 -24.27 6.74
N ILE F 142 -31.69 -23.48 5.69
CA ILE F 142 -31.88 -22.03 5.81
C ILE F 142 -33.20 -21.63 5.20
N THR F 143 -33.98 -20.84 5.93
CA THR F 143 -35.24 -20.30 5.42
C THR F 143 -35.34 -18.82 5.81
N VAL F 144 -35.54 -17.93 4.87
CA VAL F 144 -35.74 -16.51 5.23
C VAL F 144 -36.95 -15.89 4.50
N ASN F 145 -37.96 -15.46 5.23
CA ASN F 145 -39.09 -14.76 4.65
C ASN F 145 -38.93 -13.25 4.82
N ASP F 146 -39.38 -12.48 3.83
CA ASP F 146 -39.67 -11.04 4.01
C ASP F 146 -40.70 -10.88 5.18
N LEU F 147 -40.76 -9.68 5.77
CA LEU F 147 -41.50 -9.46 7.03
C LEU F 147 -43.00 -9.71 6.99
N PRO F 148 -43.66 -9.45 5.86
CA PRO F 148 -45.10 -9.59 5.97
C PRO F 148 -45.68 -11.00 5.85
N VAL F 149 -44.86 -12.01 5.60
CA VAL F 149 -45.37 -13.37 5.45
C VAL F 149 -44.78 -14.29 6.48
N GLY F 150 -45.65 -14.89 7.28
CA GLY F 150 -45.25 -15.81 8.34
C GLY F 150 -44.82 -17.15 7.82
N ARG F 151 -44.08 -17.84 8.68
CA ARG F 151 -43.53 -19.15 8.39
C ARG F 151 -44.52 -20.23 8.76
N ASP F 152 -44.24 -21.46 8.35
CA ASP F 152 -45.13 -22.57 8.64
C ASP F 152 -44.41 -23.55 9.60
N VAL F 153 -45.00 -23.75 10.76
CA VAL F 153 -44.47 -24.66 11.76
C VAL F 153 -44.51 -26.11 11.31
N ASP F 154 -45.54 -26.52 10.59
CA ASP F 154 -45.60 -27.90 10.08
C ASP F 154 -44.43 -28.19 9.16
N GLU F 155 -43.99 -27.20 8.39
CA GLU F 155 -42.92 -27.39 7.45
C GLU F 155 -41.57 -27.46 8.15
N ALA F 156 -41.42 -26.70 9.21
CA ALA F 156 -40.22 -26.82 10.01
C ALA F 156 -40.08 -28.24 10.57
N LEU F 157 -41.18 -28.75 11.09
CA LEU F 157 -41.25 -30.07 11.70
C LEU F 157 -40.95 -31.18 10.66
N ARG F 158 -41.49 -31.00 9.46
CA ARG F 158 -41.25 -31.93 8.38
C ARG F 158 -39.75 -31.98 8.07
N LEU F 159 -39.12 -30.82 8.00
CA LEU F 159 -37.71 -30.74 7.71
C LEU F 159 -36.84 -31.38 8.79
N VAL F 160 -37.12 -31.08 10.05
CA VAL F 160 -36.38 -31.69 11.10
C VAL F 160 -36.53 -33.22 10.99
N LYS F 161 -37.76 -33.70 10.82
CA LYS F 161 -37.98 -35.14 10.73
C LYS F 161 -37.20 -35.74 9.55
N ALA F 162 -37.21 -35.02 8.42
CA ALA F 162 -36.55 -35.52 7.23
C ALA F 162 -35.04 -35.61 7.48
N PHE F 163 -34.48 -34.61 8.15
CA PHE F 163 -33.06 -34.63 8.41
C PHE F 163 -32.69 -35.73 9.40
N GLN F 164 -33.52 -35.95 10.39
CA GLN F 164 -33.32 -37.05 11.31
C GLN F 164 -33.37 -38.41 10.61
N PHE F 165 -34.34 -38.55 9.73
CA PHE F 165 -34.50 -39.76 8.99
C PHE F 165 -33.28 -40.04 8.14
N VAL F 166 -32.75 -39.01 7.51
CA VAL F 166 -31.55 -39.16 6.69
C VAL F 166 -30.31 -39.59 7.49
N GLU F 167 -30.09 -38.99 8.65
CA GLU F 167 -29.00 -39.38 9.54
C GLU F 167 -29.13 -40.82 10.09
N LYS F 168 -30.35 -41.23 10.42
CA LYS F 168 -30.59 -42.55 10.97
C LYS F 168 -30.41 -43.66 9.92
N HIS F 169 -30.93 -43.47 8.71
CA HIS F 169 -30.96 -44.57 7.74
C HIS F 169 -30.03 -44.50 6.52
N GLY F 170 -29.30 -43.41 6.34
CA GLY F 170 -28.47 -43.21 5.13
C GLY F 170 -29.24 -43.18 3.80
N GLU F 171 -30.56 -42.95 3.85
CA GLU F 171 -31.39 -42.76 2.65
C GLU F 171 -31.52 -41.27 2.41
N VAL F 172 -32.21 -40.96 1.33
CA VAL F 172 -32.40 -39.60 0.86
C VAL F 172 -33.92 -39.36 0.76
N CYS F 173 -34.38 -38.16 1.12
CA CYS F 173 -35.83 -37.84 1.25
C CYS F 173 -36.34 -37.08 0.02
N PRO F 174 -37.20 -37.71 -0.79
CA PRO F 174 -37.74 -37.04 -1.97
C PRO F 174 -38.57 -35.76 -1.72
N ALA F 175 -38.89 -35.09 -2.79
CA ALA F 175 -39.82 -33.96 -2.73
C ALA F 175 -41.06 -34.34 -1.96
N ASN F 176 -41.52 -33.43 -1.10
CA ASN F 176 -42.81 -33.56 -0.36
C ASN F 176 -42.83 -34.68 0.67
N TRP F 177 -41.69 -35.29 0.92
CA TRP F 177 -41.61 -36.40 1.85
C TRP F 177 -42.31 -36.10 3.17
N LYS F 178 -43.11 -37.04 3.65
CA LYS F 178 -43.67 -37.00 5.02
C LYS F 178 -43.29 -38.31 5.66
N PRO F 179 -43.26 -38.37 7.00
CA PRO F 179 -43.06 -39.70 7.62
C PRO F 179 -43.94 -40.80 7.01
N GLY F 180 -43.33 -41.95 6.68
CA GLY F 180 -44.03 -43.04 6.05
C GLY F 180 -43.95 -43.12 4.54
N ASP F 181 -43.51 -42.06 3.86
CA ASP F 181 -43.38 -42.10 2.40
C ASP F 181 -42.13 -42.87 2.00
N LYS F 182 -42.09 -43.27 0.73
CA LYS F 182 -40.94 -43.98 0.20
C LYS F 182 -39.74 -43.06 0.16
N THR F 183 -38.59 -43.63 0.45
CA THR F 183 -37.31 -42.97 0.29
C THR F 183 -36.43 -43.85 -0.60
N MET F 184 -35.19 -43.43 -0.87
CA MET F 184 -34.30 -44.19 -1.76
C MET F 184 -32.85 -44.03 -1.35
N LYS F 185 -32.06 -45.05 -1.68
CA LYS F 185 -30.63 -44.97 -1.46
C LYS F 185 -30.06 -44.15 -2.60
N PRO F 186 -29.15 -43.23 -2.28
CA PRO F 186 -28.47 -42.36 -3.31
C PRO F 186 -27.36 -43.05 -4.11
N ASP F 187 -27.75 -44.04 -4.89
CA ASP F 187 -26.88 -44.95 -5.59
C ASP F 187 -27.56 -45.26 -6.95
N PRO F 188 -26.81 -45.20 -8.06
CA PRO F 188 -27.45 -45.41 -9.36
C PRO F 188 -28.22 -46.72 -9.48
N GLU F 189 -27.64 -47.83 -9.01
CA GLU F 189 -28.33 -49.15 -9.09
C GLU F 189 -29.46 -49.28 -8.07
N LYS F 190 -29.19 -49.06 -6.78
CA LYS F 190 -30.20 -49.23 -5.75
C LYS F 190 -31.39 -48.26 -5.83
N SER F 191 -31.22 -47.12 -6.50
CA SER F 191 -32.31 -46.19 -6.69
C SER F 191 -33.38 -46.68 -7.67
N LYS F 192 -33.06 -47.67 -8.51
CA LYS F 192 -33.99 -48.18 -9.53
C LYS F 192 -35.30 -48.70 -8.91
N GLU F 193 -35.16 -49.33 -7.75
CA GLU F 193 -36.30 -49.77 -7.00
C GLU F 193 -37.33 -48.65 -6.78
N TYR F 194 -36.86 -47.45 -6.40
CA TYR F 194 -37.75 -46.30 -6.13
C TYR F 194 -38.44 -45.87 -7.44
N PHE F 195 -37.66 -45.75 -8.50
CA PHE F 195 -38.19 -45.26 -9.77
C PHE F 195 -39.18 -46.19 -10.53
N GLY F 196 -39.11 -47.53 -10.41
CA GLY F 196 -40.29 -48.40 -10.79
C GLY F 196 -41.51 -48.04 -9.93
N ALA F 197 -42.27 -47.02 -10.39
CA ALA F 197 -43.19 -46.04 -9.62
C ALA F 197 -42.75 -44.52 -9.64
N GLY G 4 -17.88 8.58 18.28
CA GLY G 4 -18.77 9.35 17.38
C GLY G 4 -18.30 10.79 17.22
N ASP G 5 -19.24 11.74 17.20
CA ASP G 5 -19.22 12.70 16.07
C ASP G 5 -19.65 14.08 16.55
N ALA G 6 -20.01 14.07 17.80
CA ALA G 6 -20.57 15.21 18.47
C ALA G 6 -19.46 16.01 19.10
N LYS G 7 -19.28 17.24 18.67
CA LYS G 7 -18.24 18.09 19.18
C LYS G 7 -18.91 19.40 19.58
N LEU G 8 -18.46 20.01 20.67
CA LEU G 8 -18.96 21.32 21.05
C LEU G 8 -18.66 22.35 20.00
N ASN G 9 -19.62 23.24 19.82
CA ASN G 9 -19.57 24.32 18.82
C ASN G 9 -19.43 23.86 17.41
N HIS G 10 -19.79 22.62 17.13
CA HIS G 10 -20.03 22.17 15.77
C HIS G 10 -21.48 21.79 15.64
N PRO G 11 -21.98 21.70 14.39
CA PRO G 11 -23.34 21.26 14.19
C PRO G 11 -23.58 19.92 14.88
N ALA G 12 -24.67 19.82 15.62
CA ALA G 12 -25.08 18.56 16.23
C ALA G 12 -25.33 17.53 15.14
N PRO G 13 -24.92 16.28 15.34
CA PRO G 13 -25.14 15.27 14.34
C PRO G 13 -26.61 15.18 14.01
N ASP G 14 -26.87 15.23 12.72
CA ASP G 14 -28.20 15.25 12.16
C ASP G 14 -28.88 13.88 12.33
N PHE G 15 -30.20 13.87 12.46
CA PHE G 15 -30.94 12.64 12.54
C PHE G 15 -32.33 12.86 11.98
N ASN G 16 -32.95 11.78 11.54
CA ASN G 16 -34.31 11.80 11.08
C ASN G 16 -34.87 10.40 11.22
N GLU G 17 -35.65 10.19 12.27
CA GLU G 17 -35.98 8.83 12.71
C GLU G 17 -37.36 8.76 13.25
N THR G 18 -37.92 7.57 13.17
CA THR G 18 -39.20 7.30 13.72
C THR G 18 -39.22 7.55 15.23
N ALA G 19 -40.29 8.18 15.72
CA ALA G 19 -40.51 8.47 17.14
C ALA G 19 -41.94 8.20 17.54
N LEU G 20 -42.14 7.88 18.82
CA LEU G 20 -43.49 7.79 19.39
C LEU G 20 -43.88 9.20 19.86
N MET G 21 -44.94 9.74 19.29
CA MET G 21 -45.31 11.10 19.60
C MET G 21 -46.24 11.11 20.79
N PRO G 22 -46.40 12.26 21.45
CA PRO G 22 -47.27 12.32 22.65
C PRO G 22 -48.70 11.79 22.41
N ASN G 23 -49.27 12.06 21.24
CA ASN G 23 -50.62 11.57 20.94
C ASN G 23 -50.73 10.07 20.60
N GLY G 24 -49.65 9.32 20.80
CA GLY G 24 -49.67 7.88 20.52
C GLY G 24 -49.39 7.42 19.10
N THR G 25 -49.13 8.35 18.18
CA THR G 25 -48.81 8.00 16.79
C THR G 25 -47.30 7.86 16.56
N PHE G 26 -46.95 7.32 15.38
CA PHE G 26 -45.56 7.21 14.94
C PHE G 26 -45.30 8.23 13.87
N LYS G 27 -44.20 8.96 13.97
CA LYS G 27 -43.87 9.97 13.01
C LYS G 27 -42.36 10.16 13.02
N LYS G 28 -41.80 10.50 11.86
CA LYS G 28 -40.40 10.86 11.74
C LYS G 28 -40.18 12.19 12.41
N VAL G 29 -39.12 12.27 13.18
CA VAL G 29 -38.70 13.50 13.83
C VAL G 29 -37.30 13.78 13.35
N ALA G 30 -37.10 14.97 12.84
CA ALA G 30 -35.82 15.36 12.22
C ALA G 30 -35.22 16.46 13.04
N LEU G 31 -33.92 16.41 13.21
CA LEU G 31 -33.25 17.48 13.95
C LEU G 31 -33.58 18.87 13.40
N THR G 32 -33.56 19.01 12.07
CA THR G 32 -33.83 20.31 11.47
C THR G 32 -35.21 20.90 11.82
N SER G 33 -36.15 20.09 12.27
CA SER G 33 -37.44 20.61 12.68
C SER G 33 -37.36 21.47 13.95
N TYR G 34 -36.23 21.42 14.67
CA TYR G 34 -36.02 22.21 15.89
C TYR G 34 -35.19 23.48 15.65
N LYS G 35 -34.78 23.73 14.39
CA LYS G 35 -34.09 24.95 14.04
C LYS G 35 -34.87 26.16 14.58
N GLY G 36 -34.17 27.11 15.17
CA GLY G 36 -34.80 28.24 15.83
C GLY G 36 -35.10 28.04 17.31
N LYS G 37 -35.08 26.80 17.80
CA LYS G 37 -35.33 26.51 19.21
C LYS G 37 -34.08 25.94 19.87
N TRP G 38 -34.06 25.99 21.19
CA TRP G 38 -33.15 25.19 21.97
C TRP G 38 -33.71 23.79 22.05
N LEU G 39 -32.83 22.79 22.14
CA LEU G 39 -33.26 21.41 22.28
C LEU G 39 -32.42 20.72 23.33
N VAL G 40 -33.11 20.00 24.22
CA VAL G 40 -32.44 19.06 25.12
C VAL G 40 -32.73 17.68 24.59
N LEU G 41 -31.71 17.06 24.06
CA LEU G 41 -31.84 15.72 23.55
C LEU G 41 -31.28 14.80 24.62
N PHE G 42 -32.03 13.81 25.06
CA PHE G 42 -31.47 12.87 26.01
C PHE G 42 -31.73 11.38 25.74
N PHE G 43 -30.72 10.57 26.02
CA PHE G 43 -30.74 9.15 25.73
C PHE G 43 -30.93 8.36 26.98
N TYR G 44 -31.55 7.22 26.86
CA TYR G 44 -31.60 6.26 27.96
C TYR G 44 -31.41 4.85 27.41
N PRO G 45 -30.92 3.91 28.26
CA PRO G 45 -30.56 2.57 27.82
C PRO G 45 -31.67 1.70 27.32
N MET G 46 -32.74 1.50 28.10
CA MET G 46 -33.74 0.44 27.79
C MET G 46 -35.14 0.70 28.31
N ASP G 47 -36.12 0.46 27.48
CA ASP G 47 -37.49 0.51 27.90
C ASP G 47 -37.72 -0.56 28.95
N PHE G 48 -38.75 -0.36 29.78
CA PHE G 48 -39.16 -1.28 30.85
C PHE G 48 -38.12 -1.50 31.91
N THR G 49 -37.27 -0.51 32.19
CA THR G 49 -36.29 -0.63 33.28
C THR G 49 -36.55 0.37 34.42
N PHE G 50 -35.49 0.93 35.02
CA PHE G 50 -35.54 1.34 36.45
C PHE G 50 -35.27 2.81 36.69
N VAL G 51 -34.04 3.25 36.50
CA VAL G 51 -33.78 4.69 36.48
C VAL G 51 -34.56 5.38 35.38
N CYS G 52 -34.55 4.77 34.19
CA CYS G 52 -35.09 5.40 32.96
C CYS G 52 -36.50 6.03 33.07
N PRO G 53 -37.53 5.30 33.54
CA PRO G 53 -38.83 5.95 33.67
C PRO G 53 -38.87 7.11 34.65
N THR G 54 -38.04 7.12 35.69
CA THR G 54 -38.02 8.24 36.58
C THR G 54 -37.53 9.50 35.86
N GLU G 55 -36.56 9.35 34.96
CA GLU G 55 -36.02 10.47 34.19
C GLU G 55 -37.01 10.91 33.11
N ILE G 56 -37.50 9.94 32.35
CA ILE G 56 -38.40 10.24 31.26
C ILE G 56 -39.68 10.90 31.77
N CYS G 57 -40.23 10.42 32.87
CA CYS G 57 -41.45 10.99 33.44
C CYS G 57 -41.23 12.41 34.02
N GLN G 58 -40.10 12.64 34.67
CA GLN G 58 -39.72 13.96 35.13
C GLN G 58 -39.61 14.96 33.99
N PHE G 59 -38.94 14.60 32.90
CA PHE G 59 -38.89 15.50 31.75
C PHE G 59 -40.28 15.72 31.12
N SER G 60 -41.09 14.66 31.05
CA SER G 60 -42.41 14.78 30.52
C SER G 60 -43.30 15.69 31.40
N ASP G 61 -43.31 15.45 32.70
CA ASP G 61 -44.11 16.27 33.59
C ASP G 61 -43.70 17.73 33.55
N ARG G 62 -42.43 18.01 33.34
CA ARG G 62 -41.98 19.36 33.41
C ARG G 62 -41.70 19.97 32.07
N VAL G 63 -42.23 19.43 30.97
CA VAL G 63 -41.90 19.99 29.63
C VAL G 63 -42.09 21.48 29.57
N LYS G 64 -43.14 21.94 30.21
CA LYS G 64 -43.53 23.35 30.10
C LYS G 64 -42.48 24.32 30.64
N GLU G 65 -41.80 23.91 31.71
CA GLU G 65 -40.68 24.70 32.19
C GLU G 65 -39.66 24.94 31.10
N PHE G 66 -39.52 23.98 30.19
CA PHE G 66 -38.65 24.12 29.03
C PHE G 66 -39.31 24.87 27.84
N SER G 67 -40.53 24.50 27.48
CA SER G 67 -41.22 25.11 26.35
C SER G 67 -41.46 26.61 26.60
N ASP G 68 -41.77 26.99 27.83
CA ASP G 68 -41.94 28.41 28.20
C ASP G 68 -40.70 29.28 27.98
N ILE G 69 -39.53 28.69 27.88
CA ILE G 69 -38.35 29.47 27.55
C ILE G 69 -37.76 29.08 26.18
N GLY G 70 -38.58 28.55 25.28
CA GLY G 70 -38.15 28.30 23.90
C GLY G 70 -37.29 27.05 23.71
N CYS G 71 -37.47 26.05 24.57
CA CYS G 71 -36.66 24.85 24.55
C CYS G 71 -37.50 23.61 24.51
N GLU G 72 -37.25 22.79 23.51
CA GLU G 72 -37.94 21.52 23.37
C GLU G 72 -37.14 20.40 24.07
N VAL G 73 -37.81 19.29 24.33
CA VAL G 73 -37.11 18.12 24.80
C VAL G 73 -37.49 16.87 24.06
N LEU G 74 -36.47 16.05 23.84
CA LEU G 74 -36.58 14.87 23.02
C LEU G 74 -35.83 13.70 23.67
N ALA G 75 -36.48 12.55 23.78
CA ALA G 75 -35.87 11.37 24.37
C ALA G 75 -35.53 10.32 23.30
N CYS G 76 -34.61 9.42 23.58
CA CYS G 76 -34.18 8.46 22.61
C CYS G 76 -33.59 7.19 23.25
N SER G 77 -33.93 6.04 22.69
CA SER G 77 -33.33 4.77 23.10
C SER G 77 -33.29 3.77 21.95
N MET G 78 -32.73 2.63 22.24
CA MET G 78 -32.44 1.60 21.26
C MET G 78 -33.70 0.84 20.85
N ASP G 79 -34.75 0.96 21.65
CA ASP G 79 -35.95 0.15 21.50
C ASP G 79 -36.80 0.58 20.33
N SER G 80 -37.64 -0.32 19.83
CA SER G 80 -38.60 0.03 18.78
C SER G 80 -39.69 1.01 19.26
N GLU G 81 -40.36 1.67 18.31
CA GLU G 81 -41.59 2.42 18.56
C GLU G 81 -42.62 1.60 19.28
N TYR G 82 -42.71 0.33 18.93
CA TYR G 82 -43.73 -0.52 19.50
C TYR G 82 -43.45 -0.79 20.99
N SER G 83 -42.20 -1.03 21.36
CA SER G 83 -41.84 -1.08 22.77
C SER G 83 -42.24 0.23 23.46
N HIS G 84 -41.91 1.36 22.84
CA HIS G 84 -42.25 2.65 23.42
C HIS G 84 -43.73 2.74 23.70
N LEU G 85 -44.52 2.43 22.69
CA LEU G 85 -45.96 2.52 22.78
C LEU G 85 -46.49 1.63 23.87
N ALA G 86 -46.00 0.40 23.92
CA ALA G 86 -46.42 -0.56 24.95
C ALA G 86 -46.11 -0.02 26.35
N TRP G 87 -44.95 0.62 26.51
CA TRP G 87 -44.48 1.06 27.81
C TRP G 87 -45.37 2.21 28.31
N THR G 88 -45.76 3.02 27.36
CA THR G 88 -46.74 4.10 27.51
C THR G 88 -48.09 3.62 27.97
N SER G 89 -48.43 2.40 27.63
CA SER G 89 -49.74 1.82 27.98
C SER G 89 -49.81 1.22 29.35
N ILE G 90 -48.71 1.23 30.08
CA ILE G 90 -48.70 0.71 31.43
C ILE G 90 -48.66 1.91 32.35
N GLU G 91 -49.35 1.81 33.48
CA GLU G 91 -49.41 2.90 34.48
C GLU G 91 -48.08 3.07 35.23
N ARG G 92 -47.83 4.28 35.70
CA ARG G 92 -46.56 4.59 36.35
C ARG G 92 -46.33 3.74 37.58
N LYS G 93 -47.41 3.44 38.29
CA LYS G 93 -47.29 2.66 39.54
C LYS G 93 -46.87 1.20 39.29
N ARG G 94 -46.99 0.73 38.04
CA ARG G 94 -46.39 -0.55 37.66
C ARG G 94 -45.09 -0.47 36.89
N GLY G 95 -44.42 0.68 36.94
CA GLY G 95 -43.14 0.85 36.24
C GLY G 95 -43.30 1.26 34.78
N GLY G 96 -44.49 1.73 34.41
CA GLY G 96 -44.76 2.23 33.09
C GLY G 96 -44.56 3.73 32.98
N LEU G 97 -44.79 4.24 31.79
CA LEU G 97 -44.62 5.64 31.50
C LEU G 97 -45.92 6.43 31.60
N GLY G 98 -47.05 5.76 31.34
CA GLY G 98 -48.29 6.45 31.15
C GLY G 98 -48.22 7.39 29.93
N GLN G 99 -49.14 8.32 29.88
CA GLN G 99 -49.14 9.35 28.86
C GLN G 99 -47.88 10.17 28.92
N MET G 100 -47.36 10.50 27.75
CA MET G 100 -46.17 11.30 27.59
C MET G 100 -46.45 12.65 26.91
N ASN G 101 -45.75 13.70 27.32
CA ASN G 101 -45.76 14.99 26.62
C ASN G 101 -44.53 15.29 25.79
N ILE G 102 -43.65 14.30 25.64
CA ILE G 102 -42.48 14.44 24.78
C ILE G 102 -42.41 13.29 23.82
N PRO G 103 -41.89 13.56 22.64
CA PRO G 103 -41.63 12.45 21.76
C PRO G 103 -40.47 11.55 22.24
N ILE G 104 -40.47 10.29 21.83
CA ILE G 104 -39.36 9.37 22.08
C ILE G 104 -38.92 8.71 20.78
N LEU G 105 -37.71 9.00 20.36
CA LEU G 105 -37.11 8.40 19.19
C LEU G 105 -36.87 6.89 19.41
N ALA G 106 -37.04 6.11 18.34
CA ALA G 106 -36.68 4.69 18.34
C ALA G 106 -35.48 4.49 17.45
N ASP G 107 -34.29 4.50 18.04
CA ASP G 107 -33.03 4.43 17.31
C ASP G 107 -32.67 2.98 17.08
N LYS G 108 -33.47 2.29 16.29
CA LYS G 108 -33.31 0.87 16.07
C LYS G 108 -32.03 0.48 15.37
N THR G 109 -31.50 1.32 14.50
CA THR G 109 -30.21 1.01 13.89
C THR G 109 -29.04 1.37 14.79
N LYS G 110 -29.33 2.13 15.85
CA LYS G 110 -28.33 2.68 16.78
C LYS G 110 -27.41 3.74 16.16
N CYS G 111 -27.76 4.27 15.01
CA CYS G 111 -26.88 5.23 14.32
C CYS G 111 -26.87 6.59 15.08
N ILE G 112 -27.98 6.96 15.73
CA ILE G 112 -28.04 8.22 16.41
C ILE G 112 -27.15 8.18 17.63
N MET G 113 -27.31 7.17 18.48
CA MET G 113 -26.43 7.05 19.66
C MET G 113 -24.95 6.91 19.28
N LYS G 114 -24.67 6.22 18.18
CA LYS G 114 -23.30 6.13 17.72
C LYS G 114 -22.76 7.50 17.43
N SER G 115 -23.56 8.32 16.75
CA SER G 115 -23.05 9.62 16.34
C SER G 115 -22.93 10.60 17.50
N TYR G 116 -23.72 10.45 18.58
CA TYR G 116 -23.57 11.28 19.80
C TYR G 116 -22.52 10.73 20.74
N GLY G 117 -21.95 9.60 20.37
CA GLY G 117 -20.87 9.01 21.16
C GLY G 117 -21.31 8.41 22.48
N VAL G 118 -22.52 7.88 22.57
CA VAL G 118 -22.98 7.34 23.82
C VAL G 118 -23.42 5.88 23.73
N LEU G 119 -23.02 5.17 22.69
CA LEU G 119 -23.29 3.74 22.60
C LEU G 119 -22.38 3.00 23.54
N LYS G 120 -22.95 2.11 24.31
CA LYS G 120 -22.17 1.14 25.02
C LYS G 120 -22.10 -0.14 24.18
N GLU G 121 -21.01 -0.27 23.43
CA GLU G 121 -20.89 -1.26 22.38
C GLU G 121 -21.17 -2.68 22.88
N GLU G 122 -20.64 -3.04 24.04
CA GLU G 122 -20.76 -4.42 24.52
C GLU G 122 -22.22 -4.83 24.75
N ASP G 123 -23.07 -3.88 25.13
CA ASP G 123 -24.47 -4.20 25.46
C ASP G 123 -25.49 -3.80 24.42
N GLY G 124 -25.11 -2.91 23.51
CA GLY G 124 -26.06 -2.42 22.50
C GLY G 124 -27.03 -1.35 23.00
N VAL G 125 -26.70 -0.65 24.05
CA VAL G 125 -27.60 0.35 24.61
C VAL G 125 -26.91 1.66 24.78
N ALA G 126 -27.70 2.71 24.95
CA ALA G 126 -27.13 4.06 25.17
C ALA G 126 -26.86 4.32 26.64
N TYR G 127 -25.73 4.96 26.90
CA TYR G 127 -25.47 5.56 28.19
C TYR G 127 -26.44 6.73 28.42
N ARG G 128 -26.43 7.29 29.61
CA ARG G 128 -27.34 8.39 29.95
C ARG G 128 -26.74 9.68 29.45
N GLY G 129 -26.72 9.85 28.14
CA GLY G 129 -26.20 11.07 27.54
C GLY G 129 -27.27 12.13 27.43
N LEU G 130 -26.95 13.34 27.81
CA LEU G 130 -27.83 14.45 27.59
C LEU G 130 -27.09 15.57 26.85
N PHE G 131 -27.70 16.13 25.81
CA PHE G 131 -27.05 17.13 24.99
C PHE G 131 -27.91 18.40 24.84
N ILE G 132 -27.29 19.56 24.91
CA ILE G 132 -28.00 20.82 24.75
C ILE G 132 -27.57 21.44 23.42
N ILE G 133 -28.55 21.55 22.54
CA ILE G 133 -28.34 22.06 21.21
C ILE G 133 -29.03 23.43 21.10
N ASP G 134 -28.33 24.42 20.52
CA ASP G 134 -28.86 25.78 20.42
C ASP G 134 -29.67 26.01 19.12
N PRO G 135 -30.21 27.23 18.93
CA PRO G 135 -31.12 27.44 17.78
C PRO G 135 -30.45 27.38 16.42
N LYS G 136 -29.15 27.62 16.37
CA LYS G 136 -28.42 27.42 15.13
C LYS G 136 -28.03 25.97 14.95
N GLN G 137 -28.43 25.12 15.90
CA GLN G 137 -28.20 23.64 15.85
C GLN G 137 -26.79 23.20 16.16
N ASN G 138 -26.07 24.05 16.87
CA ASN G 138 -24.77 23.69 17.34
C ASN G 138 -24.85 23.12 18.75
N LEU G 139 -23.93 22.21 19.03
CA LEU G 139 -23.91 21.54 20.29
C LEU G 139 -23.20 22.41 21.31
N ARG G 140 -23.80 22.61 22.46
CA ARG G 140 -23.17 23.49 23.48
C ARG G 140 -22.87 22.86 24.83
N GLN G 141 -23.41 21.68 25.12
CA GLN G 141 -23.21 21.07 26.42
C GLN G 141 -23.38 19.59 26.26
N ILE G 142 -22.46 18.85 26.85
CA ILE G 142 -22.48 17.38 26.86
C ILE G 142 -22.46 16.85 28.29
N THR G 143 -23.35 15.93 28.58
CA THR G 143 -23.41 15.28 29.87
C THR G 143 -23.60 13.77 29.64
N VAL G 144 -22.73 12.93 30.16
CA VAL G 144 -22.96 11.49 30.07
C VAL G 144 -22.78 10.79 31.39
N ASN G 145 -23.84 10.15 31.92
CA ASN G 145 -23.74 9.36 33.17
C ASN G 145 -23.63 7.87 32.86
N ASP G 146 -22.84 7.14 33.65
CA ASP G 146 -22.94 5.66 33.67
C ASP G 146 -24.39 5.28 34.00
N LEU G 147 -24.78 4.06 33.67
CA LEU G 147 -26.19 3.62 33.78
C LEU G 147 -26.86 3.69 35.16
N PRO G 148 -26.10 3.43 36.24
CA PRO G 148 -26.88 3.34 37.48
C PRO G 148 -27.20 4.67 38.18
N VAL G 149 -26.74 5.80 37.66
CA VAL G 149 -27.02 7.08 38.27
C VAL G 149 -27.81 7.99 37.34
N GLY G 150 -29.00 8.37 37.79
CA GLY G 150 -29.84 9.27 37.05
C GLY G 150 -29.34 10.69 36.98
N ARG G 151 -29.85 11.41 35.99
CA ARG G 151 -29.55 12.84 35.76
C ARG G 151 -30.46 13.72 36.59
N ASP G 152 -30.15 15.02 36.63
CA ASP G 152 -30.96 16.01 37.37
C ASP G 152 -31.60 17.01 36.44
N VAL G 153 -32.91 17.02 36.44
CA VAL G 153 -33.69 17.88 35.55
C VAL G 153 -33.50 19.34 35.89
N ASP G 154 -33.39 19.67 37.15
CA ASP G 154 -33.14 21.08 37.54
C ASP G 154 -31.81 21.60 36.97
N GLU G 155 -30.81 20.74 36.87
CA GLU G 155 -29.53 21.16 36.34
C GLU G 155 -29.58 21.35 34.83
N ALA G 156 -30.35 20.54 34.13
CA ALA G 156 -30.52 20.73 32.70
C ALA G 156 -31.18 22.07 32.43
N LEU G 157 -32.17 22.40 33.25
CA LEU G 157 -32.89 23.67 33.16
C LEU G 157 -31.98 24.86 33.46
N ARG G 158 -31.14 24.73 34.48
CA ARG G 158 -30.19 25.76 34.82
C ARG G 158 -29.27 26.04 33.65
N LEU G 159 -28.80 24.98 33.02
CA LEU G 159 -27.88 25.13 31.91
C LEU G 159 -28.53 25.80 30.73
N VAL G 160 -29.74 25.38 30.38
CA VAL G 160 -30.41 25.99 29.25
C VAL G 160 -30.59 27.48 29.53
N LYS G 161 -31.02 27.80 30.76
CA LYS G 161 -31.19 29.22 31.12
C LYS G 161 -29.89 30.02 31.05
N ALA G 162 -28.82 29.43 31.54
CA ALA G 162 -27.52 30.08 31.50
C ALA G 162 -27.07 30.32 30.04
N PHE G 163 -27.31 29.37 29.17
CA PHE G 163 -26.91 29.55 27.79
C PHE G 163 -27.74 30.60 27.10
N GLN G 164 -29.03 30.63 27.40
CA GLN G 164 -29.92 31.69 26.87
C GLN G 164 -29.44 33.04 27.33
N PHE G 165 -29.08 33.12 28.61
CA PHE G 165 -28.67 34.37 29.19
C PHE G 165 -27.43 34.88 28.48
N VAL G 166 -26.52 33.99 28.21
CA VAL G 166 -25.27 34.37 27.58
C VAL G 166 -25.49 34.90 26.15
N GLU G 167 -26.35 34.25 25.35
CA GLU G 167 -26.69 34.72 24.01
C GLU G 167 -27.33 36.11 24.08
N LYS G 168 -28.24 36.29 25.02
CA LYS G 168 -29.02 37.51 25.07
C LYS G 168 -28.13 38.70 25.46
N HIS G 169 -27.28 38.56 26.47
CA HIS G 169 -26.58 39.70 27.02
C HIS G 169 -25.07 39.86 26.75
N GLY G 170 -24.45 38.88 26.08
CA GLY G 170 -22.98 38.89 25.89
C GLY G 170 -22.13 38.87 27.17
N GLU G 171 -22.74 38.44 28.27
CA GLU G 171 -22.02 38.24 29.53
C GLU G 171 -21.77 36.75 29.75
N VAL G 172 -21.08 36.45 30.83
CA VAL G 172 -20.57 35.14 31.06
C VAL G 172 -21.10 34.69 32.42
N CYS G 173 -21.44 33.42 32.56
CA CYS G 173 -22.15 32.92 33.76
C CYS G 173 -21.19 32.20 34.74
N PRO G 174 -20.98 32.76 35.95
CA PRO G 174 -20.13 32.11 36.95
C PRO G 174 -20.58 30.75 37.46
N ALA G 175 -19.69 30.11 38.18
CA ALA G 175 -20.01 28.87 38.84
C ALA G 175 -21.31 29.01 39.59
N ASN G 176 -22.16 27.98 39.50
CA ASN G 176 -23.39 27.86 40.29
C ASN G 176 -24.47 28.89 39.95
N TRP G 177 -24.28 29.62 38.86
CA TRP G 177 -25.21 30.70 38.46
C TRP G 177 -26.65 30.21 38.42
N LYS G 178 -27.55 31.00 39.00
CA LYS G 178 -28.99 30.77 38.91
C LYS G 178 -29.56 32.07 38.41
N PRO G 179 -30.76 32.04 37.81
CA PRO G 179 -31.37 33.33 37.38
C PRO G 179 -31.39 34.35 38.55
N GLY G 180 -30.98 35.58 38.26
CA GLY G 180 -30.86 36.62 39.26
C GLY G 180 -29.50 36.82 39.89
N ASP G 181 -28.57 35.89 39.75
CA ASP G 181 -27.20 36.08 40.26
C ASP G 181 -26.40 37.06 39.41
N LYS G 182 -25.30 37.54 39.99
CA LYS G 182 -24.37 38.41 39.28
C LYS G 182 -23.66 37.66 38.16
N THR G 183 -23.46 38.36 37.04
CA THR G 183 -22.67 37.87 35.93
C THR G 183 -21.59 38.91 35.63
N MET G 184 -20.74 38.65 34.64
CA MET G 184 -19.67 39.60 34.32
C MET G 184 -19.37 39.63 32.85
N LYS G 185 -18.83 40.76 32.40
CA LYS G 185 -18.32 40.84 31.05
C LYS G 185 -16.95 40.21 30.96
N PRO G 186 -16.71 39.36 29.94
CA PRO G 186 -15.42 38.67 29.76
C PRO G 186 -14.31 39.59 29.19
N ASP G 187 -13.94 40.59 29.98
CA ASP G 187 -13.02 41.65 29.61
C ASP G 187 -12.16 41.96 30.85
N PRO G 188 -10.83 42.11 30.69
CA PRO G 188 -9.98 42.31 31.88
C PRO G 188 -10.36 43.51 32.75
N GLU G 189 -10.64 44.67 32.12
CA GLU G 189 -11.07 45.89 32.87
C GLU G 189 -12.51 45.78 33.39
N LYS G 190 -13.48 45.49 32.52
CA LYS G 190 -14.88 45.43 32.96
C LYS G 190 -15.23 44.35 33.97
N SER G 191 -14.41 43.30 34.04
CA SER G 191 -14.63 42.23 35.00
C SER G 191 -14.31 42.64 36.45
N LYS G 192 -13.55 43.71 36.63
CA LYS G 192 -13.18 44.20 37.97
C LYS G 192 -14.42 44.49 38.83
N GLU G 193 -15.47 45.03 38.19
CA GLU G 193 -16.78 45.27 38.84
C GLU G 193 -17.34 44.05 39.53
N TYR G 194 -17.22 42.88 38.89
CA TYR G 194 -17.67 41.62 39.52
C TYR G 194 -16.79 41.23 40.72
N PHE G 195 -15.48 41.31 40.55
CA PHE G 195 -14.58 40.84 41.59
C PHE G 195 -14.50 41.69 42.87
N GLY G 196 -14.70 43.03 42.82
CA GLY G 196 -14.88 43.87 44.07
C GLY G 196 -16.27 43.72 44.68
N ALA G 197 -16.40 43.20 45.92
CA ALA G 197 -17.75 43.11 46.59
C ALA G 197 -18.71 42.20 45.82
N GLY H 4 -10.22 12.28 21.56
CA GLY H 4 -9.42 11.54 22.57
C GLY H 4 -9.98 10.18 22.97
N ASP H 5 -9.46 9.60 24.04
CA ASP H 5 -9.79 8.20 24.43
C ASP H 5 -10.40 8.00 25.83
N ALA H 6 -11.13 8.98 26.36
CA ALA H 6 -11.85 8.82 27.61
C ALA H 6 -13.16 8.18 27.31
N LYS H 7 -13.41 6.99 27.81
CA LYS H 7 -14.63 6.26 27.57
C LYS H 7 -15.17 5.85 28.95
N LEU H 8 -16.49 5.90 29.14
CA LEU H 8 -17.08 5.44 30.41
C LEU H 8 -16.79 3.97 30.63
N ASN H 9 -16.59 3.63 31.89
CA ASN H 9 -16.25 2.30 32.33
C ASN H 9 -14.96 1.73 31.75
N HIS H 10 -14.09 2.58 31.24
CA HIS H 10 -12.74 2.16 30.89
C HIS H 10 -11.81 2.94 31.78
N PRO H 11 -10.56 2.47 31.91
CA PRO H 11 -9.59 3.22 32.71
C PRO H 11 -9.50 4.65 32.23
N ALA H 12 -9.57 5.59 33.14
CA ALA H 12 -9.33 6.99 32.82
C ALA H 12 -7.96 7.15 32.21
N PRO H 13 -7.83 7.96 31.17
CA PRO H 13 -6.50 8.18 30.59
C PRO H 13 -5.50 8.67 31.62
N ASP H 14 -4.37 7.97 31.65
CA ASP H 14 -3.32 8.14 32.67
C ASP H 14 -2.57 9.45 32.40
N PHE H 15 -2.06 10.08 33.44
CA PHE H 15 -1.28 11.27 33.32
C PHE H 15 -0.28 11.33 34.45
N ASN H 16 0.80 12.07 34.23
CA ASN H 16 1.76 12.36 35.24
C ASN H 16 2.43 13.67 34.87
N GLU H 17 2.04 14.76 35.52
CA GLU H 17 2.42 16.09 35.06
C GLU H 17 2.65 17.03 36.22
N THR H 18 3.47 18.01 35.96
CA THR H 18 3.75 19.05 36.93
C THR H 18 2.47 19.76 37.32
N ALA H 19 2.35 20.05 38.61
CA ALA H 19 1.21 20.78 39.17
C ALA H 19 1.65 21.82 40.19
N LEU H 20 0.87 22.88 40.36
CA LEU H 20 1.05 23.78 41.48
C LEU H 20 0.29 23.21 42.65
N MET H 21 1.00 22.93 43.74
CA MET H 21 0.39 22.31 44.93
C MET H 21 -0.14 23.41 45.85
N PRO H 22 -1.06 23.07 46.75
CA PRO H 22 -1.59 24.06 47.68
C PRO H 22 -0.53 24.87 48.43
N ASN H 23 0.54 24.20 48.86
CA ASN H 23 1.61 24.86 49.61
C ASN H 23 2.53 25.75 48.76
N GLY H 24 2.18 25.98 47.50
CA GLY H 24 2.97 26.85 46.63
C GLY H 24 4.14 26.22 45.90
N THR H 25 4.38 24.91 46.12
CA THR H 25 5.47 24.20 45.41
C THR H 25 5.02 23.56 44.09
N PHE H 26 6.01 23.10 43.32
CA PHE H 26 5.76 22.38 42.09
C PHE H 26 6.09 20.92 42.29
N LYS H 27 5.19 20.06 41.88
CA LYS H 27 5.38 18.65 42.04
C LYS H 27 4.61 17.90 40.94
N LYS H 28 5.14 16.74 40.52
CA LYS H 28 4.44 15.84 39.64
C LYS H 28 3.27 15.21 40.36
N VAL H 29 2.13 15.21 39.70
CA VAL H 29 0.94 14.57 40.19
C VAL H 29 0.57 13.53 39.15
N ALA H 30 0.39 12.30 39.61
CA ALA H 30 0.11 11.16 38.74
C ALA H 30 -1.25 10.60 39.06
N LEU H 31 -1.98 10.21 38.03
CA LEU H 31 -3.32 9.67 38.25
C LEU H 31 -3.26 8.51 39.21
N THR H 32 -2.26 7.64 39.09
CA THR H 32 -2.19 6.48 40.00
C THR H 32 -2.05 6.84 41.50
N SER H 33 -1.65 8.07 41.84
CA SER H 33 -1.69 8.53 43.23
C SER H 33 -3.06 8.51 43.86
N TYR H 34 -4.11 8.49 43.04
CA TYR H 34 -5.47 8.62 43.56
C TYR H 34 -6.14 7.29 43.65
N LYS H 35 -5.42 6.23 43.27
CA LYS H 35 -5.96 4.88 43.37
C LYS H 35 -6.53 4.68 44.77
N GLY H 36 -7.70 4.08 44.87
CA GLY H 36 -8.39 3.93 46.14
C GLY H 36 -9.31 5.08 46.54
N LYS H 37 -9.19 6.22 45.86
CA LYS H 37 -10.11 7.35 46.10
C LYS H 37 -10.99 7.64 44.87
N TRP H 38 -12.07 8.37 45.11
CA TRP H 38 -12.80 9.02 44.02
C TRP H 38 -12.03 10.27 43.64
N LEU H 39 -12.09 10.63 42.37
CA LEU H 39 -11.45 11.86 41.92
C LEU H 39 -12.40 12.66 41.02
N VAL H 40 -12.51 13.96 41.28
CA VAL H 40 -13.15 14.87 40.34
C VAL H 40 -12.06 15.63 39.67
N LEU H 41 -11.87 15.35 38.38
CA LEU H 41 -10.84 16.04 37.61
C LEU H 41 -11.53 17.06 36.79
N PHE H 42 -11.14 18.33 36.88
CA PHE H 42 -11.80 19.35 36.06
C PHE H 42 -10.87 20.33 35.35
N PHE H 43 -11.21 20.64 34.11
CA PHE H 43 -10.40 21.47 33.23
C PHE H 43 -11.00 22.83 33.12
N TYR H 44 -10.16 23.84 32.90
CA TYR H 44 -10.64 25.16 32.57
C TYR H 44 -9.73 25.74 31.50
N PRO H 45 -10.22 26.73 30.74
CA PRO H 45 -9.52 27.23 29.56
C PRO H 45 -8.23 27.99 29.85
N MET H 46 -8.29 29.03 30.67
CA MET H 46 -7.16 29.97 30.77
C MET H 46 -7.03 30.65 32.13
N ASP H 47 -5.80 30.71 32.65
CA ASP H 47 -5.51 31.50 33.84
C ASP H 47 -5.82 32.96 33.55
N PHE H 48 -6.10 33.71 34.61
CA PHE H 48 -6.38 35.14 34.55
C PHE H 48 -7.63 35.52 33.76
N THR H 49 -8.63 34.65 33.74
CA THR H 49 -9.90 34.97 33.05
C THR H 49 -11.08 35.07 34.04
N PHE H 50 -12.27 34.62 33.63
CA PHE H 50 -13.51 35.19 34.17
C PHE H 50 -14.39 34.17 34.87
N VAL H 51 -14.97 33.24 34.13
CA VAL H 51 -15.70 32.15 34.78
C VAL H 51 -14.74 31.33 35.63
N CYS H 52 -13.56 31.07 35.07
CA CYS H 52 -12.61 30.10 35.64
C CYS H 52 -12.31 30.29 37.14
N PRO H 53 -11.90 31.49 37.59
CA PRO H 53 -11.67 31.67 39.04
C PRO H 53 -12.89 31.48 39.93
N THR H 54 -14.10 31.77 39.44
CA THR H 54 -15.28 31.46 40.24
C THR H 54 -15.45 29.96 40.48
N GLU H 55 -15.11 29.15 39.48
CA GLU H 55 -15.19 27.70 39.59
C GLU H 55 -14.07 27.16 40.44
N ILE H 56 -12.85 27.56 40.14
CA ILE H 56 -11.70 27.05 40.84
C ILE H 56 -11.81 27.39 42.33
N CYS H 57 -12.22 28.62 42.65
CA CYS H 57 -12.32 29.06 44.04
C CYS H 57 -13.42 28.34 44.81
N GLN H 58 -14.56 28.11 44.17
CA GLN H 58 -15.62 27.28 44.75
C GLN H 58 -15.13 25.86 45.08
N PHE H 59 -14.44 25.22 44.15
CA PHE H 59 -13.96 23.85 44.43
C PHE H 59 -12.89 23.86 45.51
N SER H 60 -12.05 24.88 45.53
CA SER H 60 -11.06 25.02 46.57
C SER H 60 -11.73 25.26 47.95
N ASP H 61 -12.66 26.21 48.03
CA ASP H 61 -13.31 26.51 49.30
C ASP H 61 -14.03 25.29 49.84
N ARG H 62 -14.58 24.49 48.96
CA ARG H 62 -15.39 23.38 49.40
C ARG H 62 -14.70 22.03 49.31
N VAL H 63 -13.38 21.97 49.21
CA VAL H 63 -12.70 20.65 49.10
C VAL H 63 -13.17 19.65 50.14
N LYS H 64 -13.41 20.14 51.36
CA LYS H 64 -13.66 19.26 52.50
C LYS H 64 -14.96 18.47 52.32
N GLU H 65 -15.97 19.12 51.72
CA GLU H 65 -17.20 18.40 51.37
C GLU H 65 -16.90 17.19 50.51
N PHE H 66 -15.86 17.29 49.66
CA PHE H 66 -15.39 16.14 48.87
C PHE H 66 -14.45 15.17 49.64
N SER H 67 -13.44 15.69 50.36
CA SER H 67 -12.52 14.84 51.14
C SER H 67 -13.23 14.00 52.15
N ASP H 68 -14.19 14.60 52.86
CA ASP H 68 -14.87 13.91 53.92
C ASP H 68 -15.58 12.67 53.42
N ILE H 69 -15.84 12.57 52.14
CA ILE H 69 -16.47 11.37 51.60
C ILE H 69 -15.53 10.62 50.66
N GLY H 70 -14.23 10.84 50.81
CA GLY H 70 -13.25 9.99 50.12
C GLY H 70 -13.01 10.39 48.69
N CYS H 71 -13.19 11.69 48.40
CA CYS H 71 -13.09 12.18 47.04
C CYS H 71 -12.16 13.37 46.96
N GLU H 72 -11.15 13.25 46.10
CA GLU H 72 -10.23 14.33 45.87
C GLU H 72 -10.68 15.19 44.69
N VAL H 73 -10.10 16.37 44.57
CA VAL H 73 -10.35 17.18 43.41
C VAL H 73 -9.08 17.78 42.88
N LEU H 74 -9.05 17.83 41.55
CA LEU H 74 -7.87 18.22 40.81
C LEU H 74 -8.26 19.13 39.63
N ALA H 75 -7.56 20.23 39.46
CA ALA H 75 -7.85 21.15 38.38
C ALA H 75 -6.75 21.11 37.32
N CYS H 76 -7.06 21.56 36.11
CA CYS H 76 -6.09 21.50 35.05
C CYS H 76 -6.35 22.52 33.95
N SER H 77 -5.29 23.13 33.44
CA SER H 77 -5.37 24.01 32.30
C SER H 77 -4.07 24.02 31.48
N MET H 78 -4.12 24.74 30.39
CA MET H 78 -3.07 24.75 29.41
C MET H 78 -1.84 25.54 29.91
N ASP H 79 -2.04 26.36 30.95
CA ASP H 79 -1.04 27.33 31.37
C ASP H 79 0.10 26.68 32.11
N SER H 80 1.26 27.36 32.15
CA SER H 80 2.38 26.89 32.96
C SER H 80 2.12 26.95 34.45
N GLU H 81 2.92 26.21 35.19
CA GLU H 81 2.98 26.26 36.64
C GLU H 81 3.31 27.64 37.19
N TYR H 82 4.08 28.40 36.41
CA TYR H 82 4.42 29.78 36.79
C TYR H 82 3.24 30.73 36.65
N SER H 83 2.45 30.59 35.58
CA SER H 83 1.17 31.32 35.48
C SER H 83 0.27 30.97 36.66
N HIS H 84 0.16 29.68 36.97
CA HIS H 84 -0.67 29.28 38.10
C HIS H 84 -0.23 30.01 39.38
N LEU H 85 1.07 29.93 39.66
CA LEU H 85 1.62 30.48 40.90
C LEU H 85 1.34 31.96 40.95
N ALA H 86 1.59 32.67 39.85
CA ALA H 86 1.36 34.10 39.78
C ALA H 86 -0.08 34.44 40.07
N TRP H 87 -1.00 33.62 39.55
CA TRP H 87 -2.42 33.89 39.67
C TRP H 87 -2.86 33.75 41.13
N THR H 88 -2.29 32.75 41.76
CA THR H 88 -2.39 32.47 43.18
C THR H 88 -1.94 33.64 44.07
N SER H 89 -1.02 34.43 43.57
CA SER H 89 -0.47 35.56 44.30
C SER H 89 -1.28 36.82 44.22
N ILE H 90 -2.37 36.80 43.47
CA ILE H 90 -3.25 37.95 43.34
C ILE H 90 -4.51 37.66 44.13
N GLU H 91 -5.04 38.68 44.82
CA GLU H 91 -6.20 38.50 45.68
C GLU H 91 -7.46 38.27 44.86
N ARG H 92 -8.43 37.60 45.47
CA ARG H 92 -9.66 37.27 44.75
C ARG H 92 -10.40 38.50 44.27
N LYS H 93 -10.35 39.57 45.04
CA LYS H 93 -11.11 40.77 44.68
C LYS H 93 -10.51 41.51 43.47
N ARG H 94 -9.28 41.18 43.09
CA ARG H 94 -8.73 41.62 41.80
C ARG H 94 -8.76 40.58 40.68
N GLY H 95 -9.56 39.53 40.83
CA GLY H 95 -9.64 38.47 39.81
C GLY H 95 -8.59 37.36 39.94
N GLY H 96 -7.97 37.26 41.12
CA GLY H 96 -6.98 36.25 41.40
C GLY H 96 -7.60 35.06 42.07
N LEU H 97 -6.77 34.10 42.38
CA LEU H 97 -7.17 32.89 43.06
C LEU H 97 -6.95 32.95 44.57
N GLY H 98 -5.95 33.71 45.01
CA GLY H 98 -5.49 33.61 46.39
C GLY H 98 -5.00 32.19 46.71
N GLN H 99 -4.94 31.87 48.00
CA GLN H 99 -4.51 30.57 48.45
C GLN H 99 -5.46 29.50 47.95
N MET H 100 -4.89 28.36 47.54
CA MET H 100 -5.64 27.22 47.03
C MET H 100 -5.49 26.00 47.92
N ASN H 101 -6.57 25.23 48.06
CA ASN H 101 -6.54 23.92 48.72
C ASN H 101 -6.58 22.72 47.78
N ILE H 102 -6.46 22.97 46.48
CA ILE H 102 -6.38 21.90 45.49
C ILE H 102 -5.19 22.11 44.59
N PRO H 103 -4.60 21.01 44.14
CA PRO H 103 -3.56 21.17 43.14
C PRO H 103 -4.12 21.63 41.79
N ILE H 104 -3.29 22.29 40.98
CA ILE H 104 -3.63 22.63 39.62
C ILE H 104 -2.55 22.17 38.64
N LEU H 105 -2.90 21.22 37.77
CA LEU H 105 -1.98 20.71 36.78
C LEU H 105 -1.66 21.77 35.75
N ALA H 106 -0.43 21.73 35.23
CA ALA H 106 -0.03 22.57 34.13
C ALA H 106 0.19 21.71 32.91
N ASP H 107 -0.83 21.60 32.06
CA ASP H 107 -0.80 20.70 30.90
C ASP H 107 -0.19 21.42 29.71
N LYS H 108 1.08 21.76 29.83
CA LYS H 108 1.75 22.57 28.84
C LYS H 108 1.82 21.89 27.48
N THR H 109 1.94 20.58 27.42
CA THR H 109 1.97 19.91 26.13
C THR H 109 0.58 19.65 25.59
N LYS H 110 -0.44 19.86 26.43
CA LYS H 110 -1.86 19.67 26.10
C LYS H 110 -2.24 18.22 25.93
N CYS H 111 -1.37 17.31 26.34
CA CYS H 111 -1.59 15.88 26.07
C CYS H 111 -2.75 15.37 26.98
N ILE H 112 -2.91 15.96 28.17
CA ILE H 112 -3.93 15.50 29.08
C ILE H 112 -5.30 15.87 28.55
N MET H 113 -5.49 17.15 28.19
CA MET H 113 -6.78 17.58 27.62
C MET H 113 -7.10 16.88 26.31
N LYS H 114 -6.10 16.61 25.48
CA LYS H 114 -6.32 15.84 24.26
C LYS H 114 -6.89 14.49 24.63
N SER H 115 -6.30 13.84 25.64
CA SER H 115 -6.75 12.49 25.93
C SER H 115 -8.14 12.45 26.60
N TYR H 116 -8.55 13.52 27.30
CA TYR H 116 -9.91 13.59 27.88
C TYR H 116 -10.95 14.10 26.85
N GLY H 117 -10.48 14.42 25.66
CA GLY H 117 -11.33 14.88 24.58
C GLY H 117 -11.90 16.26 24.82
N VAL H 118 -11.18 17.16 25.51
CA VAL H 118 -11.71 18.47 25.77
C VAL H 118 -10.84 19.60 25.27
N LEU H 119 -9.93 19.33 24.35
CA LEU H 119 -9.17 20.39 23.66
C LEU H 119 -10.02 21.11 22.64
N LYS H 120 -10.02 22.42 22.70
CA LYS H 120 -10.56 23.20 21.62
C LYS H 120 -9.40 23.55 20.69
N GLU H 121 -9.26 22.76 19.63
CA GLU H 121 -8.09 22.77 18.76
C GLU H 121 -7.77 24.14 18.20
N GLU H 122 -8.79 24.87 17.75
CA GLU H 122 -8.54 26.18 17.14
C GLU H 122 -7.91 27.17 18.11
N ASP H 123 -8.21 27.09 19.40
CA ASP H 123 -7.71 28.06 20.38
C ASP H 123 -6.59 27.58 21.28
N GLY H 124 -6.38 26.29 21.36
CA GLY H 124 -5.35 25.73 22.18
C GLY H 124 -5.72 25.63 23.66
N VAL H 125 -7.00 25.63 23.97
CA VAL H 125 -7.42 25.63 25.38
C VAL H 125 -8.40 24.54 25.63
N ALA H 126 -8.60 24.23 26.89
CA ALA H 126 -9.60 23.22 27.27
C ALA H 126 -10.98 23.82 27.44
N TYR H 127 -11.97 23.07 26.99
CA TYR H 127 -13.36 23.31 27.36
C TYR H 127 -13.57 23.01 28.84
N ARG H 128 -14.77 23.30 29.35
CA ARG H 128 -15.05 23.10 30.78
C ARG H 128 -15.43 21.69 31.01
N GLY H 129 -14.46 20.80 30.89
CA GLY H 129 -14.74 19.39 31.10
C GLY H 129 -14.58 19.01 32.54
N LEU H 130 -15.50 18.20 33.06
CA LEU H 130 -15.37 17.67 34.39
C LEU H 130 -15.59 16.18 34.35
N PHE H 131 -14.74 15.42 35.03
CA PHE H 131 -14.78 13.95 34.97
C PHE H 131 -14.77 13.36 36.36
N ILE H 132 -15.60 12.35 36.58
CA ILE H 132 -15.63 11.63 37.83
C ILE H 132 -15.00 10.26 37.63
N ILE H 133 -13.88 10.04 38.32
CA ILE H 133 -13.13 8.81 38.27
C ILE H 133 -13.29 8.08 39.59
N ASP H 134 -13.54 6.76 39.55
CA ASP H 134 -13.77 5.96 40.76
C ASP H 134 -12.46 5.39 41.35
N PRO H 135 -12.53 4.73 42.51
CA PRO H 135 -11.31 4.17 43.12
C PRO H 135 -10.53 3.13 42.32
N LYS H 136 -11.19 2.39 41.45
CA LYS H 136 -10.47 1.50 40.54
C LYS H 136 -9.89 2.26 39.34
N GLN H 137 -10.11 3.59 39.30
CA GLN H 137 -9.58 4.46 38.24
C GLN H 137 -10.33 4.35 36.89
N ASN H 138 -11.58 3.91 36.92
CA ASN H 138 -12.42 3.94 35.77
C ASN H 138 -13.28 5.19 35.71
N LEU H 139 -13.56 5.65 34.52
CA LEU H 139 -14.31 6.87 34.32
C LEU H 139 -15.79 6.60 34.38
N ARG H 140 -16.50 7.38 35.17
CA ARG H 140 -17.93 7.08 35.40
C ARG H 140 -18.87 8.20 35.01
N GLN H 141 -18.37 9.41 34.79
CA GLN H 141 -19.26 10.51 34.47
C GLN H 141 -18.47 11.54 33.71
N ILE H 142 -19.06 12.05 32.63
CA ILE H 142 -18.47 13.06 31.80
C ILE H 142 -19.39 14.27 31.68
N THR H 143 -18.83 15.46 31.84
CA THR H 143 -19.56 16.69 31.73
C THR H 143 -18.69 17.68 30.98
N VAL H 144 -19.17 18.24 29.88
CA VAL H 144 -18.40 19.31 29.19
C VAL H 144 -19.25 20.52 28.86
N ASN H 145 -18.93 21.70 29.39
CA ASN H 145 -19.63 22.92 29.04
C ASN H 145 -18.84 23.74 28.05
N ASP H 146 -19.52 24.41 27.13
CA ASP H 146 -18.91 25.47 26.32
C ASP H 146 -18.35 26.52 27.29
N LEU H 147 -17.42 27.36 26.81
CA LEU H 147 -16.66 28.27 27.70
C LEU H 147 -17.45 29.30 28.49
N PRO H 148 -18.56 29.79 27.93
CA PRO H 148 -19.15 30.92 28.70
C PRO H 148 -20.06 30.54 29.88
N VAL H 149 -20.31 29.27 30.09
CA VAL H 149 -21.21 28.85 31.15
C VAL H 149 -20.52 27.96 32.14
N GLY H 150 -20.47 28.43 33.37
CA GLY H 150 -19.83 27.71 34.47
C GLY H 150 -20.60 26.50 34.95
N ARG H 151 -19.87 25.62 35.61
CA ARG H 151 -20.41 24.35 36.11
C ARG H 151 -20.98 24.57 37.49
N ASP H 152 -21.65 23.55 38.02
CA ASP H 152 -22.26 23.64 39.33
C ASP H 152 -21.60 22.64 40.28
N VAL H 153 -20.99 23.17 41.33
CA VAL H 153 -20.33 22.35 42.32
C VAL H 153 -21.30 21.44 43.07
N ASP H 154 -22.51 21.92 43.37
CA ASP H 154 -23.49 21.07 44.11
C ASP H 154 -23.87 19.85 43.30
N GLU H 155 -23.90 19.98 41.99
CA GLU H 155 -24.23 18.88 41.12
C GLU H 155 -23.06 17.87 41.05
N ALA H 156 -21.83 18.36 41.06
CA ALA H 156 -20.70 17.44 41.08
C ALA H 156 -20.73 16.58 42.32
N LEU H 157 -21.06 17.24 43.45
CA LEU H 157 -21.14 16.58 44.74
C LEU H 157 -22.27 15.54 44.75
N ARG H 158 -23.41 15.90 44.17
CA ARG H 158 -24.54 15.01 44.12
C ARG H 158 -24.14 13.76 43.38
N LEU H 159 -23.44 13.94 42.27
CA LEU H 159 -23.04 12.80 41.45
C LEU H 159 -22.05 11.87 42.13
N VAL H 160 -21.07 12.45 42.81
CA VAL H 160 -20.15 11.63 43.52
C VAL H 160 -20.91 10.84 44.54
N LYS H 161 -21.80 11.51 45.26
CA LYS H 161 -22.52 10.81 46.32
C LYS H 161 -23.36 9.69 45.77
N ALA H 162 -24.00 9.95 44.64
CA ALA H 162 -24.86 8.96 44.00
C ALA H 162 -24.05 7.77 43.56
N PHE H 163 -22.87 8.01 43.02
CA PHE H 163 -22.04 6.90 42.61
C PHE H 163 -21.54 6.09 43.81
N GLN H 164 -21.19 6.77 44.91
CA GLN H 164 -20.78 6.10 46.14
C GLN H 164 -21.91 5.25 46.68
N PHE H 165 -23.10 5.81 46.65
CA PHE H 165 -24.25 5.10 47.14
C PHE H 165 -24.50 3.83 46.35
N VAL H 166 -24.37 3.93 45.04
CA VAL H 166 -24.59 2.77 44.19
C VAL H 166 -23.57 1.65 44.47
N GLU H 167 -22.28 2.00 44.63
CA GLU H 167 -21.23 1.01 44.91
C GLU H 167 -21.42 0.35 46.29
N LYS H 168 -21.88 1.12 47.28
CA LYS H 168 -22.09 0.66 48.66
C LYS H 168 -23.28 -0.30 48.74
N HIS H 169 -24.41 0.01 48.12
CA HIS H 169 -25.64 -0.77 48.32
C HIS H 169 -26.18 -1.63 47.14
N GLY H 170 -25.55 -1.58 45.96
CA GLY H 170 -26.06 -2.31 44.78
C GLY H 170 -27.45 -1.87 44.29
N GLU H 171 -27.88 -0.69 44.71
CA GLU H 171 -29.13 -0.13 44.23
C GLU H 171 -28.85 0.95 43.19
N VAL H 172 -29.91 1.49 42.63
CA VAL H 172 -29.79 2.37 41.48
C VAL H 172 -30.46 3.72 41.87
N CYS H 173 -29.87 4.84 41.44
CA CYS H 173 -30.29 6.18 41.90
C CYS H 173 -31.20 6.90 40.87
N PRO H 174 -32.47 7.13 41.23
CA PRO H 174 -33.40 7.77 40.30
C PRO H 174 -33.06 9.20 39.92
N ALA H 175 -33.79 9.70 38.94
CA ALA H 175 -33.68 11.09 38.55
C ALA H 175 -33.73 11.97 39.79
N ASN H 176 -32.86 12.98 39.83
CA ASN H 176 -32.86 14.04 40.88
C ASN H 176 -32.49 13.55 42.27
N TRP H 177 -32.02 12.31 42.38
CA TRP H 177 -31.72 11.72 43.68
C TRP H 177 -30.84 12.66 44.52
N LYS H 178 -31.22 12.87 45.80
CA LYS H 178 -30.35 13.61 46.80
C LYS H 178 -30.23 12.57 47.96
N PRO H 179 -29.13 12.61 48.70
CA PRO H 179 -29.06 11.72 49.91
C PRO H 179 -30.39 11.67 50.71
N GLY H 180 -30.84 10.47 51.08
CA GLY H 180 -32.08 10.29 51.78
C GLY H 180 -33.28 9.97 50.93
N ASP H 181 -33.22 10.16 49.61
CA ASP H 181 -34.36 9.81 48.73
C ASP H 181 -34.45 8.31 48.54
N LYS H 182 -35.62 7.85 48.11
CA LYS H 182 -35.83 6.44 47.78
C LYS H 182 -34.97 6.02 46.59
N THR H 183 -34.46 4.80 46.65
CA THR H 183 -33.77 4.17 45.55
C THR H 183 -34.45 2.85 45.25
N MET H 184 -33.97 2.11 44.25
CA MET H 184 -34.59 0.83 43.90
C MET H 184 -33.55 -0.20 43.44
N LYS H 185 -33.89 -1.48 43.63
CA LYS H 185 -33.08 -2.56 43.10
C LYS H 185 -33.41 -2.71 41.60
N PRO H 186 -32.38 -2.86 40.75
CA PRO H 186 -32.57 -2.96 39.29
C PRO H 186 -32.99 -4.35 38.89
N ASP H 187 -34.20 -4.73 39.29
CA ASP H 187 -34.77 -6.06 39.11
C ASP H 187 -36.27 -5.88 38.81
N PRO H 188 -36.82 -6.61 37.82
CA PRO H 188 -38.24 -6.39 37.47
C PRO H 188 -39.22 -6.54 38.65
N GLU H 189 -39.03 -7.59 39.45
CA GLU H 189 -39.88 -7.86 40.63
C GLU H 189 -39.65 -6.90 41.82
N LYS H 190 -38.41 -6.81 42.28
CA LYS H 190 -38.07 -5.97 43.42
C LYS H 190 -38.28 -4.47 43.20
N SER H 191 -38.29 -4.03 41.95
CA SER H 191 -38.51 -2.60 41.64
C SER H 191 -39.95 -2.17 41.87
N LYS H 192 -40.89 -3.12 41.94
CA LYS H 192 -42.31 -2.83 42.16
C LYS H 192 -42.53 -2.00 43.45
N GLU H 193 -41.76 -2.32 44.48
CA GLU H 193 -41.78 -1.60 45.76
C GLU H 193 -41.56 -0.11 45.57
N TYR H 194 -40.63 0.28 44.70
CA TYR H 194 -40.40 1.70 44.41
C TYR H 194 -41.60 2.33 43.67
N PHE H 195 -42.10 1.65 42.65
CA PHE H 195 -43.14 2.24 41.82
C PHE H 195 -44.50 2.41 42.55
N GLY H 196 -44.81 1.61 43.59
CA GLY H 196 -45.63 2.13 44.75
C GLY H 196 -45.01 3.26 45.68
N ALA H 197 -44.90 4.49 45.11
CA ALA H 197 -44.37 5.83 45.65
C ALA H 197 -43.15 6.46 44.86
N GLY I 4 10.33 21.61 12.07
CA GLY I 4 9.55 22.65 11.32
C GLY I 4 10.10 23.01 9.93
N ASP I 5 9.64 24.12 9.36
CA ASP I 5 9.99 24.49 7.98
C ASP I 5 10.63 25.89 7.80
N ALA I 6 11.38 26.39 8.77
CA ALA I 6 12.11 27.63 8.60
C ALA I 6 13.45 27.29 7.98
N LYS I 7 13.72 27.81 6.80
CA LYS I 7 14.99 27.61 6.11
C LYS I 7 15.53 28.94 5.67
N LEU I 8 16.84 29.10 5.69
CA LEU I 8 17.44 30.33 5.23
C LEU I 8 17.17 30.54 3.77
N ASN I 9 16.96 31.81 3.43
CA ASN I 9 16.63 32.27 2.08
C ASN I 9 15.38 31.70 1.51
N HIS I 10 14.51 31.19 2.35
CA HIS I 10 13.13 30.88 1.95
C HIS I 10 12.21 31.80 2.73
N PRO I 11 10.97 31.95 2.25
CA PRO I 11 10.03 32.78 2.99
C PRO I 11 9.91 32.31 4.43
N ALA I 12 10.00 33.23 5.36
CA ALA I 12 9.76 32.90 6.73
C ALA I 12 8.37 32.32 6.90
N PRO I 13 8.23 31.28 7.74
CA PRO I 13 6.88 30.74 7.95
C PRO I 13 5.88 31.78 8.42
N ASP I 14 4.76 31.83 7.72
CA ASP I 14 3.73 32.86 7.89
C ASP I 14 2.97 32.62 9.19
N PHE I 15 2.46 33.67 9.80
CA PHE I 15 1.69 33.57 11.02
C PHE I 15 0.71 34.71 11.06
N ASN I 16 -0.37 34.52 11.81
CA ASN I 16 -1.34 35.56 12.08
C ASN I 16 -2.05 35.21 13.39
N GLU I 17 -1.66 35.85 14.48
CA GLU I 17 -2.01 35.37 15.81
C GLU I 17 -2.22 36.52 16.74
N THR I 18 -3.03 36.26 17.75
CA THR I 18 -3.29 37.22 18.78
C THR I 18 -2.00 37.61 19.51
N ALA I 19 -1.85 38.93 19.79
CA ALA I 19 -0.70 39.47 20.51
C ALA I 19 -1.14 40.51 21.50
N LEU I 20 -0.37 40.66 22.57
CA LEU I 20 -0.53 41.79 23.48
C LEU I 20 0.27 42.97 22.92
N MET I 21 -0.42 44.06 22.63
CA MET I 21 0.21 45.20 22.02
C MET I 21 0.76 46.10 23.10
N PRO I 22 1.70 46.97 22.77
CA PRO I 22 2.23 47.92 23.76
C PRO I 22 1.19 48.72 24.53
N ASN I 23 0.14 49.17 23.85
CA ASN I 23 -0.95 49.94 24.50
C ASN I 23 -1.91 49.10 25.37
N GLY I 24 -1.58 47.82 25.61
CA GLY I 24 -2.38 46.97 26.50
C GLY I 24 -3.57 46.27 25.87
N THR I 25 -3.79 46.47 24.58
CA THR I 25 -4.87 45.78 23.85
C THR I 25 -4.44 44.45 23.23
N PHE I 26 -5.45 43.69 22.79
CA PHE I 26 -5.22 42.44 22.09
C PHE I 26 -5.56 42.63 20.63
N LYS I 27 -4.66 42.21 19.75
CA LYS I 27 -4.84 42.40 18.34
C LYS I 27 -4.08 41.25 17.62
N LYS I 28 -4.62 40.83 16.49
CA LYS I 28 -3.93 39.95 15.59
C LYS I 28 -2.76 40.65 14.95
N VAL I 29 -1.62 39.96 14.94
CA VAL I 29 -0.42 40.46 14.29
C VAL I 29 -0.09 39.42 13.26
N ALA I 30 0.09 39.88 12.03
CA ALA I 30 0.38 39.00 10.91
C ALA I 30 1.78 39.29 10.38
N LEU I 31 2.50 38.25 10.00
CA LEU I 31 3.81 38.45 9.43
C LEU I 31 3.78 39.44 8.26
N THR I 32 2.79 39.34 7.38
CA THR I 32 2.74 40.22 6.22
C THR I 32 2.67 41.71 6.58
N SER I 33 2.28 42.06 7.81
CA SER I 33 2.31 43.46 8.26
C SER I 33 3.70 44.06 8.25
N TYR I 34 4.73 43.22 8.25
CA TYR I 34 6.10 43.70 8.37
C TYR I 34 6.79 43.73 7.02
N LYS I 35 6.06 43.39 5.96
CA LYS I 35 6.58 43.52 4.60
C LYS I 35 7.17 44.91 4.41
N GLY I 36 8.35 45.00 3.80
CA GLY I 36 9.07 46.26 3.66
C GLY I 36 9.98 46.63 4.80
N LYS I 37 9.87 45.93 5.94
CA LYS I 37 10.79 46.13 7.07
C LYS I 37 11.65 44.90 7.35
N TRP I 38 12.75 45.10 8.07
CA TRP I 38 13.44 44.03 8.74
C TRP I 38 12.67 43.68 9.99
N LEU I 39 12.72 42.42 10.39
CA LEU I 39 12.04 41.95 11.62
C LEU I 39 12.93 41.02 12.41
N VAL I 40 13.02 41.30 13.71
CA VAL I 40 13.65 40.38 14.62
C VAL I 40 12.53 39.73 15.37
N LEU I 41 12.32 38.46 15.09
CA LEU I 41 11.31 37.69 15.78
C LEU I 41 11.97 36.83 16.82
N PHE I 42 11.56 36.89 18.07
CA PHE I 42 12.21 36.10 19.09
C PHE I 42 11.28 35.43 20.06
N PHE I 43 11.61 34.18 20.38
CA PHE I 43 10.78 33.32 21.21
C PHE I 43 11.37 33.17 22.59
N TYR I 44 10.52 32.98 23.59
CA TYR I 44 10.99 32.66 24.91
C TYR I 44 10.05 31.60 25.49
N PRO I 45 10.54 30.81 26.47
CA PRO I 45 9.81 29.68 26.99
C PRO I 45 8.53 29.97 27.75
N MET I 46 8.60 30.81 28.79
CA MET I 46 7.49 30.95 29.72
C MET I 46 7.39 32.32 30.38
N ASP I 47 6.18 32.88 30.41
CA ASP I 47 5.92 34.07 31.21
C ASP I 47 6.24 33.74 32.71
N PHE I 48 6.53 34.81 33.46
CA PHE I 48 6.79 34.76 34.88
C PHE I 48 8.00 33.95 35.28
N THR I 49 9.01 33.91 34.40
CA THR I 49 10.26 33.20 34.74
C THR I 49 11.46 34.17 34.80
N PHE I 50 12.64 33.75 34.35
CA PHE I 50 13.90 34.25 34.93
C PHE I 50 14.80 34.92 33.94
N VAL I 51 15.36 34.17 33.01
CA VAL I 51 16.10 34.78 31.92
C VAL I 51 15.13 35.65 31.11
N CYS I 52 13.93 35.12 30.86
CA CYS I 52 13.01 35.71 29.88
C CYS I 52 12.75 37.22 30.04
N PRO I 53 12.41 37.68 31.26
CA PRO I 53 12.16 39.15 31.39
C PRO I 53 13.39 40.00 31.16
N THR I 54 14.59 39.49 31.45
CA THR I 54 15.77 40.29 31.20
C THR I 54 15.93 40.52 29.69
N GLU I 55 15.58 39.52 28.88
CA GLU I 55 15.68 39.61 27.43
C GLU I 55 14.58 40.47 26.89
N ILE I 56 13.35 40.19 27.30
CA ILE I 56 12.21 40.93 26.80
C ILE I 56 12.34 42.41 27.12
N CYS I 57 12.76 42.73 28.34
CA CYS I 57 12.88 44.13 28.77
C CYS I 57 13.98 44.88 28.03
N GLN I 58 15.12 44.22 27.82
CA GLN I 58 16.20 44.77 27.01
C GLN I 58 15.75 45.08 25.60
N PHE I 59 15.04 44.17 24.96
CA PHE I 59 14.54 44.47 23.59
C PHE I 59 13.50 45.58 23.60
N SER I 60 12.63 45.62 24.61
CA SER I 60 11.66 46.69 24.74
C SER I 60 12.33 48.03 25.00
N ASP I 61 13.24 48.09 25.96
CA ASP I 61 13.95 49.34 26.23
C ASP I 61 14.69 49.87 25.00
N ARG I 62 15.23 48.97 24.19
CA ARG I 62 16.04 49.39 23.10
C ARG I 62 15.37 49.28 21.75
N VAL I 63 14.04 49.21 21.68
CA VAL I 63 13.38 49.14 20.36
C VAL I 63 13.86 50.16 19.37
N LYS I 64 14.09 51.38 19.84
CA LYS I 64 14.37 52.52 18.95
C LYS I 64 15.68 52.30 18.17
N GLU I 65 16.68 51.68 18.82
CA GLU I 65 17.91 51.31 18.13
C GLU I 65 17.60 50.46 16.90
N PHE I 66 16.55 49.64 17.00
CA PHE I 66 16.08 48.85 15.85
C PHE I 66 15.16 49.63 14.90
N SER I 67 14.15 50.35 15.42
CA SER I 67 13.25 51.16 14.55
C SER I 67 13.95 52.19 13.72
N ASP I 68 14.90 52.89 14.33
CA ASP I 68 15.64 53.92 13.62
C ASP I 68 16.32 53.38 12.36
N ILE I 69 16.57 52.08 12.26
CA ILE I 69 17.24 51.52 11.07
C ILE I 69 16.30 50.60 10.33
N GLY I 70 15.00 50.78 10.52
CA GLY I 70 14.00 50.12 9.67
C GLY I 70 13.72 48.69 10.09
N CYS I 71 13.90 48.40 11.39
CA CYS I 71 13.75 47.04 11.90
C CYS I 71 12.80 47.01 13.07
N GLU I 72 11.80 46.17 12.97
CA GLU I 72 10.88 45.95 14.05
C GLU I 72 11.31 44.75 14.91
N VAL I 73 10.72 44.64 16.10
CA VAL I 73 10.94 43.49 16.91
C VAL I 73 9.65 42.97 17.52
N LEU I 74 9.58 41.65 17.56
CA LEU I 74 8.40 40.93 17.94
C LEU I 74 8.75 39.75 18.85
N ALA I 75 8.05 39.60 19.97
CA ALA I 75 8.32 38.52 20.88
C ALA I 75 7.22 37.48 20.84
N CYS I 76 7.50 36.26 21.29
CA CYS I 76 6.51 35.21 21.23
C CYS I 76 6.74 34.10 22.23
N SER I 77 5.67 33.62 22.84
CA SER I 77 5.72 32.47 23.74
C SER I 77 4.43 31.66 23.73
N MET I 78 4.45 30.58 24.45
CA MET I 78 3.37 29.64 24.50
C MET I 78 2.16 30.16 25.30
N ASP I 79 2.38 31.18 26.14
CA ASP I 79 1.38 31.62 27.10
C ASP I 79 0.23 32.39 26.45
N SER I 80 -0.93 32.46 27.12
CA SER I 80 -2.04 33.29 26.61
C SER I 80 -1.74 34.76 26.66
N GLU I 81 -2.51 35.52 25.89
CA GLU I 81 -2.53 36.95 25.98
C GLU I 81 -2.87 37.52 27.37
N TYR I 82 -3.67 36.79 28.13
CA TYR I 82 -4.00 37.18 29.49
C TYR I 82 -2.82 37.03 30.45
N SER I 83 -2.07 35.93 30.33
CA SER I 83 -0.80 35.82 31.07
C SER I 83 0.12 36.99 30.70
N HIS I 84 0.23 37.30 29.41
CA HIS I 84 1.08 38.38 29.00
C HIS I 84 0.66 39.68 29.72
N LEU I 85 -0.63 40.00 29.64
CA LEU I 85 -1.16 41.22 30.18
C LEU I 85 -0.91 41.29 31.67
N ALA I 86 -1.16 40.19 32.35
CA ALA I 86 -0.89 40.12 33.78
C ALA I 86 0.58 40.42 34.11
N TRP I 87 1.48 39.90 33.29
CA TRP I 87 2.90 39.97 33.59
C TRP I 87 3.39 41.40 33.44
N THR I 88 2.82 42.03 32.44
CA THR I 88 2.94 43.44 32.15
C THR I 88 2.49 44.34 33.32
N SER I 89 1.55 43.86 34.11
CA SER I 89 1.00 44.60 35.23
C SER I 89 1.82 44.51 36.50
N ILE I 90 2.89 43.75 36.51
CA ILE I 90 3.74 43.62 37.66
C ILE I 90 4.99 44.44 37.36
N GLU I 91 5.52 45.12 38.36
CA GLU I 91 6.69 45.95 38.18
C GLU I 91 7.98 45.11 38.00
N ARG I 92 8.96 45.68 37.33
CA ARG I 92 10.18 44.93 37.01
C ARG I 92 10.91 44.43 38.22
N LYS I 93 10.89 45.21 39.30
CA LYS I 93 11.67 44.84 40.47
C LYS I 93 11.05 43.63 41.21
N ARG I 94 9.79 43.29 40.91
CA ARG I 94 9.18 42.05 41.38
C ARG I 94 9.19 40.92 40.33
N GLY I 95 9.98 41.06 39.25
CA GLY I 95 10.07 40.01 38.21
C GLY I 95 9.06 40.16 37.08
N GLY I 96 8.47 41.34 36.97
CA GLY I 96 7.49 41.61 35.96
C GLY I 96 8.11 42.27 34.77
N LEU I 97 7.28 42.60 33.80
CA LEU I 97 7.69 43.26 32.58
C LEU I 97 7.47 44.77 32.60
N GLY I 98 6.47 45.21 33.37
CA GLY I 98 6.06 46.59 33.29
C GLY I 98 5.55 46.92 31.89
N GLN I 99 5.51 48.21 31.58
CA GLN I 99 5.10 48.66 30.26
C GLN I 99 6.05 48.13 29.20
N MET I 100 5.48 47.71 28.07
CA MET I 100 6.22 47.19 26.93
C MET I 100 6.11 48.10 25.69
N ASN I 101 7.20 48.22 24.92
CA ASN I 101 7.19 48.91 23.60
C ASN I 101 7.21 47.97 22.42
N ILE I 102 7.05 46.67 22.68
CA ILE I 102 6.97 45.68 21.60
C ILE I 102 5.76 44.79 21.81
N PRO I 103 5.18 44.34 20.72
CA PRO I 103 4.11 43.36 20.88
C PRO I 103 4.65 41.98 21.33
N ILE I 104 3.80 41.20 22.00
CA ILE I 104 4.12 39.83 22.35
C ILE I 104 3.02 38.90 21.87
N LEU I 105 3.36 38.03 20.92
CA LEU I 105 2.42 37.01 20.41
C LEU I 105 2.09 35.99 21.48
N ALA I 106 0.86 35.51 21.47
CA ALA I 106 0.41 34.40 22.33
C ALA I 106 0.15 33.17 21.49
N ASP I 107 1.16 32.31 21.37
CA ASP I 107 1.13 31.17 20.47
C ASP I 107 0.50 29.99 21.19
N LYS I 108 -0.77 30.12 21.51
CA LYS I 108 -1.46 29.13 22.32
C LYS I 108 -1.60 27.79 21.66
N THR I 109 -1.73 27.74 20.34
CA THR I 109 -1.75 26.44 19.66
C THR I 109 -0.34 25.84 19.45
N LYS I 110 0.70 26.65 19.68
CA LYS I 110 2.10 26.30 19.46
C LYS I 110 2.46 26.12 17.99
N CYS I 111 1.61 26.56 17.08
CA CYS I 111 1.84 26.31 15.66
C CYS I 111 3.01 27.19 15.16
N ILE I 112 3.19 28.39 15.74
CA ILE I 112 4.23 29.29 15.27
C ILE I 112 5.61 28.75 15.67
N MET I 113 5.79 28.40 16.93
CA MET I 113 7.06 27.79 17.36
C MET I 113 7.35 26.46 16.64
N LYS I 114 6.32 25.65 16.39
CA LYS I 114 6.52 24.44 15.60
C LYS I 114 7.09 24.80 14.25
N SER I 115 6.55 25.81 13.61
CA SER I 115 6.99 26.09 12.25
C SER I 115 8.38 26.75 12.21
N TYR I 116 8.80 27.43 13.29
CA TYR I 116 10.17 27.95 13.37
C TYR I 116 11.18 26.92 13.93
N GLY I 117 10.67 25.74 14.24
CA GLY I 117 11.51 24.63 14.68
C GLY I 117 12.10 24.83 16.06
N VAL I 118 11.42 25.51 16.98
CA VAL I 118 11.99 25.79 18.26
C VAL I 118 11.13 25.29 19.39
N LEU I 119 10.18 24.42 19.09
CA LEU I 119 9.38 23.77 20.15
C LEU I 119 10.23 22.73 20.86
N LYS I 120 10.21 22.77 22.17
CA LYS I 120 10.73 21.65 22.92
C LYS I 120 9.55 20.76 23.30
N GLU I 121 9.36 19.69 22.49
CA GLU I 121 8.14 18.84 22.50
C GLU I 121 7.83 18.33 23.91
N GLU I 122 8.83 17.86 24.64
CA GLU I 122 8.60 17.25 25.95
C GLU I 122 8.01 18.23 26.97
N ASP I 123 8.34 19.51 26.88
CA ASP I 123 7.84 20.51 27.83
C ASP I 123 6.69 21.43 27.35
N GLY I 124 6.50 21.51 26.05
CA GLY I 124 5.51 22.39 25.49
C GLY I 124 5.92 23.83 25.41
N VAL I 125 7.21 24.12 25.43
CA VAL I 125 7.66 25.53 25.44
C VAL I 125 8.66 25.77 24.36
N ALA I 126 8.87 27.03 24.04
CA ALA I 126 9.85 27.39 23.01
C ALA I 126 11.24 27.52 23.58
N TYR I 127 12.22 27.05 22.83
CA TYR I 127 13.61 27.39 23.10
C TYR I 127 13.84 28.87 22.81
N ARG I 128 15.02 29.38 23.13
CA ARG I 128 15.34 30.80 22.90
C ARG I 128 15.70 31.05 21.46
N GLY I 129 14.75 30.93 20.58
CA GLY I 129 15.04 31.09 19.15
C GLY I 129 14.90 32.55 18.74
N LEU I 130 15.84 33.03 17.94
CA LEU I 130 15.76 34.37 17.42
C LEU I 130 16.00 34.34 15.92
N PHE I 131 15.16 35.02 15.15
CA PHE I 131 15.19 34.95 13.71
C PHE I 131 15.22 36.33 13.12
N ILE I 132 16.03 36.53 12.08
CA ILE I 132 16.12 37.81 11.39
C ILE I 132 15.51 37.62 10.02
N ILE I 133 14.39 38.28 9.84
CA ILE I 133 13.62 38.21 8.62
C ILE I 133 13.85 39.56 7.84
N ASP I 134 14.10 39.51 6.52
CA ASP I 134 14.34 40.74 5.71
C ASP I 134 13.07 41.34 5.11
N PRO I 135 13.18 42.48 4.41
CA PRO I 135 11.95 43.16 3.90
C PRO I 135 11.15 42.41 2.84
N LYS I 136 11.79 41.51 2.10
CA LYS I 136 11.05 40.60 1.24
C LYS I 136 10.45 39.42 2.00
N GLN I 137 10.68 39.35 3.32
CA GLN I 137 10.13 38.30 4.22
C GLN I 137 10.83 36.97 4.11
N ASN I 138 12.09 37.00 3.70
CA ASN I 138 12.92 35.83 3.72
C ASN I 138 13.76 35.76 4.96
N LEU I 139 14.01 34.54 5.43
CA LEU I 139 14.75 34.32 6.65
C LEU I 139 16.23 34.39 6.36
N ARG I 140 16.95 35.16 7.15
CA ARG I 140 18.36 35.34 6.88
C ARG I 140 19.30 34.91 7.99
N GLN I 141 18.80 34.69 9.20
CA GLN I 141 19.69 34.38 10.32
C GLN I 141 18.90 33.64 11.35
N ILE I 142 19.44 32.53 11.82
CA ILE I 142 18.83 31.71 12.85
C ILE I 142 19.74 31.60 14.06
N THR I 143 19.18 31.79 15.23
CA THR I 143 19.91 31.65 16.47
C THR I 143 19.01 30.89 17.46
N VAL I 144 19.47 29.77 18.02
CA VAL I 144 18.67 29.11 19.07
C VAL I 144 19.52 28.75 20.29
N ASN I 145 19.19 29.29 21.47
CA ASN I 145 19.90 28.96 22.70
C ASN I 145 19.09 27.98 23.52
N ASP I 146 19.76 27.06 24.21
CA ASP I 146 19.13 26.25 25.28
C ASP I 146 18.59 27.23 26.32
N LEU I 147 17.64 26.77 27.13
CA LEU I 147 16.91 27.67 28.05
C LEU I 147 17.73 28.45 29.08
N PRO I 148 18.79 27.84 29.62
CA PRO I 148 19.40 28.60 30.72
C PRO I 148 20.35 29.77 30.33
N VAL I 149 20.59 30.00 29.05
CA VAL I 149 21.52 31.05 28.63
C VAL I 149 20.83 32.07 27.76
N GLY I 150 20.82 33.30 28.22
CA GLY I 150 20.20 34.41 27.49
C GLY I 150 20.99 34.86 26.29
N ARG I 151 20.29 35.53 25.41
CA ARG I 151 20.85 36.01 24.15
C ARG I 151 21.46 37.36 24.37
N ASP I 152 22.13 37.88 23.34
CA ASP I 152 22.74 39.20 23.44
C ASP I 152 22.07 40.15 22.44
N VAL I 153 21.49 41.23 22.97
CA VAL I 153 20.87 42.22 22.14
C VAL I 153 21.85 42.95 21.23
N ASP I 154 23.06 43.22 21.72
CA ASP I 154 24.04 43.94 20.89
C ASP I 154 24.44 43.12 19.67
N GLU I 155 24.46 41.79 19.83
CA GLU I 155 24.74 40.88 18.69
C GLU I 155 23.58 40.89 17.66
N ALA I 156 22.35 40.91 18.13
CA ALA I 156 21.24 40.96 17.22
C ALA I 156 21.30 42.22 16.35
N LEU I 157 21.63 43.34 17.00
CA LEU I 157 21.76 44.63 16.34
C LEU I 157 22.90 44.65 15.34
N ARG I 158 24.02 44.04 15.72
CA ARG I 158 25.16 43.91 14.83
C ARG I 158 24.76 43.17 13.57
N LEU I 159 24.03 42.08 13.74
CA LEU I 159 23.63 41.27 12.61
C LEU I 159 22.70 42.02 11.69
N VAL I 160 21.71 42.71 12.26
CA VAL I 160 20.76 43.43 11.43
C VAL I 160 21.54 44.47 10.63
N LYS I 161 22.44 45.17 11.30
CA LYS I 161 23.23 46.19 10.60
C LYS I 161 24.08 45.62 9.50
N ALA I 162 24.71 44.48 9.79
CA ALA I 162 25.55 43.81 8.79
C ALA I 162 24.71 43.40 7.59
N PHE I 163 23.51 42.89 7.83
CA PHE I 163 22.68 42.47 6.70
C PHE I 163 22.17 43.64 5.87
N GLN I 164 21.84 44.75 6.54
CA GLN I 164 21.49 46.00 5.84
C GLN I 164 22.64 46.51 5.00
N PHE I 165 23.83 46.48 5.59
CA PHE I 165 25.01 46.95 4.89
C PHE I 165 25.25 46.14 3.64
N VAL I 166 25.08 44.84 3.73
CA VAL I 166 25.31 43.99 2.58
C VAL I 166 24.33 44.27 1.45
N GLU I 167 23.06 44.45 1.80
CA GLU I 167 22.02 44.75 0.81
C GLU I 167 22.27 46.13 0.13
N LYS I 168 22.70 47.11 0.90
CA LYS I 168 22.92 48.44 0.37
C LYS I 168 24.13 48.50 -0.56
N HIS I 169 25.25 47.89 -0.18
CA HIS I 169 26.50 48.09 -0.91
C HIS I 169 27.03 46.94 -1.77
N GLY I 170 26.38 45.78 -1.75
CA GLY I 170 26.89 44.60 -2.48
C GLY I 170 28.28 44.10 -2.04
N GLU I 171 28.69 44.49 -0.85
CA GLU I 171 29.93 43.99 -0.27
C GLU I 171 29.62 42.93 0.77
N VAL I 172 30.66 42.36 1.35
CA VAL I 172 30.52 41.22 2.23
C VAL I 172 31.17 41.59 3.58
N CYS I 173 30.57 41.17 4.70
CA CYS I 173 30.98 41.59 6.07
C CYS I 173 31.87 40.54 6.78
N PRO I 174 33.16 40.87 7.02
CA PRO I 174 34.06 39.93 7.68
C PRO I 174 33.69 39.52 9.10
N ALA I 175 34.41 38.53 9.62
CA ALA I 175 34.28 38.15 11.02
C ALA I 175 34.35 39.39 11.92
N ASN I 176 33.47 39.47 12.92
CA ASN I 176 33.47 40.52 13.96
C ASN I 176 33.15 41.93 13.46
N TRP I 177 32.67 42.04 12.23
CA TRP I 177 32.40 43.34 11.62
C TRP I 177 31.52 44.19 12.51
N LYS I 178 31.88 45.46 12.68
CA LYS I 178 31.05 46.47 13.35
C LYS I 178 30.94 47.62 12.38
N PRO I 179 29.87 48.43 12.46
CA PRO I 179 29.82 49.62 11.57
C PRO I 179 31.17 50.40 11.56
N GLY I 180 31.65 50.77 10.37
CA GLY I 180 32.90 51.46 10.22
C GLY I 180 34.11 50.57 9.93
N ASP I 181 34.03 49.25 10.14
CA ASP I 181 35.14 48.34 9.79
C ASP I 181 35.24 48.15 8.27
N LYS I 182 36.42 47.68 7.83
CA LYS I 182 36.65 47.38 6.41
C LYS I 182 35.76 46.21 5.98
N THR I 183 35.26 46.29 4.75
CA THR I 183 34.56 45.19 4.09
C THR I 183 35.25 44.87 2.76
N MET I 184 34.75 43.91 2.00
CA MET I 184 35.37 43.55 0.71
C MET I 184 34.36 43.09 -0.31
N LYS I 185 34.71 43.27 -1.57
CA LYS I 185 33.88 42.79 -2.66
C LYS I 185 34.15 41.29 -2.81
N PRO I 186 33.08 40.47 -2.93
CA PRO I 186 33.21 38.99 -3.08
C PRO I 186 33.63 38.59 -4.49
N ASP I 187 34.85 38.98 -4.86
CA ASP I 187 35.41 38.80 -6.21
C ASP I 187 36.91 38.45 -6.03
N PRO I 188 37.40 37.41 -6.74
CA PRO I 188 38.80 37.01 -6.51
C PRO I 188 39.82 38.16 -6.66
N GLU I 189 39.66 38.95 -7.72
CA GLU I 189 40.54 40.10 -8.00
C GLU I 189 40.37 41.30 -7.05
N LYS I 190 39.14 41.82 -6.96
CA LYS I 190 38.85 42.95 -6.08
C LYS I 190 39.05 42.73 -4.59
N SER I 191 39.00 41.47 -4.13
CA SER I 191 39.23 41.15 -2.73
C SER I 191 40.69 41.33 -2.28
N LYS I 192 41.62 41.36 -3.23
CA LYS I 192 43.04 41.53 -2.93
C LYS I 192 43.31 42.82 -2.12
N GLU I 193 42.59 43.89 -2.45
CA GLU I 193 42.65 45.18 -1.68
C GLU I 193 42.42 44.99 -0.19
N TYR I 194 41.45 44.15 0.18
CA TYR I 194 41.22 43.84 1.60
C TYR I 194 42.40 43.07 2.23
N PHE I 195 42.87 42.02 1.55
CA PHE I 195 43.87 41.16 2.11
C PHE I 195 45.29 41.79 2.26
N GLY I 196 45.70 42.76 1.42
CA GLY I 196 46.78 43.74 1.81
C GLY I 196 46.30 44.68 2.99
N ALA I 197 46.39 44.16 4.23
CA ALA I 197 45.82 44.63 5.55
C ALA I 197 44.76 43.64 6.16
N GLY J 4 17.91 18.20 8.32
CA GLY J 4 18.76 17.26 9.12
C GLY J 4 18.25 16.96 10.52
N ASP J 5 19.08 16.36 11.36
CA ASP J 5 18.65 15.86 12.69
C ASP J 5 19.41 16.45 13.92
N ALA J 6 19.92 17.67 13.84
CA ALA J 6 20.54 18.32 14.98
C ALA J 6 19.45 18.97 15.79
N LYS J 7 19.29 18.58 17.03
CA LYS J 7 18.25 19.10 17.90
C LYS J 7 18.90 19.47 19.20
N LEU J 8 18.46 20.57 19.81
CA LEU J 8 19.00 20.95 21.11
C LEU J 8 18.68 19.90 22.15
N ASN J 9 19.66 19.69 23.05
CA ASN J 9 19.61 18.68 24.11
C ASN J 9 19.44 17.25 23.65
N HIS J 10 19.74 16.97 22.40
CA HIS J 10 19.91 15.61 21.93
C HIS J 10 21.39 15.44 21.56
N PRO J 11 21.85 14.19 21.51
CA PRO J 11 23.22 13.98 21.02
C PRO J 11 23.48 14.67 19.67
N ALA J 12 24.60 15.38 19.58
CA ALA J 12 25.01 15.96 18.34
C ALA J 12 25.22 14.89 17.29
N PRO J 13 24.80 15.13 16.05
CA PRO J 13 25.01 14.11 15.04
C PRO J 13 26.47 13.73 14.92
N ASP J 14 26.70 12.42 14.95
CA ASP J 14 28.03 11.82 15.00
C ASP J 14 28.71 11.97 13.62
N PHE J 15 30.03 12.06 13.59
CA PHE J 15 30.77 12.13 12.36
C PHE J 15 32.15 11.53 12.58
N ASN J 16 32.75 11.07 11.49
CA ASN J 16 34.11 10.57 11.50
C ASN J 16 34.70 10.72 10.11
N GLU J 17 35.49 11.75 9.90
CA GLU J 17 35.81 12.20 8.56
C GLU J 17 37.23 12.73 8.49
N THR J 18 37.80 12.63 7.31
CA THR J 18 39.10 13.16 7.04
C THR J 18 39.16 14.64 7.29
N ALA J 19 40.25 15.07 7.92
CA ALA J 19 40.49 16.49 8.23
C ALA J 19 41.92 16.86 7.95
N LEU J 20 42.15 18.13 7.65
CA LEU J 20 43.51 18.66 7.58
C LEU J 20 43.87 19.08 9.00
N MET J 21 44.92 18.50 9.54
CA MET J 21 45.33 18.83 10.89
C MET J 21 46.25 20.04 10.89
N PRO J 22 46.43 20.68 12.04
CA PRO J 22 47.38 21.81 12.13
C PRO J 22 48.82 21.54 11.61
N ASN J 23 49.34 20.36 11.86
CA ASN J 23 50.70 20.01 11.38
C ASN J 23 50.77 19.66 9.88
N GLY J 24 49.69 19.88 9.12
CA GLY J 24 49.72 19.63 7.68
C GLY J 24 49.38 18.23 7.21
N THR J 25 49.11 17.31 8.14
CA THR J 25 48.76 15.94 7.77
C THR J 25 47.24 15.75 7.63
N PHE J 26 46.87 14.59 7.10
CA PHE J 26 45.49 14.20 6.99
C PHE J 26 45.21 13.13 8.01
N LYS J 27 44.12 13.27 8.76
CA LYS J 27 43.75 12.30 9.73
C LYS J 27 42.22 12.33 9.89
N LYS J 28 41.62 11.18 10.23
CA LYS J 28 40.22 11.09 10.60
C LYS J 28 40.03 11.76 11.95
N VAL J 29 39.00 12.60 12.02
CA VAL J 29 38.59 13.23 13.24
C VAL J 29 37.17 12.77 13.50
N ALA J 30 36.94 12.26 14.71
CA ALA J 30 35.65 11.71 15.09
C ALA J 30 35.09 12.58 16.19
N LEU J 31 33.80 12.81 16.14
CA LEU J 31 33.15 13.51 17.22
C LEU J 31 33.47 12.91 18.59
N THR J 32 33.44 11.58 18.73
CA THR J 32 33.67 10.97 20.05
C THR J 32 35.03 11.31 20.64
N SER J 33 36.01 11.75 19.83
CA SER J 33 37.31 12.21 20.35
C SER J 33 37.20 13.37 21.27
N TYR J 34 36.08 14.10 21.19
CA TYR J 34 35.92 15.32 21.97
C TYR J 34 35.08 15.09 23.24
N LYS J 35 34.67 13.85 23.47
CA LYS J 35 33.98 13.49 24.69
C LYS J 35 34.75 14.02 25.90
N GLY J 36 34.05 14.62 26.85
CA GLY J 36 34.70 15.26 27.99
C GLY J 36 35.10 16.71 27.78
N LYS J 37 35.10 17.20 26.53
CA LYS J 37 35.37 18.61 26.25
C LYS J 37 34.13 19.32 25.66
N TRP J 38 34.13 20.64 25.74
CA TRP J 38 33.23 21.45 24.97
C TRP J 38 33.79 21.53 23.58
N LEU J 39 32.91 21.66 22.59
CA LEU J 39 33.34 21.79 21.20
C LEU J 39 32.55 22.87 20.50
N VAL J 40 33.25 23.73 19.79
CA VAL J 40 32.62 24.65 18.88
C VAL J 40 32.92 24.09 17.50
N LEU J 41 31.87 23.59 16.85
CA LEU J 41 31.95 23.10 15.49
C LEU J 41 31.41 24.18 14.58
N PHE J 42 32.18 24.60 13.59
CA PHE J 42 31.66 25.60 12.67
C PHE J 42 31.91 25.32 11.20
N PHE J 43 30.90 25.63 10.39
CA PHE J 43 30.91 25.36 8.96
C PHE J 43 31.11 26.61 8.17
N TYR J 44 31.77 26.49 7.03
CA TYR J 44 31.85 27.61 6.08
C TYR J 44 31.64 27.07 4.67
N PRO J 45 31.21 27.94 3.74
CA PRO J 45 30.79 27.51 2.39
C PRO J 45 31.92 26.97 1.51
N MET J 46 32.99 27.75 1.31
CA MET J 46 33.97 27.41 0.27
C MET J 46 35.41 27.89 0.56
N ASP J 47 36.37 27.02 0.33
CA ASP J 47 37.77 27.41 0.36
C ASP J 47 38.02 28.43 -0.71
N PHE J 48 39.06 29.23 -0.48
CA PHE J 48 39.48 30.32 -1.40
C PHE J 48 38.48 31.45 -1.63
N THR J 49 37.64 31.75 -0.64
CA THR J 49 36.68 32.85 -0.76
C THR J 49 36.97 33.99 0.21
N PHE J 50 35.93 34.60 0.79
CA PHE J 50 36.03 36.01 1.23
C PHE J 50 35.76 36.24 2.72
N VAL J 51 34.53 36.07 3.17
CA VAL J 51 34.29 36.07 4.60
C VAL J 51 35.05 34.92 5.26
N CYS J 52 35.01 33.74 4.64
CA CYS J 52 35.48 32.50 5.26
C CYS J 52 36.90 32.53 5.91
N PRO J 53 37.93 33.00 5.18
CA PRO J 53 39.24 33.10 5.82
C PRO J 53 39.29 34.06 6.99
N THR J 54 38.50 35.13 6.98
CA THR J 54 38.52 36.04 8.13
C THR J 54 38.00 35.32 9.39
N GLU J 55 37.01 34.44 9.24
CA GLU J 55 36.45 33.67 10.34
C GLU J 55 37.40 32.58 10.76
N ILE J 56 37.85 31.80 9.79
CA ILE J 56 38.74 30.67 10.09
C ILE J 56 40.04 31.13 10.77
N CYS J 57 40.62 32.25 10.29
CA CYS J 57 41.87 32.78 10.85
C CYS J 57 41.71 33.30 12.26
N GLN J 58 40.62 33.98 12.48
CA GLN J 58 40.30 34.45 13.75
C GLN J 58 40.02 33.35 14.83
N PHE J 59 39.33 32.28 14.46
CA PHE J 59 39.24 31.13 15.36
C PHE J 59 40.60 30.45 15.57
N SER J 60 41.42 30.36 14.54
CA SER J 60 42.76 29.76 14.66
C SER J 60 43.69 30.61 15.53
N ASP J 61 43.74 31.92 15.29
CA ASP J 61 44.53 32.79 16.14
C ASP J 61 44.11 32.71 17.61
N ARG J 62 42.81 32.55 17.87
CA ARG J 62 42.34 32.63 19.23
C ARG J 62 41.99 31.30 19.83
N VAL J 63 42.49 30.19 19.26
CA VAL J 63 42.15 28.87 19.84
C VAL J 63 42.35 28.80 21.35
N LYS J 64 43.44 29.39 21.82
CA LYS J 64 43.86 29.24 23.23
C LYS J 64 42.81 29.82 24.19
N GLU J 65 42.15 30.92 23.80
CA GLU J 65 41.05 31.44 24.58
C GLU J 65 39.99 30.38 24.80
N PHE J 66 39.82 29.50 23.82
CA PHE J 66 38.91 28.35 23.97
C PHE J 66 39.51 27.13 24.68
N SER J 67 40.72 26.71 24.31
CA SER J 67 41.40 25.58 25.00
C SER J 67 41.55 25.81 26.48
N ASP J 68 41.95 27.02 26.87
CA ASP J 68 42.20 27.32 28.27
C ASP J 68 40.98 27.07 29.13
N ILE J 69 39.79 27.06 28.54
CA ILE J 69 38.59 26.81 29.31
C ILE J 69 37.94 25.48 28.90
N GLY J 70 38.72 24.57 28.34
CA GLY J 70 38.26 23.22 28.13
C GLY J 70 37.36 23.10 26.89
N CYS J 71 37.57 23.97 25.89
CA CYS J 71 36.79 23.95 24.68
C CYS J 71 37.66 23.88 23.43
N GLU J 72 37.37 22.91 22.59
CA GLU J 72 38.05 22.78 21.33
C GLU J 72 37.25 23.46 20.23
N VAL J 73 37.92 23.68 19.10
CA VAL J 73 37.24 24.20 17.94
C VAL J 73 37.63 23.46 16.69
N LEU J 74 36.62 23.25 15.86
CA LEU J 74 36.71 22.45 14.67
C LEU J 74 35.97 23.14 13.50
N ALA J 75 36.62 23.21 12.34
CA ALA J 75 36.02 23.83 11.16
C ALA J 75 35.68 22.79 10.11
N CYS J 76 34.79 23.13 9.20
CA CYS J 76 34.32 22.17 8.24
C CYS J 76 33.73 22.83 6.99
N SER J 77 34.02 22.26 5.84
CA SER J 77 33.44 22.68 4.59
C SER J 77 33.33 21.55 3.59
N MET J 78 32.76 21.86 2.45
CA MET J 78 32.50 20.92 1.40
C MET J 78 33.78 20.48 0.63
N ASP J 79 34.86 21.25 0.76
CA ASP J 79 36.02 21.08 -0.07
C ASP J 79 36.86 19.87 0.37
N SER J 80 37.69 19.35 -0.54
CA SER J 80 38.63 18.27 -0.21
C SER J 80 39.74 18.71 0.75
N GLU J 81 40.37 17.72 1.41
CA GLU J 81 41.59 17.94 2.17
C GLU J 81 42.65 18.66 1.36
N TYR J 82 42.71 18.34 0.07
CA TYR J 82 43.76 18.88 -0.78
C TYR J 82 43.53 20.37 -1.04
N SER J 83 42.28 20.77 -1.24
CA SER J 83 41.96 22.20 -1.28
C SER J 83 42.34 22.87 0.03
N HIS J 84 41.99 22.25 1.14
CA HIS J 84 42.35 22.80 2.45
C HIS J 84 43.87 23.03 2.54
N LEU J 85 44.64 21.98 2.23
CA LEU J 85 46.08 22.03 2.33
C LEU J 85 46.65 23.13 1.45
N ALA J 86 46.14 23.22 0.23
CA ALA J 86 46.59 24.23 -0.70
C ALA J 86 46.32 25.63 -0.16
N TRP J 87 45.16 25.82 0.46
CA TRP J 87 44.74 27.14 0.91
C TRP J 87 45.62 27.61 2.08
N THR J 88 45.96 26.64 2.91
CA THR J 88 46.95 26.74 3.96
C THR J 88 48.34 27.15 3.49
N SER J 89 48.68 26.80 2.25
CA SER J 89 49.99 27.11 1.69
C SER J 89 50.10 28.50 1.12
N ILE J 90 49.03 29.28 1.14
CA ILE J 90 49.04 30.61 0.61
C ILE J 90 49.02 31.53 1.80
N GLU J 91 49.74 32.64 1.70
CA GLU J 91 49.82 33.60 2.80
C GLU J 91 48.55 34.40 2.99
N ARG J 92 48.34 34.89 4.19
CA ARG J 92 47.07 35.56 4.49
C ARG J 92 46.87 36.79 3.64
N LYS J 93 47.97 37.48 3.33
CA LYS J 93 47.88 38.73 2.56
C LYS J 93 47.44 38.50 1.10
N ARG J 94 47.54 37.27 0.63
CA ARG J 94 46.99 36.90 -0.66
C ARG J 94 45.64 36.17 -0.57
N GLY J 95 44.95 36.25 0.58
CA GLY J 95 43.65 35.58 0.74
C GLY J 95 43.75 34.12 1.16
N GLY J 96 44.91 33.72 1.68
CA GLY J 96 45.15 32.36 2.15
C GLY J 96 44.89 32.24 3.63
N LEU J 97 45.10 31.05 4.13
CA LEU J 97 44.94 30.77 5.54
C LEU J 97 46.28 30.83 6.32
N GLY J 98 47.39 30.53 5.64
CA GLY J 98 48.64 30.28 6.33
C GLY J 98 48.52 29.10 7.27
N GLN J 99 49.42 29.04 8.22
CA GLN J 99 49.43 27.99 9.24
C GLN J 99 48.17 28.07 10.05
N MET J 100 47.60 26.90 10.34
CA MET J 100 46.39 26.76 11.15
C MET J 100 46.65 26.05 12.49
N ASN J 101 45.95 26.48 13.54
CA ASN J 101 45.96 25.79 14.84
C ASN J 101 44.73 24.95 15.13
N ILE J 102 43.89 24.77 14.13
CA ILE J 102 42.62 24.09 14.24
C ILE J 102 42.51 23.12 13.11
N PRO J 103 41.97 21.94 13.40
CA PRO J 103 41.70 21.06 12.28
C PRO J 103 40.53 21.53 11.38
N ILE J 104 40.55 21.14 10.11
CA ILE J 104 39.46 21.46 9.18
C ILE J 104 38.98 20.18 8.49
N LEU J 105 37.76 19.77 8.80
CA LEU J 105 37.15 18.64 8.17
C LEU J 105 36.89 18.87 6.68
N ALA J 106 37.04 17.82 5.90
CA ALA J 106 36.69 17.85 4.50
C ALA J 106 35.47 16.98 4.28
N ASP J 107 34.30 17.62 4.28
CA ASP J 107 33.03 16.93 4.19
C ASP J 107 32.65 16.71 2.73
N LYS J 108 33.45 15.89 2.05
CA LYS J 108 33.27 15.72 0.61
C LYS J 108 31.94 15.10 0.26
N THR J 109 31.39 14.23 1.12
CA THR J 109 30.10 13.59 0.78
C THR J 109 28.97 14.48 1.18
N LYS J 110 29.27 15.54 1.93
CA LYS J 110 28.30 16.49 2.46
C LYS J 110 27.40 15.92 3.54
N CYS J 111 27.73 14.75 4.08
CA CYS J 111 26.82 14.07 5.02
C CYS J 111 26.81 14.81 6.38
N ILE J 112 27.91 15.44 6.73
CA ILE J 112 28.00 16.11 7.99
C ILE J 112 27.13 17.37 7.97
N MET J 113 27.30 18.23 6.95
CA MET J 113 26.47 19.43 6.86
C MET J 113 24.99 19.09 6.70
N LYS J 114 24.67 17.99 6.00
CA LYS J 114 23.29 17.55 5.92
C LYS J 114 22.76 17.27 7.29
N SER J 115 23.51 16.56 8.08
CA SER J 115 22.99 16.17 9.38
C SER J 115 22.88 17.36 10.38
N TYR J 116 23.70 18.44 10.23
CA TYR J 116 23.62 19.62 11.07
C TYR J 116 22.59 20.59 10.50
N GLY J 117 22.00 20.22 9.37
CA GLY J 117 20.94 21.03 8.75
C GLY J 117 21.40 22.33 8.15
N VAL J 118 22.63 22.39 7.62
CA VAL J 118 23.14 23.65 7.12
C VAL J 118 23.58 23.56 5.70
N LEU J 119 23.16 22.52 4.99
CA LEU J 119 23.41 22.43 3.55
C LEU J 119 22.53 23.39 2.79
N LYS J 120 23.11 24.16 1.90
CA LYS J 120 22.33 24.90 0.94
C LYS J 120 22.25 24.06 -0.33
N GLU J 121 21.14 23.32 -0.46
CA GLU J 121 20.99 22.26 -1.47
C GLU J 121 21.26 22.74 -2.90
N GLU J 122 20.76 23.92 -3.27
CA GLU J 122 20.92 24.43 -4.63
C GLU J 122 22.39 24.63 -5.02
N ASP J 123 23.25 24.99 -4.06
CA ASP J 123 24.66 25.30 -4.36
C ASP J 123 25.67 24.23 -3.95
N GLY J 124 25.28 23.31 -3.08
CA GLY J 124 26.18 22.28 -2.60
C GLY J 124 27.13 22.74 -1.53
N VAL J 125 26.83 23.83 -0.84
CA VAL J 125 27.76 24.35 0.16
C VAL J 125 27.07 24.55 1.47
N ALA J 126 27.86 24.71 2.52
CA ALA J 126 27.31 24.93 3.84
C ALA J 126 27.05 26.40 4.08
N TYR J 127 25.94 26.68 4.75
CA TYR J 127 25.72 27.98 5.37
C TYR J 127 26.68 28.19 6.53
N ARG J 128 26.69 29.38 7.10
CA ARG J 128 27.60 29.69 8.21
C ARG J 128 27.02 29.19 9.49
N GLY J 129 27.01 27.89 9.66
CA GLY J 129 26.46 27.29 10.87
C GLY J 129 27.51 27.15 11.94
N LEU J 130 27.15 27.47 13.18
CA LEU J 130 28.04 27.24 14.29
C LEU J 130 27.30 26.55 15.39
N PHE J 131 27.90 25.52 15.97
CA PHE J 131 27.22 24.70 16.97
C PHE J 131 28.07 24.56 18.22
N ILE J 132 27.45 24.63 19.39
CA ILE J 132 28.15 24.41 20.63
C ILE J 132 27.69 23.09 21.23
N ILE J 133 28.65 22.18 21.35
CA ILE J 133 28.43 20.84 21.87
C ILE J 133 29.12 20.67 23.21
N ASP J 134 28.42 20.10 24.20
CA ASP J 134 28.92 20.00 25.55
C ASP J 134 29.71 18.70 25.78
N PRO J 135 30.32 18.54 26.97
CA PRO J 135 31.12 17.32 27.20
C PRO J 135 30.41 15.99 27.13
N LYS J 136 29.11 15.97 27.40
CA LYS J 136 28.35 14.76 27.19
C LYS J 136 27.95 14.59 25.73
N GLN J 137 28.37 15.52 24.87
CA GLN J 137 28.14 15.47 23.40
C GLN J 137 26.70 15.80 22.98
N ASN J 138 26.00 16.56 23.81
CA ASN J 138 24.70 17.08 23.46
C ASN J 138 24.83 18.48 22.91
N LEU J 139 23.92 18.81 22.00
CA LEU J 139 23.95 20.08 21.34
C LEU J 139 23.27 21.11 22.22
N ARG J 140 23.91 22.25 22.43
CA ARG J 140 23.33 23.25 23.30
C ARG J 140 23.08 24.61 22.68
N GLN J 141 23.62 24.89 21.50
CA GLN J 141 23.43 26.20 20.90
C GLN J 141 23.58 26.05 19.41
N ILE J 142 22.66 26.67 18.67
CA ILE J 142 22.69 26.67 17.21
C ILE J 142 22.75 28.09 16.70
N THR J 143 23.62 28.36 15.76
CA THR J 143 23.71 29.65 15.11
C THR J 143 23.88 29.41 13.61
N VAL J 144 23.04 29.97 12.75
CA VAL J 144 23.28 29.88 11.29
C VAL J 144 23.14 31.22 10.59
N ASN J 145 24.20 31.72 9.98
CA ASN J 145 24.13 32.98 9.20
C ASN J 145 24.04 32.70 7.69
N ASP J 146 23.29 33.52 6.95
CA ASP J 146 23.37 33.53 5.50
C ASP J 146 24.82 33.84 5.12
N LEU J 147 25.20 33.51 3.89
CA LEU J 147 26.60 33.58 3.49
C LEU J 147 27.31 34.92 3.57
N PRO J 148 26.59 36.00 3.31
CA PRO J 148 27.41 37.24 3.21
C PRO J 148 27.77 37.92 4.55
N VAL J 149 27.29 37.39 5.66
CA VAL J 149 27.57 37.99 6.96
C VAL J 149 28.32 37.05 7.86
N GLY J 150 29.50 37.47 8.26
CA GLY J 150 30.35 36.69 9.16
C GLY J 150 29.84 36.65 10.58
N ARG J 151 30.32 35.65 11.29
CA ARG J 151 29.99 35.45 12.68
C ARG J 151 30.93 36.26 13.57
N ASP J 152 30.65 36.28 14.88
CA ASP J 152 31.48 36.97 15.83
C ASP J 152 32.10 35.96 16.82
N VAL J 153 33.44 35.95 16.85
CA VAL J 153 34.18 35.08 17.75
C VAL J 153 34.01 35.42 19.20
N ASP J 154 33.90 36.69 19.52
CA ASP J 154 33.67 37.07 20.94
C ASP J 154 32.34 36.54 21.46
N GLU J 155 31.33 36.48 20.59
CA GLU J 155 30.03 35.98 21.01
C GLU J 155 30.03 34.46 21.19
N ALA J 156 30.78 33.76 20.36
CA ALA J 156 30.94 32.32 20.57
C ALA J 156 31.55 32.02 21.93
N LEU J 157 32.57 32.78 22.25
CA LEU J 157 33.29 32.66 23.50
C LEU J 157 32.39 32.97 24.71
N ARG J 158 31.59 34.03 24.58
CA ARG J 158 30.65 34.41 25.60
C ARG J 158 29.69 33.25 25.86
N LEU J 159 29.17 32.66 24.79
CA LEU J 159 28.24 31.57 24.94
C LEU J 159 28.85 30.34 25.61
N VAL J 160 30.05 29.96 25.18
CA VAL J 160 30.69 28.83 25.79
C VAL J 160 30.87 29.11 27.31
N LYS J 161 31.35 30.32 27.64
CA LYS J 161 31.55 30.66 29.06
C LYS J 161 30.26 30.61 29.86
N ALA J 162 29.19 31.13 29.26
CA ALA J 162 27.88 31.12 29.90
C ALA J 162 27.41 29.70 30.16
N PHE J 163 27.61 28.82 29.20
CA PHE J 163 27.16 27.44 29.37
C PHE J 163 27.97 26.73 30.41
N GLN J 164 29.27 26.98 30.43
CA GLN J 164 30.13 26.43 31.48
C GLN J 164 29.73 26.91 32.86
N PHE J 165 29.43 28.20 32.95
CA PHE J 165 28.99 28.79 34.17
C PHE J 165 27.71 28.12 34.68
N VAL J 166 26.77 27.90 33.77
CA VAL J 166 25.50 27.31 34.17
C VAL J 166 25.67 25.89 34.69
N GLU J 167 26.50 25.08 34.02
CA GLU J 167 26.77 23.72 34.45
C GLU J 167 27.48 23.67 35.83
N LYS J 168 28.40 24.58 36.04
CA LYS J 168 29.15 24.59 37.27
C LYS J 168 28.30 25.01 38.48
N HIS J 169 27.50 26.08 38.34
CA HIS J 169 26.83 26.67 39.50
C HIS J 169 25.32 26.47 39.66
N GLY J 170 24.66 25.82 38.69
CA GLY J 170 23.18 25.70 38.69
C GLY J 170 22.38 27.01 38.64
N GLU J 171 23.02 28.09 38.21
CA GLU J 171 22.35 29.35 38.05
C GLU J 171 22.09 29.58 36.58
N VAL J 172 21.44 30.68 36.28
CA VAL J 172 20.95 30.95 34.96
C VAL J 172 21.52 32.29 34.50
N CYS J 173 21.88 32.42 33.23
CA CYS J 173 22.62 33.62 32.72
C CYS J 173 21.71 34.60 31.98
N PRO J 174 21.53 35.82 32.52
CA PRO J 174 20.67 36.84 31.88
C PRO J 174 21.12 37.33 30.50
N ALA J 175 20.26 38.10 29.87
CA ALA J 175 20.59 38.79 28.62
C ALA J 175 21.89 39.53 28.76
N ASN J 176 22.74 39.43 27.74
CA ASN J 176 24.03 40.16 27.65
C ASN J 176 25.09 39.75 28.69
N TRP J 177 24.86 38.65 29.42
CA TRP J 177 25.76 38.23 30.49
C TRP J 177 27.22 38.15 30.00
N LYS J 178 28.13 38.72 30.78
CA LYS J 178 29.58 38.56 30.55
C LYS J 178 30.13 38.04 31.86
N PRO J 179 31.28 37.35 31.84
CA PRO J 179 31.87 36.90 33.13
C PRO J 179 31.92 38.05 34.17
N GLY J 180 31.50 37.77 35.40
CA GLY J 180 31.44 38.79 36.43
C GLY J 180 30.10 39.50 36.60
N ASP J 181 29.16 39.37 35.66
CA ASP J 181 27.81 39.95 35.84
C ASP J 181 26.97 39.11 36.80
N LYS J 182 25.90 39.71 37.30
CA LYS J 182 24.96 39.05 38.21
C LYS J 182 24.23 37.94 37.46
N THR J 183 24.01 36.84 38.14
CA THR J 183 23.18 35.75 37.66
C THR J 183 22.08 35.48 38.71
N MET J 184 21.19 34.53 38.46
CA MET J 184 20.11 34.26 39.38
C MET J 184 19.76 32.79 39.42
N LYS J 185 19.23 32.36 40.55
CA LYS J 185 18.73 31.02 40.69
C LYS J 185 17.33 30.97 40.05
N PRO J 186 17.07 29.94 39.22
CA PRO J 186 15.76 29.82 38.52
C PRO J 186 14.66 29.28 39.42
N ASP J 187 14.29 30.09 40.41
CA ASP J 187 13.36 29.73 41.48
C ASP J 187 12.53 31.01 41.76
N PRO J 188 11.21 30.87 41.89
CA PRO J 188 10.38 32.09 42.05
C PRO J 188 10.79 32.98 43.23
N GLU J 189 11.07 32.34 44.38
CA GLU J 189 11.50 33.04 45.59
C GLU J 189 12.94 33.59 45.52
N LYS J 190 13.91 32.73 45.25
CA LYS J 190 15.31 33.13 45.21
C LYS J 190 15.66 34.12 44.10
N SER J 191 14.86 34.17 43.04
CA SER J 191 15.10 35.13 41.95
C SER J 191 14.80 36.59 42.34
N LYS J 192 14.05 36.81 43.42
CA LYS J 192 13.70 38.16 43.89
C LYS J 192 14.95 39.00 44.18
N GLU J 193 15.96 38.36 44.74
CA GLU J 193 17.27 39.00 45.00
C GLU J 193 17.86 39.64 43.76
N TYR J 194 17.76 38.98 42.61
CA TYR J 194 18.23 39.56 41.34
C TYR J 194 17.38 40.80 40.95
N PHE J 195 16.07 40.65 41.01
CA PHE J 195 15.18 41.70 40.50
C PHE J 195 15.14 43.01 41.34
N GLY J 196 15.31 42.97 42.67
CA GLY J 196 15.50 44.21 43.49
C GLY J 196 16.92 44.77 43.40
N ALA J 197 17.12 45.99 42.90
CA ALA J 197 18.47 46.68 43.03
C ALA J 197 19.59 45.95 42.31
#